data_1N7T
#
_entry.id   1N7T
#
loop_
_entity.id
_entity.type
_entity.pdbx_description
1 polymer '99-mer peptide of densin-180-like protein'
2 polymer 'phage-derived peptide'
#
loop_
_entity_poly.entity_id
_entity_poly.type
_entity_poly.pdbx_seq_one_letter_code
_entity_poly.pdbx_strand_id
1 'polypeptide(L)'
;GSHMGHELAKQEIRVRVEKDPELGFSISGGVGGRGNPFRPDDDGIFVTRVQPEGPASKLLQPGDKIIQANGYSFINIEHG
QAVSLLKTFQNTVELIIVREVSS
;
A
2 'polypeptide(L)' TGWETWV B
#
# COMPACT_ATOMS: atom_id res chain seq x y z
N GLY A 1 -6.63 24.57 -8.19
CA GLY A 1 -7.29 25.12 -9.41
C GLY A 1 -8.05 24.06 -10.18
N SER A 2 -7.39 22.95 -10.47
CA SER A 2 -8.01 21.85 -11.20
C SER A 2 -7.28 20.53 -10.95
N HIS A 3 -7.75 19.46 -11.57
CA HIS A 3 -7.14 18.15 -11.41
C HIS A 3 -5.86 18.05 -12.22
N MET A 4 -4.81 17.52 -11.60
CA MET A 4 -3.52 17.36 -12.27
C MET A 4 -3.49 16.09 -13.11
N GLY A 5 -2.53 16.01 -14.03
CA GLY A 5 -2.41 14.84 -14.88
C GLY A 5 -1.01 14.69 -15.45
N HIS A 6 -0.71 15.47 -16.48
CA HIS A 6 0.60 15.42 -17.12
C HIS A 6 1.57 16.40 -16.45
N GLU A 7 1.80 16.20 -15.16
CA GLU A 7 2.70 17.05 -14.40
C GLU A 7 3.02 16.44 -13.03
N LEU A 8 3.87 17.12 -12.28
CA LEU A 8 4.26 16.63 -10.96
C LEU A 8 3.12 16.81 -9.95
N ALA A 9 2.44 15.71 -9.62
CA ALA A 9 1.33 15.76 -8.68
C ALA A 9 0.87 14.35 -8.30
N LYS A 10 -0.25 14.28 -7.59
CA LYS A 10 -0.80 13.00 -7.15
C LYS A 10 -1.23 12.14 -8.35
N GLN A 11 -0.42 11.13 -8.66
CA GLN A 11 -0.72 10.24 -9.78
C GLN A 11 -1.37 8.94 -9.30
N GLU A 12 -1.90 8.15 -10.23
CA GLU A 12 -2.55 6.89 -9.90
C GLU A 12 -2.06 5.76 -10.80
N ILE A 13 -1.07 5.01 -10.32
CA ILE A 13 -0.50 3.90 -11.08
C ILE A 13 -0.80 2.54 -10.45
N ARG A 14 -0.70 1.49 -11.25
CA ARG A 14 -0.95 0.12 -10.79
C ARG A 14 0.32 -0.72 -10.84
N VAL A 15 0.38 -1.76 -10.02
CA VAL A 15 1.54 -2.64 -9.98
C VAL A 15 1.11 -4.11 -9.91
N ARG A 16 1.88 -4.97 -10.58
CA ARG A 16 1.60 -6.40 -10.60
C ARG A 16 2.63 -7.17 -9.76
N VAL A 17 2.20 -7.64 -8.60
CA VAL A 17 3.09 -8.38 -7.70
C VAL A 17 2.68 -9.86 -7.64
N GLU A 18 3.51 -10.72 -8.21
CA GLU A 18 3.23 -12.16 -8.22
C GLU A 18 3.80 -12.83 -6.97
N LYS A 19 2.97 -13.59 -6.28
CA LYS A 19 3.38 -14.28 -5.07
C LYS A 19 4.14 -15.56 -5.40
N ASP A 20 5.42 -15.59 -5.04
CA ASP A 20 6.25 -16.75 -5.31
C ASP A 20 7.57 -16.66 -4.52
N PRO A 21 7.63 -17.16 -3.25
CA PRO A 21 6.52 -17.83 -2.54
C PRO A 21 5.52 -16.84 -1.94
N GLU A 22 5.96 -15.62 -1.68
CA GLU A 22 5.09 -14.59 -1.11
C GLU A 22 5.25 -13.25 -1.82
N LEU A 23 4.54 -12.23 -1.32
CA LEU A 23 4.60 -10.89 -1.90
C LEU A 23 6.01 -10.31 -1.78
N GLY A 24 6.51 -10.18 -0.55
CA GLY A 24 7.84 -9.66 -0.33
C GLY A 24 7.85 -8.24 0.24
N PHE A 25 6.83 -7.90 1.02
CA PHE A 25 6.76 -6.56 1.63
C PHE A 25 5.78 -6.55 2.80
N SER A 26 5.99 -5.60 3.71
CA SER A 26 5.12 -5.47 4.89
C SER A 26 4.23 -4.24 4.80
N ILE A 27 3.08 -4.30 5.47
CA ILE A 27 2.13 -3.19 5.47
C ILE A 27 1.90 -2.69 6.89
N SER A 28 1.63 -1.40 7.04
CA SER A 28 1.38 -0.81 8.35
C SER A 28 0.25 0.20 8.30
N GLY A 29 -0.23 0.61 9.48
CA GLY A 29 -1.31 1.56 9.55
C GLY A 29 -2.66 0.89 9.71
N GLY A 30 -3.69 1.50 9.13
CA GLY A 30 -5.03 0.95 9.22
C GLY A 30 -5.89 1.66 10.24
N VAL A 31 -7.21 1.63 10.04
CA VAL A 31 -8.14 2.28 10.95
C VAL A 31 -8.38 1.41 12.19
N GLY A 32 -7.66 1.72 13.27
CA GLY A 32 -7.80 0.97 14.50
C GLY A 32 -6.72 -0.10 14.70
N GLY A 33 -5.82 -0.26 13.74
CA GLY A 33 -4.76 -1.27 13.86
C GLY A 33 -3.62 -0.81 14.75
N ARG A 34 -2.45 -1.40 14.54
CA ARG A 34 -1.27 -1.08 15.33
C ARG A 34 -0.88 0.39 15.16
N GLY A 35 -1.18 0.96 13.99
CA GLY A 35 -0.85 2.35 13.72
C GLY A 35 0.29 2.49 12.73
N ASN A 36 0.32 3.62 12.02
CA ASN A 36 1.38 3.89 11.03
C ASN A 36 2.27 5.04 11.49
N PRO A 37 3.62 4.88 11.48
CA PRO A 37 4.54 5.92 11.90
C PRO A 37 5.02 6.81 10.76
N PHE A 38 4.15 7.05 9.79
CA PHE A 38 4.49 7.89 8.63
C PHE A 38 3.63 9.15 8.61
N ARG A 39 2.31 8.99 8.75
CA ARG A 39 1.38 10.12 8.75
C ARG A 39 0.67 10.24 10.10
N PRO A 40 0.49 11.47 10.62
CA PRO A 40 -0.18 11.68 11.92
C PRO A 40 -1.70 11.69 11.81
N ASP A 41 -2.21 12.39 10.81
CA ASP A 41 -3.66 12.49 10.60
C ASP A 41 -4.20 11.42 9.65
N ASP A 42 -3.32 10.64 9.00
CA ASP A 42 -3.76 9.59 8.08
C ASP A 42 -3.51 8.21 8.67
N ASP A 43 -4.58 7.42 8.77
CA ASP A 43 -4.49 6.07 9.33
C ASP A 43 -4.70 5.01 8.25
N GLY A 44 -4.22 5.31 7.05
CA GLY A 44 -4.36 4.37 5.94
C GLY A 44 -3.33 3.25 5.99
N ILE A 45 -3.07 2.62 4.85
CA ILE A 45 -2.11 1.52 4.77
C ILE A 45 -0.86 1.98 4.01
N PHE A 46 0.32 1.71 4.59
CA PHE A 46 1.58 2.11 3.96
C PHE A 46 2.57 0.95 3.91
N VAL A 47 3.38 0.91 2.85
CA VAL A 47 4.38 -0.14 2.69
C VAL A 47 5.72 0.28 3.32
N THR A 48 5.76 0.25 4.65
CA THR A 48 6.93 0.64 5.46
C THR A 48 8.29 0.31 4.81
N ARG A 49 8.52 -0.96 4.45
CA ARG A 49 9.79 -1.35 3.84
C ARG A 49 9.68 -2.66 3.07
N VAL A 50 10.75 -2.99 2.33
CA VAL A 50 10.81 -4.22 1.54
C VAL A 50 12.05 -5.03 1.91
N GLN A 51 11.94 -6.36 1.85
CA GLN A 51 13.06 -7.23 2.18
C GLN A 51 13.73 -7.80 0.92
N PRO A 52 13.04 -8.69 0.16
CA PRO A 52 13.62 -9.26 -1.06
C PRO A 52 13.52 -8.30 -2.25
N GLU A 53 14.66 -7.93 -2.80
CA GLU A 53 14.70 -7.00 -3.94
C GLU A 53 14.39 -7.75 -5.23
N GLY A 54 13.16 -8.24 -5.34
CA GLY A 54 12.73 -8.96 -6.53
C GLY A 54 11.28 -8.68 -6.91
N PRO A 55 10.29 -9.23 -6.15
CA PRO A 55 8.87 -9.01 -6.47
C PRO A 55 8.48 -7.53 -6.43
N ALA A 56 8.45 -6.96 -5.23
CA ALA A 56 8.07 -5.55 -5.07
C ALA A 56 9.30 -4.65 -4.94
N SER A 57 10.31 -4.91 -5.78
CA SER A 57 11.53 -4.12 -5.76
C SER A 57 11.39 -2.89 -6.65
N LYS A 58 11.12 -3.14 -7.93
CA LYS A 58 10.93 -2.06 -8.89
C LYS A 58 9.46 -1.63 -9.01
N LEU A 59 8.54 -2.31 -8.31
CA LEU A 59 7.12 -1.96 -8.38
C LEU A 59 6.73 -0.97 -7.29
N LEU A 60 6.74 -1.42 -6.04
CA LEU A 60 6.36 -0.57 -4.91
C LEU A 60 7.59 0.01 -4.22
N GLN A 61 7.44 1.24 -3.71
CA GLN A 61 8.52 1.94 -3.01
C GLN A 61 8.18 2.10 -1.52
N PRO A 62 9.18 2.16 -0.62
CA PRO A 62 8.93 2.30 0.82
C PRO A 62 8.26 3.64 1.17
N GLY A 63 7.17 3.56 1.92
CA GLY A 63 6.46 4.76 2.32
C GLY A 63 5.33 5.15 1.38
N ASP A 64 4.87 4.20 0.56
CA ASP A 64 3.78 4.47 -0.38
C ASP A 64 2.43 4.11 0.23
N LYS A 65 1.38 4.80 -0.20
CA LYS A 65 0.04 4.56 0.31
C LYS A 65 -0.77 3.70 -0.66
N ILE A 66 -1.39 2.63 -0.13
CA ILE A 66 -2.20 1.74 -0.95
C ILE A 66 -3.65 2.22 -0.99
N ILE A 67 -4.13 2.57 -2.18
CA ILE A 67 -5.50 3.06 -2.34
C ILE A 67 -6.48 1.93 -2.62
N GLN A 68 -6.10 1.01 -3.50
CA GLN A 68 -6.99 -0.10 -3.86
C GLN A 68 -6.20 -1.37 -4.13
N ALA A 69 -6.83 -2.52 -3.88
CA ALA A 69 -6.20 -3.81 -4.09
C ALA A 69 -7.17 -4.82 -4.73
N ASN A 70 -6.82 -5.30 -5.92
CA ASN A 70 -7.63 -6.29 -6.65
C ASN A 70 -9.12 -5.94 -6.70
N GLY A 71 -9.43 -4.65 -6.66
CA GLY A 71 -10.82 -4.21 -6.70
C GLY A 71 -11.38 -3.82 -5.34
N TYR A 72 -10.74 -4.29 -4.27
CA TYR A 72 -11.20 -3.97 -2.92
C TYR A 72 -10.55 -2.67 -2.43
N SER A 73 -11.38 -1.73 -2.00
CA SER A 73 -10.89 -0.45 -1.50
C SER A 73 -10.23 -0.62 -0.13
N PHE A 74 -9.13 0.11 0.09
CA PHE A 74 -8.41 0.03 1.35
C PHE A 74 -8.53 1.32 2.17
N ILE A 75 -9.55 2.14 1.90
CA ILE A 75 -9.74 3.40 2.62
C ILE A 75 -10.77 3.23 3.75
N ASN A 76 -10.46 3.82 4.91
CA ASN A 76 -11.33 3.77 6.08
C ASN A 76 -11.49 2.35 6.65
N ILE A 77 -10.68 1.40 6.19
CA ILE A 77 -10.79 0.00 6.64
C ILE A 77 -9.87 -0.32 7.82
N GLU A 78 -10.16 -1.43 8.49
CA GLU A 78 -9.38 -1.89 9.63
C GLU A 78 -8.17 -2.67 9.13
N HIS A 79 -7.04 -2.54 9.83
CA HIS A 79 -5.79 -3.23 9.44
C HIS A 79 -6.00 -4.73 9.24
N GLY A 80 -6.60 -5.39 10.22
CA GLY A 80 -6.84 -6.83 10.13
C GLY A 80 -7.59 -7.23 8.87
N GLN A 81 -8.41 -6.32 8.35
CA GLN A 81 -9.18 -6.58 7.15
C GLN A 81 -8.27 -6.48 5.91
N ALA A 82 -7.34 -5.53 5.95
CA ALA A 82 -6.41 -5.33 4.85
C ALA A 82 -5.45 -6.52 4.71
N VAL A 83 -4.86 -6.93 5.83
CA VAL A 83 -3.92 -8.05 5.83
C VAL A 83 -4.59 -9.34 5.37
N SER A 84 -5.80 -9.59 5.86
CA SER A 84 -6.54 -10.80 5.51
C SER A 84 -6.82 -10.85 4.00
N LEU A 85 -7.11 -9.71 3.41
CA LEU A 85 -7.40 -9.63 1.98
C LEU A 85 -6.16 -9.94 1.15
N LEU A 86 -5.03 -9.34 1.52
CA LEU A 86 -3.78 -9.54 0.81
C LEU A 86 -3.29 -10.99 0.87
N LYS A 87 -3.49 -11.64 2.00
CA LYS A 87 -3.05 -13.01 2.19
C LYS A 87 -3.89 -14.01 1.39
N THR A 88 -5.19 -13.78 1.30
CA THR A 88 -6.08 -14.70 0.59
C THR A 88 -5.90 -14.65 -0.93
N PHE A 89 -5.44 -13.52 -1.47
CA PHE A 89 -5.26 -13.37 -2.92
C PHE A 89 -4.48 -14.54 -3.55
N GLN A 90 -4.82 -14.85 -4.79
CA GLN A 90 -4.18 -15.94 -5.54
C GLN A 90 -2.69 -15.64 -5.80
N ASN A 91 -2.15 -15.93 -7.00
CA ASN A 91 -0.73 -15.69 -7.29
C ASN A 91 -0.45 -14.24 -7.64
N THR A 92 -0.91 -13.80 -8.82
CA THR A 92 -0.68 -12.44 -9.27
C THR A 92 -1.57 -11.45 -8.51
N VAL A 93 -0.94 -10.49 -7.83
CA VAL A 93 -1.66 -9.49 -7.06
C VAL A 93 -1.51 -8.10 -7.68
N GLU A 94 -2.60 -7.57 -8.21
CA GLU A 94 -2.59 -6.25 -8.83
C GLU A 94 -2.99 -5.19 -7.80
N LEU A 95 -2.15 -4.17 -7.64
CA LEU A 95 -2.42 -3.11 -6.67
C LEU A 95 -2.27 -1.72 -7.29
N ILE A 96 -2.87 -0.73 -6.64
CA ILE A 96 -2.80 0.66 -7.09
C ILE A 96 -2.15 1.52 -6.01
N ILE A 97 -1.15 2.30 -6.40
CA ILE A 97 -0.43 3.16 -5.46
C ILE A 97 -0.42 4.62 -5.91
N VAL A 98 -0.07 5.51 -4.99
CA VAL A 98 -0.02 6.94 -5.27
C VAL A 98 1.13 7.63 -4.52
N ARG A 99 1.66 8.69 -5.13
CA ARG A 99 2.74 9.46 -4.54
C ARG A 99 2.23 10.87 -4.23
N GLU A 100 2.21 11.24 -2.94
CA GLU A 100 1.72 12.55 -2.53
C GLU A 100 2.59 13.67 -3.09
N VAL A 101 2.08 14.89 -3.00
CA VAL A 101 2.79 16.07 -3.49
C VAL A 101 2.42 17.31 -2.69
N SER A 102 3.36 17.78 -1.87
CA SER A 102 3.14 18.96 -1.04
C SER A 102 4.44 19.72 -0.81
N SER A 103 4.54 20.90 -1.42
CA SER A 103 5.74 21.72 -1.27
C SER A 103 5.52 22.81 -0.21
N THR B 1 7.43 -2.91 20.40
CA THR B 1 6.19 -2.21 19.98
C THR B 1 5.37 -3.07 19.02
N GLY B 2 5.94 -3.35 17.85
CA GLY B 2 5.24 -4.15 16.86
C GLY B 2 4.19 -3.38 16.10
N TRP B 3 4.23 -3.47 14.77
CA TRP B 3 3.27 -2.77 13.93
C TRP B 3 3.36 -3.24 12.48
N GLU B 4 4.59 -3.41 11.99
CA GLU B 4 4.80 -3.86 10.61
C GLU B 4 4.44 -5.33 10.46
N THR B 5 3.64 -5.64 9.44
CA THR B 5 3.21 -7.00 9.17
C THR B 5 3.62 -7.43 7.76
N TRP B 6 4.43 -8.48 7.67
CA TRP B 6 4.89 -8.98 6.39
C TRP B 6 3.87 -9.93 5.78
N VAL B 7 3.29 -9.52 4.65
CA VAL B 7 2.29 -10.34 3.96
C VAL B 7 2.95 -11.26 2.94
N GLY A 1 -8.06 33.34 -11.81
CA GLY A 1 -9.31 32.55 -11.68
C GLY A 1 -9.36 31.38 -12.64
N SER A 2 -8.90 30.22 -12.20
CA SER A 2 -8.90 29.02 -13.04
C SER A 2 -8.74 27.76 -12.20
N HIS A 3 -7.78 27.79 -11.28
CA HIS A 3 -7.52 26.66 -10.41
C HIS A 3 -8.64 26.47 -9.38
N MET A 4 -9.43 25.42 -9.57
CA MET A 4 -10.54 25.13 -8.66
C MET A 4 -10.19 23.99 -7.72
N GLY A 5 -9.65 22.91 -8.29
CA GLY A 5 -9.28 21.75 -7.50
C GLY A 5 -8.65 20.66 -8.34
N HIS A 6 -9.18 20.46 -9.54
CA HIS A 6 -8.67 19.43 -10.44
C HIS A 6 -7.44 19.94 -11.19
N GLU A 7 -6.26 19.57 -10.71
CA GLU A 7 -5.01 19.99 -11.34
C GLU A 7 -3.98 18.87 -11.31
N LEU A 8 -2.94 19.02 -12.13
CA LEU A 8 -1.88 18.02 -12.21
C LEU A 8 -0.87 18.21 -11.07
N ALA A 9 -1.17 17.60 -9.92
CA ALA A 9 -0.30 17.69 -8.75
C ALA A 9 -0.28 16.38 -7.98
N LYS A 10 -0.18 15.27 -8.70
CA LYS A 10 -0.16 13.95 -8.08
C LYS A 10 0.11 12.87 -9.15
N GLN A 11 0.15 11.61 -8.72
CA GLN A 11 0.40 10.51 -9.64
C GLN A 11 -0.30 9.23 -9.18
N GLU A 12 -0.89 8.51 -10.13
CA GLU A 12 -1.59 7.25 -9.84
C GLU A 12 -1.08 6.12 -10.73
N ILE A 13 -0.37 5.17 -10.12
CA ILE A 13 0.16 4.01 -10.86
C ILE A 13 -0.25 2.68 -10.24
N ARG A 14 -0.25 1.64 -11.08
CA ARG A 14 -0.63 0.30 -10.65
C ARG A 14 0.54 -0.68 -10.77
N VAL A 15 0.55 -1.73 -9.94
CA VAL A 15 1.63 -2.73 -9.96
C VAL A 15 1.10 -4.12 -9.63
N ARG A 16 1.71 -5.14 -10.23
CA ARG A 16 1.30 -6.54 -10.00
C ARG A 16 2.38 -7.32 -9.26
N VAL A 17 1.97 -8.02 -8.19
CA VAL A 17 2.90 -8.81 -7.38
C VAL A 17 2.54 -10.30 -7.46
N GLU A 18 3.48 -11.11 -7.94
CA GLU A 18 3.26 -12.56 -8.08
C GLU A 18 3.75 -13.33 -6.86
N LYS A 19 2.84 -14.03 -6.19
CA LYS A 19 3.18 -14.82 -5.01
C LYS A 19 4.11 -15.98 -5.39
N ASP A 20 5.35 -15.92 -4.90
CA ASP A 20 6.33 -16.97 -5.18
C ASP A 20 7.64 -16.73 -4.42
N PRO A 21 7.75 -17.14 -3.13
CA PRO A 21 6.70 -17.85 -2.36
C PRO A 21 5.67 -16.88 -1.76
N GLU A 22 6.07 -15.63 -1.54
CA GLU A 22 5.18 -14.64 -0.95
C GLU A 22 5.31 -13.29 -1.65
N LEU A 23 4.56 -12.29 -1.18
CA LEU A 23 4.58 -10.95 -1.75
C LEU A 23 5.98 -10.34 -1.67
N GLY A 24 6.48 -10.20 -0.45
CA GLY A 24 7.81 -9.62 -0.25
C GLY A 24 7.79 -8.19 0.26
N PHE A 25 6.71 -7.81 0.95
CA PHE A 25 6.60 -6.46 1.50
C PHE A 25 5.66 -6.42 2.69
N SER A 26 5.99 -5.58 3.68
CA SER A 26 5.18 -5.46 4.89
C SER A 26 4.25 -4.25 4.81
N ILE A 27 3.11 -4.35 5.51
CA ILE A 27 2.13 -3.26 5.53
C ILE A 27 1.86 -2.81 6.96
N SER A 28 1.46 -1.55 7.10
CA SER A 28 1.18 -0.99 8.43
C SER A 28 0.06 0.05 8.35
N GLY A 29 -0.54 0.36 9.49
CA GLY A 29 -1.61 1.35 9.53
C GLY A 29 -2.99 0.73 9.74
N GLY A 30 -4.00 1.39 9.19
CA GLY A 30 -5.36 0.91 9.33
C GLY A 30 -6.16 1.69 10.34
N VAL A 31 -7.49 1.71 10.20
CA VAL A 31 -8.34 2.44 11.11
C VAL A 31 -8.54 1.66 12.41
N GLY A 32 -7.96 2.18 13.49
CA GLY A 32 -8.08 1.52 14.77
C GLY A 32 -6.98 0.49 15.05
N GLY A 33 -6.01 0.36 14.13
CA GLY A 33 -4.93 -0.60 14.31
C GLY A 33 -3.81 -0.07 15.19
N ARG A 34 -2.59 -0.49 14.89
CA ARG A 34 -1.42 -0.06 15.68
C ARG A 34 -0.91 1.33 15.26
N GLY A 35 -1.50 1.93 14.22
CA GLY A 35 -1.06 3.26 13.78
C GLY A 35 0.08 3.20 12.79
N ASN A 36 0.29 4.32 12.09
CA ASN A 36 1.38 4.40 11.09
C ASN A 36 2.53 5.26 11.62
N PRO A 37 3.80 4.82 11.46
CA PRO A 37 4.95 5.59 11.93
C PRO A 37 5.54 6.50 10.84
N PHE A 38 4.70 6.91 9.89
CA PHE A 38 5.12 7.79 8.80
C PHE A 38 4.26 9.04 8.74
N ARG A 39 2.94 8.86 8.83
CA ARG A 39 1.99 9.96 8.79
C ARG A 39 1.22 10.07 10.11
N PRO A 40 0.78 11.28 10.51
CA PRO A 40 0.05 11.47 11.77
C PRO A 40 -1.47 11.37 11.63
N ASP A 41 -2.06 12.21 10.79
CA ASP A 41 -3.51 12.22 10.62
C ASP A 41 -4.01 11.17 9.61
N ASP A 42 -3.11 10.47 8.91
CA ASP A 42 -3.51 9.46 7.94
C ASP A 42 -3.36 8.05 8.52
N ASP A 43 -4.48 7.35 8.64
CA ASP A 43 -4.47 5.99 9.19
C ASP A 43 -4.69 4.95 8.10
N GLY A 44 -4.16 5.22 6.91
CA GLY A 44 -4.31 4.29 5.79
C GLY A 44 -3.29 3.16 5.86
N ILE A 45 -3.07 2.48 4.73
CA ILE A 45 -2.10 1.39 4.68
C ILE A 45 -0.86 1.82 3.91
N PHE A 46 0.32 1.57 4.47
CA PHE A 46 1.58 1.95 3.83
C PHE A 46 2.57 0.78 3.80
N VAL A 47 3.40 0.74 2.75
CA VAL A 47 4.39 -0.32 2.60
C VAL A 47 5.73 0.08 3.22
N THR A 48 5.79 0.03 4.57
CA THR A 48 6.98 0.40 5.35
C THR A 48 8.33 0.07 4.68
N ARG A 49 8.51 -1.18 4.25
CA ARG A 49 9.78 -1.58 3.62
C ARG A 49 9.64 -2.85 2.78
N VAL A 50 10.73 -3.23 2.12
CA VAL A 50 10.76 -4.42 1.27
C VAL A 50 11.98 -5.29 1.61
N GLN A 51 11.84 -6.60 1.45
CA GLN A 51 12.94 -7.53 1.75
C GLN A 51 13.61 -8.01 0.46
N PRO A 52 12.93 -8.83 -0.40
CA PRO A 52 13.53 -9.31 -1.64
C PRO A 52 13.49 -8.25 -2.75
N GLU A 53 14.68 -7.89 -3.25
CA GLU A 53 14.77 -6.88 -4.31
C GLU A 53 14.40 -7.48 -5.67
N GLY A 54 13.13 -7.87 -5.81
CA GLY A 54 12.67 -8.46 -7.07
C GLY A 54 11.15 -8.36 -7.25
N PRO A 55 10.33 -9.08 -6.43
CA PRO A 55 8.87 -9.05 -6.57
C PRO A 55 8.27 -7.64 -6.45
N ALA A 56 8.18 -7.12 -5.23
CA ALA A 56 7.62 -5.79 -5.00
C ALA A 56 8.69 -4.80 -4.53
N SER A 57 9.80 -4.76 -5.26
CA SER A 57 10.90 -3.86 -4.93
C SER A 57 10.95 -2.73 -5.95
N LYS A 58 11.28 -3.08 -7.19
CA LYS A 58 11.34 -2.10 -8.27
C LYS A 58 9.95 -1.53 -8.60
N LEU A 59 8.88 -2.14 -8.10
CA LEU A 59 7.52 -1.67 -8.37
C LEU A 59 7.03 -0.71 -7.29
N LEU A 60 6.99 -1.19 -6.05
CA LEU A 60 6.53 -0.38 -4.93
C LEU A 60 7.69 0.32 -4.24
N GLN A 61 7.41 1.49 -3.67
CA GLN A 61 8.43 2.28 -2.94
C GLN A 61 8.03 2.41 -1.47
N PRO A 62 9.00 2.39 -0.52
CA PRO A 62 8.70 2.49 0.92
C PRO A 62 7.96 3.77 1.30
N GLY A 63 6.90 3.60 2.10
CA GLY A 63 6.12 4.74 2.55
C GLY A 63 5.00 5.13 1.60
N ASP A 64 4.57 4.20 0.76
CA ASP A 64 3.50 4.47 -0.20
C ASP A 64 2.12 4.28 0.44
N LYS A 65 1.07 4.29 -0.38
CA LYS A 65 -0.29 4.10 0.13
C LYS A 65 -1.13 3.26 -0.83
N ILE A 66 -1.72 2.20 -0.29
CA ILE A 66 -2.57 1.31 -1.07
C ILE A 66 -4.02 1.79 -1.05
N ILE A 67 -4.55 2.13 -2.22
CA ILE A 67 -5.92 2.63 -2.32
C ILE A 67 -6.90 1.57 -2.82
N GLN A 68 -6.42 0.65 -3.67
CA GLN A 68 -7.29 -0.41 -4.20
C GLN A 68 -6.52 -1.70 -4.48
N ALA A 69 -7.19 -2.83 -4.24
CA ALA A 69 -6.56 -4.13 -4.46
C ALA A 69 -7.58 -5.17 -4.94
N ASN A 70 -7.31 -5.75 -6.12
CA ASN A 70 -8.18 -6.79 -6.71
C ASN A 70 -9.68 -6.46 -6.64
N GLY A 71 -10.03 -5.20 -6.90
CA GLY A 71 -11.43 -4.79 -6.87
C GLY A 71 -11.90 -4.32 -5.49
N TYR A 72 -11.16 -4.67 -4.44
CA TYR A 72 -11.52 -4.27 -3.08
C TYR A 72 -10.69 -3.07 -2.64
N SER A 73 -11.36 -1.99 -2.26
CA SER A 73 -10.68 -0.77 -1.82
C SER A 73 -10.05 -0.96 -0.45
N PHE A 74 -8.97 -0.22 -0.19
CA PHE A 74 -8.26 -0.28 1.08
C PHE A 74 -8.40 1.04 1.88
N ILE A 75 -9.39 1.86 1.55
CA ILE A 75 -9.61 3.13 2.24
C ILE A 75 -10.67 2.98 3.33
N ASN A 76 -10.36 3.50 4.52
CA ASN A 76 -11.28 3.43 5.65
C ASN A 76 -11.57 1.98 6.02
N ILE A 77 -10.53 1.26 6.43
CA ILE A 77 -10.67 -0.15 6.81
C ILE A 77 -9.74 -0.51 7.97
N GLU A 78 -10.02 -1.65 8.59
CA GLU A 78 -9.23 -2.14 9.71
C GLU A 78 -7.97 -2.85 9.21
N HIS A 79 -6.88 -2.72 9.95
CA HIS A 79 -5.59 -3.35 9.58
C HIS A 79 -5.75 -4.84 9.28
N GLY A 80 -6.34 -5.58 10.22
CA GLY A 80 -6.55 -7.01 10.04
C GLY A 80 -7.30 -7.34 8.75
N GLN A 81 -8.10 -6.40 8.28
CA GLN A 81 -8.87 -6.59 7.05
C GLN A 81 -7.95 -6.49 5.83
N ALA A 82 -7.01 -5.55 5.89
CA ALA A 82 -6.08 -5.34 4.80
C ALA A 82 -5.07 -6.47 4.68
N VAL A 83 -4.62 -7.00 5.82
CA VAL A 83 -3.65 -8.11 5.82
C VAL A 83 -4.29 -9.40 5.32
N SER A 84 -5.50 -9.68 5.79
CA SER A 84 -6.22 -10.89 5.40
C SER A 84 -6.49 -10.90 3.89
N LEU A 85 -6.78 -9.73 3.34
CA LEU A 85 -7.08 -9.61 1.91
C LEU A 85 -5.85 -9.92 1.06
N LEU A 86 -4.71 -9.36 1.43
CA LEU A 86 -3.48 -9.58 0.67
C LEU A 86 -3.01 -11.03 0.75
N LYS A 87 -3.18 -11.64 1.92
CA LYS A 87 -2.75 -13.03 2.12
C LYS A 87 -3.63 -14.03 1.38
N THR A 88 -4.95 -13.79 1.37
CA THR A 88 -5.89 -14.70 0.73
C THR A 88 -5.84 -14.64 -0.81
N PHE A 89 -5.45 -13.49 -1.37
CA PHE A 89 -5.40 -13.32 -2.84
C PHE A 89 -4.67 -14.47 -3.55
N GLN A 90 -4.73 -14.45 -4.88
CA GLN A 90 -4.10 -15.49 -5.71
C GLN A 90 -2.59 -15.18 -5.94
N ASN A 91 -2.04 -15.48 -7.13
CA ASN A 91 -0.63 -15.23 -7.41
C ASN A 91 -0.37 -13.75 -7.69
N THR A 92 -0.84 -13.26 -8.83
CA THR A 92 -0.64 -11.86 -9.19
C THR A 92 -1.65 -10.96 -8.47
N VAL A 93 -1.14 -9.96 -7.77
CA VAL A 93 -1.98 -9.03 -7.03
C VAL A 93 -1.89 -7.63 -7.64
N GLU A 94 -3.00 -7.16 -8.19
CA GLU A 94 -3.04 -5.83 -8.80
C GLU A 94 -3.38 -4.79 -7.75
N LEU A 95 -2.41 -3.92 -7.45
CA LEU A 95 -2.59 -2.88 -6.44
C LEU A 95 -2.55 -1.48 -7.04
N ILE A 96 -3.23 -0.56 -6.38
CA ILE A 96 -3.26 0.84 -6.80
C ILE A 96 -2.52 1.68 -5.76
N ILE A 97 -1.51 2.43 -6.20
CA ILE A 97 -0.74 3.27 -5.29
C ILE A 97 -0.68 4.71 -5.77
N VAL A 98 -0.40 5.62 -4.84
CA VAL A 98 -0.33 7.05 -5.16
C VAL A 98 0.76 7.73 -4.34
N ARG A 99 1.33 8.79 -4.91
CA ARG A 99 2.37 9.57 -4.25
C ARG A 99 1.83 10.95 -3.92
N GLU A 100 1.75 11.27 -2.62
CA GLU A 100 1.23 12.56 -2.19
C GLU A 100 2.15 13.71 -2.58
N VAL A 101 1.54 14.84 -2.93
CA VAL A 101 2.29 16.04 -3.33
C VAL A 101 1.53 17.30 -2.92
N SER A 102 1.98 17.93 -1.84
CA SER A 102 1.35 19.15 -1.34
C SER A 102 2.35 20.04 -0.62
N SER A 103 1.96 21.29 -0.39
CA SER A 103 2.82 22.24 0.30
C SER A 103 2.45 22.36 1.77
N THR B 1 6.11 -8.13 20.03
CA THR B 1 5.20 -8.01 18.86
C THR B 1 5.55 -6.80 18.00
N GLY B 2 5.72 -7.02 16.70
CA GLY B 2 6.06 -5.93 15.79
C GLY B 2 4.82 -5.22 15.26
N TRP B 3 4.95 -3.91 15.03
CA TRP B 3 3.83 -3.12 14.51
C TRP B 3 3.59 -3.40 13.03
N GLU B 4 4.67 -3.73 12.31
CA GLU B 4 4.56 -4.02 10.89
C GLU B 4 4.14 -5.47 10.66
N THR B 5 3.71 -5.78 9.45
CA THR B 5 3.28 -7.14 9.12
C THR B 5 3.75 -7.54 7.72
N TRP B 6 4.63 -8.52 7.66
CA TRP B 6 5.16 -9.00 6.38
C TRP B 6 4.17 -9.97 5.73
N VAL B 7 3.48 -9.50 4.70
CA VAL B 7 2.51 -10.33 3.99
C VAL B 7 3.19 -11.21 2.94
N GLY A 1 16.20 17.38 -1.09
CA GLY A 1 17.32 16.58 -1.64
C GLY A 1 17.14 16.26 -3.11
N SER A 2 15.96 15.72 -3.45
CA SER A 2 15.67 15.37 -4.83
C SER A 2 15.12 16.56 -5.59
N HIS A 3 14.91 16.38 -6.90
CA HIS A 3 14.39 17.45 -7.75
C HIS A 3 12.87 17.42 -7.80
N MET A 4 12.24 18.51 -7.39
CA MET A 4 10.79 18.61 -7.38
C MET A 4 10.34 19.98 -7.89
N GLY A 5 10.13 20.09 -9.21
CA GLY A 5 9.70 21.34 -9.80
C GLY A 5 9.13 21.17 -11.20
N HIS A 6 8.49 20.03 -11.43
CA HIS A 6 7.89 19.75 -12.74
C HIS A 6 6.38 19.92 -12.69
N GLU A 7 5.75 20.03 -13.85
CA GLU A 7 4.31 20.20 -13.95
C GLU A 7 3.61 18.85 -13.95
N LEU A 8 3.09 18.43 -12.80
CA LEU A 8 2.40 17.16 -12.68
C LEU A 8 1.50 17.13 -11.45
N ALA A 9 0.39 16.38 -11.55
CA ALA A 9 -0.56 16.27 -10.46
C ALA A 9 -0.39 14.93 -9.73
N LYS A 10 -1.43 14.47 -9.01
CA LYS A 10 -1.38 13.20 -8.26
C LYS A 10 -0.92 12.04 -9.16
N GLN A 11 0.14 11.36 -8.73
CA GLN A 11 0.70 10.26 -9.51
C GLN A 11 0.05 8.92 -9.18
N GLU A 12 -0.94 8.55 -9.98
CA GLU A 12 -1.65 7.28 -9.83
C GLU A 12 -1.03 6.23 -10.75
N ILE A 13 -0.63 5.09 -10.20
CA ILE A 13 0.00 4.04 -11.00
C ILE A 13 -0.33 2.63 -10.51
N ARG A 14 -0.17 1.65 -11.40
CA ARG A 14 -0.45 0.25 -11.08
C ARG A 14 0.83 -0.55 -10.88
N VAL A 15 0.72 -1.63 -10.09
CA VAL A 15 1.87 -2.51 -9.83
C VAL A 15 1.41 -3.95 -9.65
N ARG A 16 2.10 -4.87 -10.33
CA ARG A 16 1.75 -6.29 -10.26
C ARG A 16 2.78 -7.08 -9.44
N VAL A 17 2.33 -7.71 -8.36
CA VAL A 17 3.20 -8.49 -7.49
C VAL A 17 2.76 -9.95 -7.44
N GLU A 18 3.65 -10.85 -7.87
CA GLU A 18 3.36 -12.28 -7.87
C GLU A 18 3.92 -12.95 -6.63
N LYS A 19 3.10 -13.77 -5.97
CA LYS A 19 3.51 -14.45 -4.75
C LYS A 19 4.34 -15.69 -5.07
N ASP A 20 5.55 -15.73 -4.52
CA ASP A 20 6.44 -16.86 -4.72
C ASP A 20 7.72 -16.71 -3.86
N PRO A 21 7.70 -17.16 -2.58
CA PRO A 21 6.55 -17.80 -1.90
C PRO A 21 5.51 -16.79 -1.38
N GLU A 22 5.90 -15.52 -1.25
CA GLU A 22 4.99 -14.49 -0.75
C GLU A 22 5.09 -13.20 -1.57
N LEU A 23 4.34 -12.18 -1.16
CA LEU A 23 4.33 -10.90 -1.86
C LEU A 23 5.74 -10.28 -1.89
N GLY A 24 6.27 -9.97 -0.71
CA GLY A 24 7.61 -9.38 -0.64
C GLY A 24 7.61 -7.96 -0.11
N PHE A 25 6.64 -7.62 0.74
CA PHE A 25 6.56 -6.27 1.31
C PHE A 25 5.63 -6.24 2.52
N SER A 26 5.93 -5.36 3.47
CA SER A 26 5.12 -5.23 4.69
C SER A 26 4.21 -4.00 4.61
N ILE A 27 3.12 -4.04 5.35
CA ILE A 27 2.16 -2.94 5.38
C ILE A 27 1.92 -2.47 6.81
N SER A 28 1.55 -1.20 6.97
CA SER A 28 1.29 -0.64 8.28
C SER A 28 0.12 0.34 8.24
N GLY A 29 -0.38 0.69 9.43
CA GLY A 29 -1.50 1.62 9.52
C GLY A 29 -2.82 0.92 9.69
N GLY A 30 -3.87 1.49 9.10
CA GLY A 30 -5.20 0.91 9.19
C GLY A 30 -6.07 1.66 10.18
N VAL A 31 -7.39 1.62 9.96
CA VAL A 31 -8.33 2.29 10.83
C VAL A 31 -8.61 1.45 12.08
N GLY A 32 -7.93 1.79 13.17
CA GLY A 32 -8.11 1.06 14.42
C GLY A 32 -7.03 0.01 14.68
N GLY A 33 -6.08 -0.17 13.74
CA GLY A 33 -5.02 -1.15 13.93
C GLY A 33 -3.89 -0.64 14.80
N ARG A 34 -2.69 -1.15 14.55
CA ARG A 34 -1.51 -0.73 15.32
C ARG A 34 -0.82 0.52 14.73
N GLY A 35 -1.49 1.20 13.79
CA GLY A 35 -0.93 2.42 13.20
C GLY A 35 0.50 2.27 12.68
N ASN A 36 1.09 3.40 12.27
CA ASN A 36 2.44 3.42 11.74
C ASN A 36 3.18 4.68 12.20
N PRO A 37 4.54 4.71 12.13
CA PRO A 37 5.32 5.87 12.56
C PRO A 37 5.63 6.85 11.43
N PHE A 38 4.79 6.85 10.39
CA PHE A 38 4.99 7.75 9.25
C PHE A 38 4.04 8.94 9.30
N ARG A 39 2.77 8.66 9.60
CA ARG A 39 1.75 9.71 9.69
C ARG A 39 1.07 9.69 11.06
N PRO A 40 0.84 10.87 11.70
CA PRO A 40 0.22 10.91 13.02
C PRO A 40 -1.32 10.91 12.96
N ASP A 41 -1.89 11.74 12.09
CA ASP A 41 -3.34 11.83 11.95
C ASP A 41 -3.88 10.97 10.78
N ASP A 42 -2.99 10.46 9.91
CA ASP A 42 -3.41 9.63 8.78
C ASP A 42 -3.40 8.16 9.17
N ASP A 43 -4.55 7.50 9.06
CA ASP A 43 -4.67 6.08 9.40
C ASP A 43 -4.91 5.21 8.16
N GLY A 44 -4.10 5.43 7.12
CA GLY A 44 -4.22 4.66 5.90
C GLY A 44 -3.26 3.48 5.89
N ILE A 45 -3.01 2.90 4.72
CA ILE A 45 -2.09 1.76 4.60
C ILE A 45 -0.84 2.16 3.82
N PHE A 46 0.34 1.95 4.42
CA PHE A 46 1.60 2.31 3.77
C PHE A 46 2.55 1.11 3.75
N VAL A 47 3.36 1.02 2.69
CA VAL A 47 4.32 -0.08 2.54
C VAL A 47 5.68 0.28 3.15
N THR A 48 5.74 0.25 4.49
CA THR A 48 6.96 0.61 5.26
C THR A 48 8.30 0.27 4.57
N ARG A 49 8.50 -1.00 4.17
CA ARG A 49 9.75 -1.39 3.52
C ARG A 49 9.62 -2.69 2.72
N VAL A 50 10.69 -3.04 2.01
CA VAL A 50 10.73 -4.25 1.19
C VAL A 50 11.92 -5.12 1.59
N GLN A 51 11.75 -6.45 1.51
CA GLN A 51 12.83 -7.38 1.88
C GLN A 51 13.50 -7.97 0.63
N PRO A 52 12.83 -8.86 -0.15
CA PRO A 52 13.42 -9.43 -1.36
C PRO A 52 13.31 -8.52 -2.57
N GLU A 53 14.45 -8.15 -3.15
CA GLU A 53 14.47 -7.27 -4.31
C GLU A 53 14.16 -8.05 -5.59
N GLY A 54 12.92 -8.54 -5.68
CA GLY A 54 12.50 -9.31 -6.84
C GLY A 54 11.05 -9.03 -7.25
N PRO A 55 10.04 -9.48 -6.47
CA PRO A 55 8.64 -9.26 -6.82
C PRO A 55 8.24 -7.78 -6.84
N ALA A 56 8.41 -7.09 -5.71
CA ALA A 56 8.06 -5.68 -5.61
C ALA A 56 9.27 -4.80 -5.29
N SER A 57 10.35 -5.01 -6.04
CA SER A 57 11.57 -4.25 -5.84
C SER A 57 11.48 -2.87 -6.49
N LYS A 58 11.25 -2.86 -7.81
CA LYS A 58 11.14 -1.61 -8.55
C LYS A 58 9.68 -1.20 -8.78
N LEU A 59 8.72 -1.88 -8.13
CA LEU A 59 7.30 -1.55 -8.30
C LEU A 59 6.84 -0.54 -7.24
N LEU A 60 6.86 -0.98 -5.98
CA LEU A 60 6.43 -0.12 -4.88
C LEU A 60 7.62 0.55 -4.20
N GLN A 61 7.39 1.77 -3.70
CA GLN A 61 8.44 2.52 -2.99
C GLN A 61 8.06 2.68 -1.51
N PRO A 62 9.02 2.55 -0.57
CA PRO A 62 8.73 2.67 0.87
C PRO A 62 7.99 3.95 1.24
N GLY A 63 6.97 3.80 2.09
CA GLY A 63 6.19 4.94 2.53
C GLY A 63 5.11 5.35 1.54
N ASP A 64 4.67 4.40 0.71
CA ASP A 64 3.63 4.68 -0.28
C ASP A 64 2.24 4.53 0.33
N LYS A 65 1.21 4.56 -0.51
CA LYS A 65 -0.17 4.43 -0.06
C LYS A 65 -0.98 3.55 -1.01
N ILE A 66 -1.55 2.47 -0.48
CA ILE A 66 -2.36 1.56 -1.29
C ILE A 66 -3.82 2.00 -1.31
N ILE A 67 -4.35 2.25 -2.50
CA ILE A 67 -5.73 2.70 -2.66
C ILE A 67 -6.71 1.56 -2.93
N GLN A 68 -6.34 0.64 -3.82
CA GLN A 68 -7.22 -0.48 -4.17
C GLN A 68 -6.43 -1.75 -4.47
N ALA A 69 -7.06 -2.89 -4.20
CA ALA A 69 -6.45 -4.19 -4.44
C ALA A 69 -7.45 -5.15 -5.07
N ASN A 70 -7.13 -5.64 -6.28
CA ASN A 70 -7.98 -6.60 -7.01
C ASN A 70 -9.48 -6.28 -6.94
N GLY A 71 -9.81 -4.99 -6.88
CA GLY A 71 -11.20 -4.58 -6.81
C GLY A 71 -11.70 -4.28 -5.40
N TYR A 72 -10.81 -4.34 -4.40
CA TYR A 72 -11.21 -4.06 -3.02
C TYR A 72 -10.61 -2.74 -2.53
N SER A 73 -11.45 -1.83 -2.08
CA SER A 73 -11.00 -0.53 -1.59
C SER A 73 -10.29 -0.68 -0.25
N PHE A 74 -9.20 0.05 -0.06
CA PHE A 74 -8.44 -0.02 1.19
C PHE A 74 -8.56 1.27 2.01
N ILE A 75 -9.61 2.06 1.78
CA ILE A 75 -9.81 3.31 2.51
C ILE A 75 -10.83 3.13 3.63
N ASN A 76 -10.54 3.75 4.78
CA ASN A 76 -11.42 3.66 5.96
C ASN A 76 -11.54 2.23 6.52
N ILE A 77 -10.69 1.31 6.05
CA ILE A 77 -10.76 -0.08 6.50
C ILE A 77 -9.84 -0.37 7.68
N GLU A 78 -10.17 -1.44 8.41
CA GLU A 78 -9.39 -1.86 9.57
C GLU A 78 -8.17 -2.68 9.12
N HIS A 79 -7.07 -2.57 9.89
CA HIS A 79 -5.82 -3.29 9.58
C HIS A 79 -6.04 -4.77 9.24
N GLY A 80 -6.78 -5.48 10.09
CA GLY A 80 -7.05 -6.89 9.86
C GLY A 80 -7.72 -7.15 8.52
N GLN A 81 -8.45 -6.16 8.00
CA GLN A 81 -9.14 -6.29 6.72
C GLN A 81 -8.15 -6.17 5.56
N ALA A 82 -7.23 -5.22 5.66
CA ALA A 82 -6.23 -5.00 4.63
C ALA A 82 -5.24 -6.16 4.54
N VAL A 83 -4.84 -6.68 5.69
CA VAL A 83 -3.90 -7.79 5.73
C VAL A 83 -4.56 -9.09 5.27
N SER A 84 -5.78 -9.32 5.73
CA SER A 84 -6.53 -10.53 5.37
C SER A 84 -6.75 -10.61 3.87
N LEU A 85 -7.05 -9.47 3.25
CA LEU A 85 -7.30 -9.42 1.81
C LEU A 85 -6.03 -9.71 1.03
N LEU A 86 -4.92 -9.11 1.46
CA LEU A 86 -3.64 -9.28 0.79
C LEU A 86 -3.13 -10.71 0.90
N LYS A 87 -3.33 -11.33 2.06
CA LYS A 87 -2.86 -12.69 2.29
C LYS A 87 -3.70 -13.72 1.54
N THR A 88 -5.02 -13.52 1.48
CA THR A 88 -5.91 -14.47 0.82
C THR A 88 -5.72 -14.47 -0.70
N PHE A 89 -5.25 -13.36 -1.26
CA PHE A 89 -5.05 -13.25 -2.72
C PHE A 89 -4.19 -14.41 -3.26
N GLN A 90 -4.58 -14.92 -4.43
CA GLN A 90 -3.90 -16.06 -5.07
C GLN A 90 -2.42 -15.72 -5.43
N ASN A 91 -1.95 -16.00 -6.66
CA ASN A 91 -0.54 -15.74 -7.01
C ASN A 91 -0.29 -14.29 -7.40
N THR A 92 -0.76 -13.89 -8.59
CA THR A 92 -0.56 -12.53 -9.06
C THR A 92 -1.48 -11.55 -8.32
N VAL A 93 -0.87 -10.54 -7.70
CA VAL A 93 -1.61 -9.53 -6.96
C VAL A 93 -1.59 -8.19 -7.67
N GLU A 94 -2.76 -7.73 -8.10
CA GLU A 94 -2.88 -6.46 -8.80
C GLU A 94 -3.31 -5.36 -7.83
N LEU A 95 -2.37 -4.50 -7.45
CA LEU A 95 -2.65 -3.42 -6.51
C LEU A 95 -2.57 -2.05 -7.18
N ILE A 96 -3.24 -1.07 -6.55
CA ILE A 96 -3.24 0.30 -7.04
C ILE A 96 -2.61 1.22 -5.99
N ILE A 97 -1.66 2.05 -6.41
CA ILE A 97 -0.98 2.96 -5.49
C ILE A 97 -0.94 4.39 -6.03
N VAL A 98 -0.59 5.34 -5.17
CA VAL A 98 -0.52 6.74 -5.57
C VAL A 98 0.57 7.48 -4.79
N ARG A 99 1.13 8.52 -5.41
CA ARG A 99 2.17 9.33 -4.77
C ARG A 99 1.66 10.74 -4.56
N GLU A 100 1.84 11.26 -3.35
CA GLU A 100 1.39 12.60 -3.00
C GLU A 100 2.12 13.68 -3.79
N VAL A 101 1.38 14.37 -4.66
CA VAL A 101 1.94 15.45 -5.47
C VAL A 101 1.19 16.76 -5.21
N SER A 102 1.93 17.80 -4.83
CA SER A 102 1.31 19.09 -4.54
C SER A 102 2.19 20.23 -5.03
N SER A 103 1.56 21.22 -5.66
CA SER A 103 2.27 22.38 -6.18
C SER A 103 2.16 23.56 -5.22
N THR B 1 7.15 -5.78 20.32
CA THR B 1 6.68 -4.40 19.97
C THR B 1 6.74 -4.17 18.46
N GLY B 2 6.10 -5.08 17.70
CA GLY B 2 6.09 -4.96 16.25
C GLY B 2 4.90 -4.17 15.75
N TRP B 3 5.18 -3.07 15.04
CA TRP B 3 4.12 -2.22 14.50
C TRP B 3 3.84 -2.49 13.02
N GLU B 4 4.76 -3.17 12.32
CA GLU B 4 4.57 -3.46 10.90
C GLU B 4 4.06 -4.89 10.70
N THR B 5 3.72 -5.22 9.45
CA THR B 5 3.22 -6.56 9.13
C THR B 5 3.70 -7.00 7.75
N TRP B 6 4.45 -8.09 7.71
CA TRP B 6 4.97 -8.61 6.45
C TRP B 6 3.96 -9.59 5.83
N VAL B 7 3.28 -9.15 4.77
CA VAL B 7 2.31 -10.00 4.09
C VAL B 7 2.99 -10.96 3.12
N GLY A 1 -15.80 25.17 1.09
CA GLY A 1 -15.94 26.55 1.61
C GLY A 1 -15.66 27.61 0.55
N SER A 2 -14.39 27.90 0.32
CA SER A 2 -13.98 28.88 -0.67
C SER A 2 -13.71 28.23 -2.02
N HIS A 3 -13.31 29.02 -3.00
CA HIS A 3 -13.01 28.50 -4.33
C HIS A 3 -11.72 27.69 -4.31
N MET A 4 -11.83 26.40 -4.60
CA MET A 4 -10.68 25.51 -4.60
C MET A 4 -9.65 25.95 -5.64
N GLY A 5 -8.42 25.45 -5.50
CA GLY A 5 -7.36 25.80 -6.43
C GLY A 5 -6.07 25.07 -6.14
N HIS A 6 -6.18 23.76 -5.89
CA HIS A 6 -5.00 22.93 -5.60
C HIS A 6 -4.43 22.34 -6.88
N GLU A 7 -3.10 22.45 -7.03
CA GLU A 7 -2.42 21.91 -8.21
C GLU A 7 -1.50 20.75 -7.83
N LEU A 8 -2.11 19.65 -7.40
CA LEU A 8 -1.36 18.46 -6.99
C LEU A 8 -1.15 17.53 -8.19
N ALA A 9 0.06 17.02 -8.34
CA ALA A 9 0.39 16.13 -9.44
C ALA A 9 0.43 14.66 -8.98
N LYS A 10 -0.60 14.25 -8.25
CA LYS A 10 -0.69 12.88 -7.75
C LYS A 10 -0.82 11.89 -8.91
N GLN A 11 0.21 11.06 -9.09
CA GLN A 11 0.23 10.07 -10.16
C GLN A 11 -0.39 8.73 -9.73
N GLU A 12 -1.54 8.39 -10.31
CA GLU A 12 -2.24 7.15 -9.99
C GLU A 12 -1.74 6.00 -10.87
N ILE A 13 -0.83 5.19 -10.33
CA ILE A 13 -0.25 4.06 -11.07
C ILE A 13 -0.60 2.71 -10.45
N ARG A 14 -0.51 1.65 -11.27
CA ARG A 14 -0.82 0.29 -10.85
C ARG A 14 0.41 -0.62 -10.90
N VAL A 15 0.39 -1.70 -10.11
CA VAL A 15 1.50 -2.65 -10.07
C VAL A 15 1.01 -4.06 -9.74
N ARG A 16 1.61 -5.08 -10.37
CA ARG A 16 1.23 -6.47 -10.11
C ARG A 16 2.32 -7.22 -9.35
N VAL A 17 1.92 -7.93 -8.30
CA VAL A 17 2.87 -8.70 -7.48
C VAL A 17 2.61 -10.20 -7.58
N GLU A 18 3.61 -10.94 -8.05
CA GLU A 18 3.49 -12.38 -8.20
C GLU A 18 3.93 -13.10 -6.93
N LYS A 19 2.97 -13.72 -6.25
CA LYS A 19 3.24 -14.46 -5.02
C LYS A 19 4.13 -15.68 -5.29
N ASP A 20 5.32 -15.68 -4.72
CA ASP A 20 6.25 -16.79 -4.90
C ASP A 20 7.52 -16.60 -4.04
N PRO A 21 7.50 -17.02 -2.73
CA PRO A 21 6.37 -17.65 -2.04
C PRO A 21 5.36 -16.64 -1.48
N GLU A 22 5.81 -15.40 -1.26
CA GLU A 22 4.94 -14.36 -0.71
C GLU A 22 5.05 -13.07 -1.53
N LEU A 23 4.33 -12.04 -1.10
CA LEU A 23 4.35 -10.75 -1.78
C LEU A 23 5.75 -10.14 -1.75
N GLY A 24 6.26 -9.93 -0.53
CA GLY A 24 7.59 -9.37 -0.37
C GLY A 24 7.58 -7.95 0.18
N PHE A 25 6.55 -7.60 0.93
CA PHE A 25 6.45 -6.27 1.52
C PHE A 25 5.49 -6.24 2.70
N SER A 26 5.86 -5.51 3.75
CA SER A 26 5.04 -5.41 4.94
C SER A 26 4.12 -4.18 4.88
N ILE A 27 2.99 -4.24 5.57
CA ILE A 27 2.05 -3.13 5.59
C ILE A 27 1.79 -2.65 7.02
N SER A 28 1.44 -1.38 7.16
CA SER A 28 1.16 -0.81 8.47
C SER A 28 0.06 0.25 8.38
N GLY A 29 -0.55 0.55 9.53
CA GLY A 29 -1.60 1.55 9.58
C GLY A 29 -2.98 0.95 9.73
N GLY A 30 -3.97 1.60 9.11
CA GLY A 30 -5.35 1.12 9.20
C GLY A 30 -6.14 1.87 10.24
N VAL A 31 -7.48 1.86 10.11
CA VAL A 31 -8.34 2.56 11.05
C VAL A 31 -8.52 1.75 12.33
N GLY A 32 -7.92 2.24 13.42
CA GLY A 32 -8.01 1.55 14.69
C GLY A 32 -6.93 0.48 14.90
N GLY A 33 -5.99 0.36 13.95
CA GLY A 33 -4.94 -0.64 14.07
C GLY A 33 -3.78 -0.17 14.92
N ARG A 34 -2.61 -0.74 14.68
CA ARG A 34 -1.40 -0.39 15.44
C ARG A 34 -0.80 0.97 15.02
N GLY A 35 -1.39 1.63 14.01
CA GLY A 35 -0.87 2.92 13.58
C GLY A 35 0.26 2.80 12.57
N ASN A 36 1.15 3.79 12.56
CA ASN A 36 2.28 3.80 11.65
C ASN A 36 3.23 4.97 11.96
N PRO A 37 4.57 4.78 11.85
CA PRO A 37 5.53 5.84 12.15
C PRO A 37 5.89 6.69 10.93
N PHE A 38 4.90 7.01 10.10
CA PHE A 38 5.12 7.83 8.91
C PHE A 38 4.18 9.04 8.90
N ARG A 39 2.88 8.78 9.04
CA ARG A 39 1.88 9.85 9.05
C ARG A 39 1.17 9.92 10.41
N PRO A 40 0.96 11.12 10.98
CA PRO A 40 0.29 11.26 12.28
C PRO A 40 -1.23 11.29 12.18
N ASP A 41 -1.76 12.08 11.25
CA ASP A 41 -3.20 12.20 11.07
C ASP A 41 -3.75 11.23 10.02
N ASP A 42 -2.88 10.55 9.26
CA ASP A 42 -3.34 9.62 8.23
C ASP A 42 -3.25 8.18 8.74
N ASP A 43 -4.38 7.48 8.75
CA ASP A 43 -4.44 6.10 9.23
C ASP A 43 -4.69 5.10 8.10
N GLY A 44 -4.06 5.35 6.95
CA GLY A 44 -4.21 4.45 5.81
C GLY A 44 -3.22 3.30 5.83
N ILE A 45 -2.97 2.70 4.68
CA ILE A 45 -2.02 1.58 4.59
C ILE A 45 -0.75 2.01 3.85
N PHE A 46 0.40 1.83 4.47
CA PHE A 46 1.69 2.20 3.86
C PHE A 46 2.65 1.01 3.89
N VAL A 47 3.55 0.96 2.91
CA VAL A 47 4.52 -0.14 2.82
C VAL A 47 5.86 0.26 3.44
N THR A 48 5.93 0.22 4.78
CA THR A 48 7.14 0.59 5.56
C THR A 48 8.48 0.21 4.88
N ARG A 49 8.65 -1.05 4.49
CA ARG A 49 9.89 -1.48 3.84
C ARG A 49 9.71 -2.80 3.07
N VAL A 50 10.66 -3.10 2.19
CA VAL A 50 10.61 -4.31 1.38
C VAL A 50 11.77 -5.24 1.75
N GLN A 51 11.55 -6.56 1.69
CA GLN A 51 12.59 -7.52 2.03
C GLN A 51 13.31 -8.04 0.77
N PRO A 52 12.67 -8.85 -0.10
CA PRO A 52 13.31 -9.35 -1.32
C PRO A 52 13.25 -8.35 -2.46
N GLU A 53 14.41 -7.94 -2.96
CA GLU A 53 14.47 -6.98 -4.06
C GLU A 53 14.19 -7.68 -5.40
N GLY A 54 12.95 -8.16 -5.54
CA GLY A 54 12.56 -8.83 -6.76
C GLY A 54 11.08 -8.64 -7.11
N PRO A 55 10.14 -9.24 -6.34
CA PRO A 55 8.70 -9.10 -6.62
C PRO A 55 8.22 -7.65 -6.55
N ALA A 56 8.33 -7.04 -5.37
CA ALA A 56 7.88 -5.66 -5.17
C ALA A 56 9.09 -4.73 -4.95
N SER A 57 10.11 -4.90 -5.77
CA SER A 57 11.31 -4.07 -5.68
C SER A 57 11.11 -2.74 -6.38
N LYS A 58 10.82 -2.79 -7.67
CA LYS A 58 10.62 -1.58 -8.45
C LYS A 58 9.13 -1.16 -8.53
N LEU A 59 8.24 -1.86 -7.81
CA LEU A 59 6.81 -1.53 -7.85
C LEU A 59 6.44 -0.55 -6.74
N LEU A 60 6.41 -1.04 -5.50
CA LEU A 60 6.07 -0.19 -4.35
C LEU A 60 7.32 0.35 -3.68
N GLN A 61 7.27 1.59 -3.21
CA GLN A 61 8.40 2.22 -2.52
C GLN A 61 8.06 2.52 -1.05
N PRO A 62 9.07 2.57 -0.14
CA PRO A 62 8.83 2.81 1.29
C PRO A 62 8.05 4.09 1.57
N GLY A 63 6.93 3.93 2.29
CA GLY A 63 6.11 5.08 2.65
C GLY A 63 4.99 5.38 1.66
N ASP A 64 4.67 4.44 0.78
CA ASP A 64 3.61 4.64 -0.21
C ASP A 64 2.23 4.43 0.41
N LYS A 65 1.20 4.43 -0.44
CA LYS A 65 -0.18 4.24 0.02
C LYS A 65 -0.97 3.39 -0.97
N ILE A 66 -1.57 2.31 -0.47
CA ILE A 66 -2.37 1.41 -1.30
C ILE A 66 -3.85 1.85 -1.29
N ILE A 67 -4.40 2.10 -2.48
CA ILE A 67 -5.78 2.56 -2.61
C ILE A 67 -6.75 1.39 -2.85
N GLN A 68 -6.38 0.48 -3.75
CA GLN A 68 -7.24 -0.65 -4.09
C GLN A 68 -6.43 -1.89 -4.47
N ALA A 69 -6.99 -3.07 -4.21
CA ALA A 69 -6.32 -4.33 -4.52
C ALA A 69 -7.30 -5.33 -5.14
N ASN A 70 -6.95 -5.82 -6.34
CA ASN A 70 -7.76 -6.83 -7.06
C ASN A 70 -9.28 -6.54 -7.01
N GLY A 71 -9.64 -5.26 -7.03
CA GLY A 71 -11.05 -4.89 -7.01
C GLY A 71 -11.55 -4.48 -5.62
N TYR A 72 -10.80 -4.82 -4.56
CA TYR A 72 -11.21 -4.47 -3.20
C TYR A 72 -10.59 -3.14 -2.78
N SER A 73 -11.45 -2.20 -2.40
CA SER A 73 -10.99 -0.88 -1.96
C SER A 73 -10.30 -0.96 -0.59
N PHE A 74 -9.12 -0.37 -0.50
CA PHE A 74 -8.36 -0.37 0.75
C PHE A 74 -8.44 0.97 1.49
N ILE A 75 -9.40 1.83 1.11
CA ILE A 75 -9.54 3.13 1.76
C ILE A 75 -10.47 3.03 2.97
N ASN A 76 -9.98 3.43 4.14
CA ASN A 76 -10.77 3.38 5.37
C ASN A 76 -11.13 1.94 5.72
N ILE A 77 -10.14 1.18 6.21
CA ILE A 77 -10.36 -0.20 6.59
C ILE A 77 -9.50 -0.57 7.80
N GLU A 78 -9.85 -1.67 8.46
CA GLU A 78 -9.12 -2.12 9.63
C GLU A 78 -7.85 -2.88 9.25
N HIS A 79 -6.86 -2.86 10.14
CA HIS A 79 -5.58 -3.53 9.90
C HIS A 79 -5.76 -5.00 9.52
N GLY A 80 -6.46 -5.76 10.38
CA GLY A 80 -6.68 -7.18 10.11
C GLY A 80 -7.35 -7.44 8.77
N GLN A 81 -8.12 -6.47 8.28
CA GLN A 81 -8.81 -6.61 7.01
C GLN A 81 -7.83 -6.53 5.85
N ALA A 82 -6.87 -5.61 5.95
CA ALA A 82 -5.87 -5.42 4.90
C ALA A 82 -4.99 -6.66 4.75
N VAL A 83 -4.60 -7.25 5.88
CA VAL A 83 -3.74 -8.43 5.87
C VAL A 83 -4.49 -9.65 5.35
N SER A 84 -5.74 -9.81 5.78
CA SER A 84 -6.57 -10.93 5.38
C SER A 84 -6.77 -10.96 3.86
N LEU A 85 -7.10 -9.80 3.30
CA LEU A 85 -7.34 -9.70 1.86
C LEU A 85 -6.08 -10.01 1.05
N LEU A 86 -4.96 -9.44 1.48
CA LEU A 86 -3.69 -9.65 0.78
C LEU A 86 -3.22 -11.10 0.86
N LYS A 87 -3.42 -11.72 2.01
CA LYS A 87 -3.00 -13.11 2.22
C LYS A 87 -3.82 -14.10 1.40
N THR A 88 -5.13 -13.87 1.31
CA THR A 88 -6.01 -14.79 0.59
C THR A 88 -5.84 -14.73 -0.93
N PHE A 89 -5.41 -13.58 -1.46
CA PHE A 89 -5.26 -13.40 -2.92
C PHE A 89 -4.51 -14.57 -3.60
N GLN A 90 -4.48 -14.53 -4.93
CA GLN A 90 -3.84 -15.57 -5.73
C GLN A 90 -2.35 -15.20 -6.04
N ASN A 91 -1.87 -15.43 -7.27
CA ASN A 91 -0.47 -15.13 -7.61
C ASN A 91 -0.26 -13.63 -7.88
N THR A 92 -0.71 -13.15 -9.04
CA THR A 92 -0.56 -11.74 -9.39
C THR A 92 -1.59 -10.90 -8.66
N VAL A 93 -1.12 -9.92 -7.90
CA VAL A 93 -1.99 -9.03 -7.15
C VAL A 93 -1.95 -7.62 -7.73
N GLU A 94 -3.09 -7.15 -8.23
CA GLU A 94 -3.16 -5.81 -8.82
C GLU A 94 -3.45 -4.79 -7.73
N LEU A 95 -2.47 -3.92 -7.47
CA LEU A 95 -2.60 -2.91 -6.45
C LEU A 95 -2.54 -1.50 -7.03
N ILE A 96 -3.26 -0.58 -6.40
CA ILE A 96 -3.28 0.81 -6.82
C ILE A 96 -2.49 1.66 -5.83
N ILE A 97 -1.46 2.35 -6.31
CA ILE A 97 -0.63 3.19 -5.44
C ILE A 97 -0.53 4.61 -5.97
N VAL A 98 -0.20 5.54 -5.09
CA VAL A 98 -0.09 6.94 -5.48
C VAL A 98 1.00 7.65 -4.68
N ARG A 99 1.58 8.69 -5.27
CA ARG A 99 2.61 9.48 -4.61
C ARG A 99 2.05 10.86 -4.27
N GLU A 100 1.97 11.18 -2.98
CA GLU A 100 1.45 12.47 -2.55
C GLU A 100 2.42 13.59 -2.92
N VAL A 101 1.87 14.75 -3.31
CA VAL A 101 2.68 15.90 -3.71
C VAL A 101 2.41 17.08 -2.79
N SER A 102 3.41 17.94 -2.60
CA SER A 102 3.27 19.11 -1.75
C SER A 102 4.21 20.23 -2.19
N SER A 103 4.29 21.28 -1.39
CA SER A 103 5.15 22.42 -1.68
C SER A 103 6.62 22.01 -1.68
N THR B 1 4.43 -6.12 20.01
CA THR B 1 3.19 -5.79 19.24
C THR B 1 3.38 -6.07 17.75
N GLY B 2 4.41 -5.45 17.17
CA GLY B 2 4.67 -5.64 15.75
C GLY B 2 3.76 -4.82 14.88
N TRP B 3 4.09 -3.54 14.71
CA TRP B 3 3.29 -2.64 13.90
C TRP B 3 3.37 -3.00 12.42
N GLU B 4 4.49 -3.58 12.00
CA GLU B 4 4.68 -3.98 10.61
C GLU B 4 4.35 -5.45 10.42
N THR B 5 3.57 -5.76 9.38
CA THR B 5 3.19 -7.14 9.09
C THR B 5 3.60 -7.52 7.67
N TRP B 6 4.52 -8.48 7.57
CA TRP B 6 5.00 -8.94 6.27
C TRP B 6 4.00 -9.90 5.64
N VAL B 7 3.27 -9.42 4.64
CA VAL B 7 2.28 -10.23 3.95
C VAL B 7 2.93 -11.11 2.89
N GLY A 1 -22.24 12.45 -8.83
CA GLY A 1 -22.02 13.44 -9.92
C GLY A 1 -20.72 14.21 -9.74
N SER A 2 -19.94 14.31 -10.81
CA SER A 2 -18.66 15.02 -10.77
C SER A 2 -18.67 16.22 -11.72
N HIS A 3 -17.97 17.27 -11.34
CA HIS A 3 -17.90 18.48 -12.15
C HIS A 3 -16.69 18.43 -13.08
N MET A 4 -16.71 19.27 -14.12
CA MET A 4 -15.62 19.32 -15.07
C MET A 4 -14.39 19.97 -14.45
N GLY A 5 -13.24 19.33 -14.64
CA GLY A 5 -11.99 19.84 -14.08
C GLY A 5 -11.63 19.16 -12.77
N HIS A 6 -11.41 17.85 -12.84
CA HIS A 6 -11.07 17.07 -11.66
C HIS A 6 -9.56 16.86 -11.54
N GLU A 7 -8.88 16.82 -12.68
CA GLU A 7 -7.43 16.61 -12.70
C GLU A 7 -6.69 17.70 -11.92
N LEU A 8 -5.98 17.30 -10.86
CA LEU A 8 -5.24 18.25 -10.04
C LEU A 8 -3.73 18.15 -10.29
N ALA A 9 -3.03 17.22 -9.62
CA ALA A 9 -1.59 17.06 -9.80
C ALA A 9 -1.05 15.85 -9.03
N LYS A 10 -1.84 14.78 -8.95
CA LYS A 10 -1.42 13.58 -8.24
C LYS A 10 -0.74 12.59 -9.18
N GLN A 11 -0.35 11.43 -8.65
CA GLN A 11 0.32 10.41 -9.45
C GLN A 11 -0.27 9.02 -9.20
N GLU A 12 -1.25 8.64 -10.02
CA GLU A 12 -1.89 7.33 -9.88
C GLU A 12 -1.26 6.31 -10.82
N ILE A 13 -0.90 5.14 -10.28
CA ILE A 13 -0.27 4.09 -11.06
C ILE A 13 -0.61 2.69 -10.53
N ARG A 14 -0.45 1.69 -11.39
CA ARG A 14 -0.76 0.30 -11.02
C ARG A 14 0.49 -0.57 -11.06
N VAL A 15 0.49 -1.64 -10.26
CA VAL A 15 1.62 -2.56 -10.21
C VAL A 15 1.15 -4.01 -10.08
N ARG A 16 1.88 -4.93 -10.71
CA ARG A 16 1.55 -6.35 -10.67
C ARG A 16 2.58 -7.11 -9.81
N VAL A 17 2.12 -7.67 -8.70
CA VAL A 17 3.00 -8.41 -7.80
C VAL A 17 2.72 -9.91 -7.83
N GLU A 18 3.73 -10.68 -8.18
CA GLU A 18 3.60 -12.13 -8.24
C GLU A 18 4.10 -12.77 -6.95
N LYS A 19 3.20 -13.39 -6.21
CA LYS A 19 3.56 -14.02 -4.95
C LYS A 19 4.31 -15.34 -5.18
N ASP A 20 5.53 -15.41 -4.68
CA ASP A 20 6.35 -16.60 -4.81
C ASP A 20 7.53 -16.58 -3.82
N PRO A 21 7.34 -17.07 -2.56
CA PRO A 21 6.10 -17.65 -2.03
C PRO A 21 5.11 -16.60 -1.50
N GLU A 22 5.57 -15.35 -1.30
CA GLU A 22 4.70 -14.30 -0.78
C GLU A 22 4.90 -13.00 -1.54
N LEU A 23 4.22 -11.93 -1.10
CA LEU A 23 4.34 -10.63 -1.75
C LEU A 23 5.76 -10.10 -1.63
N GLY A 24 6.28 -10.08 -0.40
CA GLY A 24 7.65 -9.62 -0.18
C GLY A 24 7.72 -8.22 0.39
N PHE A 25 6.72 -7.81 1.16
CA PHE A 25 6.70 -6.49 1.77
C PHE A 25 5.71 -6.43 2.92
N SER A 26 6.03 -5.64 3.95
CA SER A 26 5.17 -5.50 5.11
C SER A 26 4.30 -4.25 5.01
N ILE A 27 3.17 -4.29 5.72
CA ILE A 27 2.23 -3.17 5.73
C ILE A 27 1.97 -2.71 7.16
N SER A 28 1.61 -1.44 7.33
CA SER A 28 1.35 -0.90 8.65
C SER A 28 0.24 0.15 8.60
N GLY A 29 -0.19 0.59 9.79
CA GLY A 29 -1.25 1.57 9.87
C GLY A 29 -2.63 0.96 9.99
N GLY A 30 -3.59 1.51 9.26
CA GLY A 30 -4.94 1.00 9.30
C GLY A 30 -5.83 1.79 10.25
N VAL A 31 -7.13 1.76 10.00
CA VAL A 31 -8.08 2.48 10.83
C VAL A 31 -8.37 1.70 12.12
N GLY A 32 -7.68 2.09 13.19
CA GLY A 32 -7.85 1.43 14.47
C GLY A 32 -6.76 0.40 14.78
N GLY A 33 -5.83 0.18 13.85
CA GLY A 33 -4.78 -0.80 14.06
C GLY A 33 -3.75 -0.37 15.08
N ARG A 34 -2.54 -0.91 14.98
CA ARG A 34 -1.45 -0.58 15.90
C ARG A 34 -0.91 0.83 15.65
N GLY A 35 -1.00 1.29 14.40
CA GLY A 35 -0.50 2.63 14.07
C GLY A 35 0.51 2.62 12.94
N ASN A 36 1.25 3.71 12.80
CA ASN A 36 2.27 3.83 11.76
C ASN A 36 3.12 5.09 11.96
N PRO A 37 4.47 4.99 11.89
CA PRO A 37 5.34 6.15 12.08
C PRO A 37 5.68 6.86 10.77
N PHE A 38 4.66 7.08 9.93
CA PHE A 38 4.85 7.76 8.65
C PHE A 38 3.95 8.98 8.53
N ARG A 39 2.64 8.77 8.66
CA ARG A 39 1.67 9.86 8.56
C ARG A 39 0.97 10.10 9.91
N PRO A 40 0.64 11.38 10.26
CA PRO A 40 -0.02 11.69 11.52
C PRO A 40 -1.55 11.62 11.44
N ASP A 41 -2.13 12.38 10.52
CA ASP A 41 -3.58 12.41 10.35
C ASP A 41 -4.09 11.31 9.40
N ASP A 42 -3.18 10.58 8.74
CA ASP A 42 -3.59 9.51 7.83
C ASP A 42 -3.36 8.14 8.46
N ASP A 43 -4.44 7.36 8.58
CA ASP A 43 -4.36 6.03 9.18
C ASP A 43 -4.60 4.95 8.12
N GLY A 44 -4.03 5.16 6.93
CA GLY A 44 -4.17 4.20 5.85
C GLY A 44 -3.16 3.07 5.93
N ILE A 45 -2.90 2.44 4.78
CA ILE A 45 -1.95 1.33 4.72
C ILE A 45 -0.71 1.75 3.94
N PHE A 46 0.47 1.64 4.58
CA PHE A 46 1.73 2.02 3.95
C PHE A 46 2.71 0.85 3.93
N VAL A 47 3.50 0.78 2.86
CA VAL A 47 4.48 -0.29 2.70
C VAL A 47 5.81 0.07 3.39
N THR A 48 5.82 -0.04 4.72
CA THR A 48 7.00 0.30 5.57
C THR A 48 8.36 -0.03 4.93
N ARG A 49 8.56 -1.26 4.46
CA ARG A 49 9.83 -1.64 3.83
C ARG A 49 9.67 -2.88 2.96
N VAL A 50 10.78 -3.30 2.35
CA VAL A 50 10.80 -4.47 1.48
C VAL A 50 12.00 -5.36 1.78
N GLN A 51 11.84 -6.67 1.61
CA GLN A 51 12.93 -7.62 1.87
C GLN A 51 13.52 -8.15 0.57
N PRO A 52 12.78 -8.97 -0.23
CA PRO A 52 13.30 -9.50 -1.49
C PRO A 52 13.25 -8.46 -2.60
N GLU A 53 14.42 -8.02 -3.05
CA GLU A 53 14.50 -7.02 -4.11
C GLU A 53 14.13 -7.62 -5.48
N GLY A 54 12.84 -7.93 -5.65
CA GLY A 54 12.36 -8.51 -6.89
C GLY A 54 10.86 -8.38 -7.08
N PRO A 55 10.02 -9.05 -6.24
CA PRO A 55 8.56 -8.99 -6.39
C PRO A 55 8.01 -7.56 -6.33
N ALA A 56 7.94 -6.98 -5.14
CA ALA A 56 7.41 -5.63 -4.97
C ALA A 56 8.48 -4.66 -4.45
N SER A 57 9.66 -4.70 -5.06
CA SER A 57 10.75 -3.83 -4.67
C SER A 57 10.84 -2.65 -5.62
N LYS A 58 11.11 -2.95 -6.89
CA LYS A 58 11.20 -1.91 -7.92
C LYS A 58 9.81 -1.39 -8.32
N LEU A 59 8.72 -1.96 -7.79
CA LEU A 59 7.38 -1.52 -8.12
C LEU A 59 6.81 -0.58 -7.06
N LEU A 60 6.88 -0.99 -5.80
CA LEU A 60 6.36 -0.19 -4.69
C LEU A 60 7.48 0.52 -3.94
N GLN A 61 7.16 1.68 -3.37
CA GLN A 61 8.14 2.46 -2.62
C GLN A 61 8.00 2.20 -1.11
N PRO A 62 9.13 2.11 -0.35
CA PRO A 62 9.06 1.86 1.11
C PRO A 62 8.37 3.02 1.85
N GLY A 63 7.05 3.03 1.81
CA GLY A 63 6.27 4.07 2.48
C GLY A 63 5.24 4.71 1.54
N ASP A 64 4.57 3.89 0.74
CA ASP A 64 3.56 4.36 -0.19
C ASP A 64 2.15 4.21 0.44
N LYS A 65 1.11 4.17 -0.39
CA LYS A 65 -0.25 4.00 0.11
C LYS A 65 -1.09 3.16 -0.85
N ILE A 66 -1.72 2.12 -0.33
CA ILE A 66 -2.56 1.25 -1.14
C ILE A 66 -3.98 1.79 -1.18
N ILE A 67 -4.43 2.19 -2.37
CA ILE A 67 -5.77 2.74 -2.54
C ILE A 67 -6.79 1.66 -2.89
N GLN A 68 -6.39 0.70 -3.72
CA GLN A 68 -7.29 -0.38 -4.11
C GLN A 68 -6.52 -1.67 -4.39
N ALA A 69 -7.17 -2.80 -4.16
CA ALA A 69 -6.58 -4.11 -4.38
C ALA A 69 -7.56 -5.01 -5.12
N ASN A 70 -7.21 -5.41 -6.36
CA ASN A 70 -8.06 -6.30 -7.17
C ASN A 70 -9.54 -5.87 -7.18
N GLY A 71 -9.79 -4.58 -7.03
CA GLY A 71 -11.15 -4.07 -7.02
C GLY A 71 -11.70 -3.80 -5.62
N TYR A 72 -10.96 -4.17 -4.57
CA TYR A 72 -11.40 -3.95 -3.20
C TYR A 72 -10.79 -2.65 -2.66
N SER A 73 -11.63 -1.79 -2.11
CA SER A 73 -11.17 -0.51 -1.56
C SER A 73 -10.44 -0.71 -0.24
N PHE A 74 -9.20 -0.21 -0.16
CA PHE A 74 -8.40 -0.33 1.05
C PHE A 74 -8.42 0.97 1.86
N ILE A 75 -9.44 1.82 1.66
CA ILE A 75 -9.53 3.09 2.37
C ILE A 75 -10.55 3.01 3.52
N ASN A 76 -10.21 3.65 4.64
CA ASN A 76 -11.07 3.65 5.85
C ASN A 76 -11.24 2.24 6.46
N ILE A 77 -10.42 1.27 6.03
CA ILE A 77 -10.52 -0.10 6.51
C ILE A 77 -9.58 -0.39 7.68
N GLU A 78 -9.85 -1.51 8.36
CA GLU A 78 -9.05 -1.93 9.50
C GLU A 78 -7.84 -2.75 9.04
N HIS A 79 -6.72 -2.59 9.75
CA HIS A 79 -5.46 -3.29 9.41
C HIS A 79 -5.67 -4.79 9.18
N GLY A 80 -6.34 -5.46 10.14
CA GLY A 80 -6.59 -6.89 10.01
C GLY A 80 -7.33 -7.26 8.73
N GLN A 81 -8.10 -6.33 8.19
CA GLN A 81 -8.86 -6.57 6.97
C GLN A 81 -7.95 -6.53 5.75
N ALA A 82 -7.02 -5.56 5.75
CA ALA A 82 -6.09 -5.40 4.65
C ALA A 82 -5.12 -6.57 4.55
N VAL A 83 -4.74 -7.11 5.71
CA VAL A 83 -3.80 -8.24 5.75
C VAL A 83 -4.48 -9.51 5.27
N SER A 84 -5.72 -9.72 5.70
CA SER A 84 -6.48 -10.90 5.33
C SER A 84 -6.69 -10.97 3.82
N LEU A 85 -6.99 -9.82 3.22
CA LEU A 85 -7.23 -9.76 1.78
C LEU A 85 -5.96 -10.08 0.99
N LEU A 86 -4.84 -9.47 1.40
CA LEU A 86 -3.57 -9.67 0.72
C LEU A 86 -3.08 -11.12 0.81
N LYS A 87 -3.32 -11.75 1.96
CA LYS A 87 -2.88 -13.13 2.18
C LYS A 87 -3.68 -14.13 1.36
N THR A 88 -4.98 -13.88 1.20
CA THR A 88 -5.86 -14.80 0.47
C THR A 88 -5.63 -14.74 -1.05
N PHE A 89 -5.21 -13.58 -1.58
CA PHE A 89 -4.99 -13.42 -3.02
C PHE A 89 -4.12 -14.54 -3.62
N GLN A 90 -4.41 -14.87 -4.88
CA GLN A 90 -3.70 -15.93 -5.59
C GLN A 90 -2.22 -15.54 -5.85
N ASN A 91 -1.65 -15.77 -7.06
CA ASN A 91 -0.26 -15.44 -7.33
C ASN A 91 -0.08 -13.96 -7.65
N THR A 92 -0.61 -13.53 -8.80
CA THR A 92 -0.50 -12.13 -9.22
C THR A 92 -1.55 -11.27 -8.53
N VAL A 93 -1.13 -10.10 -8.04
CA VAL A 93 -2.04 -9.18 -7.36
C VAL A 93 -1.94 -7.78 -7.96
N GLU A 94 -3.08 -7.26 -8.42
CA GLU A 94 -3.12 -5.93 -8.99
C GLU A 94 -3.42 -4.91 -7.89
N LEU A 95 -2.42 -4.12 -7.53
CA LEU A 95 -2.57 -3.12 -6.48
C LEU A 95 -2.54 -1.70 -7.04
N ILE A 96 -3.34 -0.83 -6.44
CA ILE A 96 -3.41 0.57 -6.84
C ILE A 96 -2.70 1.43 -5.81
N ILE A 97 -1.67 2.16 -6.23
CA ILE A 97 -0.91 3.02 -5.33
C ILE A 97 -0.83 4.44 -5.86
N VAL A 98 -0.45 5.37 -4.97
CA VAL A 98 -0.35 6.77 -5.35
C VAL A 98 0.74 7.48 -4.54
N ARG A 99 1.32 8.52 -5.14
CA ARG A 99 2.35 9.32 -4.47
C ARG A 99 1.80 10.71 -4.20
N GLU A 100 1.78 11.12 -2.93
CA GLU A 100 1.26 12.43 -2.56
C GLU A 100 2.07 13.55 -3.21
N VAL A 101 1.40 14.34 -4.05
CA VAL A 101 2.04 15.46 -4.73
C VAL A 101 1.62 16.78 -4.10
N SER A 102 2.45 17.30 -3.20
CA SER A 102 2.16 18.56 -2.52
C SER A 102 3.14 19.65 -2.93
N SER A 103 2.76 20.90 -2.68
CA SER A 103 3.60 22.04 -3.04
C SER A 103 4.52 22.40 -1.86
N THR B 1 4.66 -9.30 18.64
CA THR B 1 4.55 -7.94 19.24
C THR B 1 5.24 -6.90 18.35
N GLY B 2 4.47 -5.89 17.95
CA GLY B 2 5.00 -4.84 17.09
C GLY B 2 3.91 -4.07 16.37
N TRP B 3 4.28 -3.39 15.28
CA TRP B 3 3.32 -2.62 14.49
C TRP B 3 3.28 -3.07 13.04
N GLU B 4 4.44 -3.37 12.47
CA GLU B 4 4.52 -3.81 11.08
C GLU B 4 4.03 -5.24 10.92
N THR B 5 3.54 -5.56 9.73
CA THR B 5 3.03 -6.89 9.41
C THR B 5 3.47 -7.32 8.02
N TRP B 6 4.06 -8.51 7.93
CA TRP B 6 4.54 -9.04 6.65
C TRP B 6 3.49 -9.93 6.00
N VAL B 7 2.97 -9.48 4.86
CA VAL B 7 1.97 -10.23 4.12
C VAL B 7 2.60 -11.27 3.21
N GLY A 1 -18.88 23.57 2.11
CA GLY A 1 -17.80 23.71 1.09
C GLY A 1 -16.50 23.06 1.52
N SER A 2 -16.27 21.84 1.03
CA SER A 2 -15.06 21.10 1.36
C SER A 2 -14.15 20.95 0.14
N HIS A 3 -14.70 20.36 -0.92
CA HIS A 3 -13.95 20.16 -2.16
C HIS A 3 -14.16 21.32 -3.12
N MET A 4 -13.10 22.06 -3.40
CA MET A 4 -13.17 23.20 -4.32
C MET A 4 -12.85 22.78 -5.74
N GLY A 5 -11.66 22.20 -5.92
CA GLY A 5 -11.25 21.76 -7.25
C GLY A 5 -10.11 20.75 -7.19
N HIS A 6 -9.16 20.89 -8.11
CA HIS A 6 -8.01 19.99 -8.17
C HIS A 6 -6.81 20.68 -8.81
N GLU A 7 -5.89 21.14 -7.98
CA GLU A 7 -4.69 21.83 -8.47
C GLU A 7 -3.42 21.13 -7.99
N LEU A 8 -3.49 19.81 -7.85
CA LEU A 8 -2.34 19.02 -7.41
C LEU A 8 -2.07 17.87 -8.36
N ALA A 9 -0.80 17.52 -8.53
CA ALA A 9 -0.41 16.44 -9.41
C ALA A 9 -0.19 15.14 -8.64
N LYS A 10 -1.25 14.36 -8.48
CA LYS A 10 -1.18 13.09 -7.77
C LYS A 10 -0.90 11.94 -8.73
N GLN A 11 0.15 11.18 -8.45
CA GLN A 11 0.54 10.06 -9.31
C GLN A 11 -0.14 8.76 -8.89
N GLU A 12 -1.32 8.49 -9.46
CA GLU A 12 -2.06 7.28 -9.16
C GLU A 12 -1.63 6.17 -10.13
N ILE A 13 -0.64 5.38 -9.72
CA ILE A 13 -0.12 4.29 -10.57
C ILE A 13 -0.45 2.90 -10.03
N ARG A 14 -0.35 1.92 -10.93
CA ARG A 14 -0.63 0.53 -10.59
C ARG A 14 0.65 -0.31 -10.64
N VAL A 15 0.66 -1.43 -9.92
CA VAL A 15 1.82 -2.32 -9.88
C VAL A 15 1.38 -3.78 -9.80
N ARG A 16 2.11 -4.66 -10.48
CA ARG A 16 1.79 -6.08 -10.49
C ARG A 16 2.80 -6.87 -9.68
N VAL A 17 2.34 -7.48 -8.58
CA VAL A 17 3.20 -8.29 -7.71
C VAL A 17 2.79 -9.74 -7.74
N GLU A 18 3.71 -10.60 -8.20
CA GLU A 18 3.44 -12.04 -8.26
C GLU A 18 3.93 -12.74 -7.00
N LYS A 19 3.02 -13.43 -6.31
CA LYS A 19 3.38 -14.14 -5.09
C LYS A 19 4.12 -15.42 -5.40
N ASP A 20 5.33 -15.54 -4.89
CA ASP A 20 6.16 -16.73 -5.10
C ASP A 20 7.41 -16.69 -4.22
N PRO A 21 7.36 -17.20 -2.95
CA PRO A 21 6.18 -17.82 -2.33
C PRO A 21 5.20 -16.79 -1.73
N GLU A 22 5.67 -15.57 -1.50
CA GLU A 22 4.82 -14.53 -0.91
C GLU A 22 4.97 -13.19 -1.65
N LEU A 23 4.25 -12.18 -1.16
CA LEU A 23 4.30 -10.85 -1.77
C LEU A 23 5.70 -10.24 -1.64
N GLY A 24 6.18 -10.12 -0.40
CA GLY A 24 7.50 -9.57 -0.16
C GLY A 24 7.51 -8.15 0.35
N PHE A 25 6.48 -7.77 1.13
CA PHE A 25 6.40 -6.42 1.67
C PHE A 25 5.42 -6.36 2.85
N SER A 26 5.72 -5.50 3.82
CA SER A 26 4.89 -5.35 5.00
C SER A 26 3.98 -4.13 4.90
N ILE A 27 2.82 -4.20 5.56
CA ILE A 27 1.84 -3.10 5.54
C ILE A 27 1.56 -2.62 6.96
N SER A 28 1.20 -1.34 7.11
CA SER A 28 0.91 -0.77 8.42
C SER A 28 -0.12 0.36 8.32
N GLY A 29 -0.69 0.74 9.46
CA GLY A 29 -1.67 1.83 9.48
C GLY A 29 -3.07 1.39 9.87
N GLY A 30 -3.90 1.12 8.87
CA GLY A 30 -5.27 0.70 9.11
C GLY A 30 -6.15 1.84 9.60
N VAL A 31 -6.95 1.57 10.64
CA VAL A 31 -7.84 2.57 11.23
C VAL A 31 -7.99 2.31 12.72
N GLY A 32 -7.05 2.81 13.50
CA GLY A 32 -7.08 2.62 14.94
C GLY A 32 -6.29 1.40 15.40
N GLY A 33 -5.52 0.78 14.50
CA GLY A 33 -4.73 -0.39 14.86
C GLY A 33 -3.41 -0.03 15.49
N ARG A 34 -2.35 -0.77 15.15
CA ARG A 34 -1.02 -0.53 15.69
C ARG A 34 -0.55 0.89 15.40
N GLY A 35 -1.03 1.48 14.31
CA GLY A 35 -0.63 2.83 13.95
C GLY A 35 0.48 2.86 12.92
N ASN A 36 0.61 3.99 12.21
CA ASN A 36 1.64 4.15 11.19
C ASN A 36 2.50 5.40 11.48
N PRO A 37 3.85 5.30 11.41
CA PRO A 37 4.72 6.44 11.66
C PRO A 37 5.06 7.25 10.42
N PHE A 38 4.18 7.22 9.42
CA PHE A 38 4.40 7.96 8.17
C PHE A 38 3.48 9.18 8.11
N ARG A 39 2.17 8.94 8.27
CA ARG A 39 1.18 10.01 8.24
C ARG A 39 0.43 10.09 9.58
N PRO A 40 0.20 11.33 10.12
CA PRO A 40 -0.49 11.48 11.40
C PRO A 40 -2.01 11.51 11.28
N ASP A 41 -2.53 12.31 10.34
CA ASP A 41 -3.97 12.42 10.14
C ASP A 41 -4.51 11.43 9.10
N ASP A 42 -3.61 10.76 8.35
CA ASP A 42 -4.05 9.80 7.34
C ASP A 42 -4.01 8.37 7.90
N ASP A 43 -5.18 7.76 8.04
CA ASP A 43 -5.29 6.42 8.57
C ASP A 43 -5.46 5.39 7.45
N GLY A 44 -4.43 5.27 6.61
CA GLY A 44 -4.47 4.32 5.51
C GLY A 44 -3.41 3.24 5.63
N ILE A 45 -3.08 2.60 4.51
CA ILE A 45 -2.07 1.53 4.50
C ILE A 45 -0.81 1.98 3.77
N PHE A 46 0.35 1.73 4.37
CA PHE A 46 1.63 2.11 3.75
C PHE A 46 2.59 0.93 3.74
N VAL A 47 3.49 0.90 2.75
CA VAL A 47 4.47 -0.18 2.61
C VAL A 47 5.80 0.18 3.30
N THR A 48 5.82 0.08 4.63
CA THR A 48 7.00 0.42 5.45
C THR A 48 8.36 0.05 4.82
N ARG A 49 8.53 -1.22 4.42
CA ARG A 49 9.81 -1.65 3.82
C ARG A 49 9.66 -2.94 3.02
N VAL A 50 10.66 -3.20 2.17
CA VAL A 50 10.67 -4.41 1.33
C VAL A 50 11.88 -5.28 1.66
N GLN A 51 11.74 -6.60 1.50
CA GLN A 51 12.83 -7.53 1.79
C GLN A 51 13.48 -8.05 0.50
N PRO A 52 12.78 -8.87 -0.31
CA PRO A 52 13.35 -9.40 -1.57
C PRO A 52 13.30 -8.37 -2.69
N GLU A 53 14.47 -8.04 -3.24
CA GLU A 53 14.56 -7.07 -4.32
C GLU A 53 14.13 -7.69 -5.66
N GLY A 54 12.85 -8.05 -5.76
CA GLY A 54 12.34 -8.65 -6.98
C GLY A 54 10.83 -8.46 -7.16
N PRO A 55 9.98 -9.11 -6.33
CA PRO A 55 8.51 -8.99 -6.47
C PRO A 55 8.00 -7.55 -6.36
N ALA A 56 7.92 -7.01 -5.14
CA ALA A 56 7.44 -5.65 -4.93
C ALA A 56 8.56 -4.71 -4.50
N SER A 57 9.67 -4.76 -5.24
CA SER A 57 10.83 -3.91 -4.95
C SER A 57 10.90 -2.78 -5.97
N LYS A 58 11.19 -3.13 -7.21
CA LYS A 58 11.27 -2.16 -8.29
C LYS A 58 9.90 -1.51 -8.60
N LEU A 59 8.81 -2.09 -8.06
CA LEU A 59 7.47 -1.54 -8.31
C LEU A 59 7.04 -0.60 -7.19
N LEU A 60 6.98 -1.12 -5.97
CA LEU A 60 6.56 -0.32 -4.82
C LEU A 60 7.76 0.29 -4.09
N GLN A 61 7.55 1.47 -3.50
CA GLN A 61 8.61 2.15 -2.75
C GLN A 61 8.37 1.99 -1.24
N PRO A 62 9.43 1.99 -0.39
CA PRO A 62 9.29 1.80 1.06
C PRO A 62 8.60 2.98 1.78
N GLY A 63 7.28 3.09 1.60
CA GLY A 63 6.53 4.15 2.27
C GLY A 63 5.45 4.79 1.41
N ASP A 64 4.75 3.97 0.62
CA ASP A 64 3.68 4.48 -0.24
C ASP A 64 2.31 4.38 0.45
N LYS A 65 1.24 4.48 -0.35
CA LYS A 65 -0.12 4.41 0.19
C LYS A 65 -0.97 3.46 -0.66
N ILE A 66 -1.52 2.43 -0.03
CA ILE A 66 -2.34 1.43 -0.73
C ILE A 66 -3.79 1.88 -0.81
N ILE A 67 -4.26 2.26 -2.00
CA ILE A 67 -5.64 2.73 -2.17
C ILE A 67 -6.60 1.58 -2.46
N GLN A 68 -6.21 0.66 -3.35
CA GLN A 68 -7.07 -0.47 -3.69
C GLN A 68 -6.29 -1.72 -4.11
N ALA A 69 -6.91 -2.87 -3.89
CA ALA A 69 -6.32 -4.16 -4.24
C ALA A 69 -7.32 -5.04 -4.99
N ASN A 70 -6.98 -5.39 -6.24
CA ASN A 70 -7.85 -6.25 -7.08
C ASN A 70 -9.32 -5.82 -7.05
N GLY A 71 -9.56 -4.52 -6.87
CA GLY A 71 -10.91 -4.01 -6.83
C GLY A 71 -11.44 -3.75 -5.42
N TYR A 72 -10.66 -4.10 -4.39
CA TYR A 72 -11.09 -3.89 -3.01
C TYR A 72 -10.65 -2.52 -2.51
N SER A 73 -11.46 -1.90 -1.67
CA SER A 73 -11.15 -0.59 -1.13
C SER A 73 -10.33 -0.69 0.15
N PHE A 74 -9.05 -0.33 0.05
CA PHE A 74 -8.15 -0.37 1.22
C PHE A 74 -8.09 0.97 1.96
N ILE A 75 -8.96 1.93 1.61
CA ILE A 75 -8.97 3.23 2.28
C ILE A 75 -9.85 3.18 3.53
N ASN A 76 -9.25 3.42 4.70
CA ASN A 76 -9.99 3.39 5.97
C ASN A 76 -10.56 2.01 6.23
N ILE A 77 -9.69 1.09 6.65
CA ILE A 77 -10.09 -0.28 6.95
C ILE A 77 -9.22 -0.85 8.07
N GLU A 78 -9.77 -1.81 8.81
CA GLU A 78 -9.03 -2.43 9.91
C GLU A 78 -7.84 -3.22 9.37
N HIS A 79 -6.70 -3.14 10.08
CA HIS A 79 -5.48 -3.84 9.66
C HIS A 79 -5.72 -5.33 9.35
N GLY A 80 -6.36 -6.03 10.28
CA GLY A 80 -6.65 -7.45 10.08
C GLY A 80 -7.42 -7.72 8.79
N GLN A 81 -8.17 -6.72 8.33
CA GLN A 81 -8.94 -6.85 7.09
C GLN A 81 -8.03 -6.74 5.88
N ALA A 82 -7.06 -5.83 5.97
CA ALA A 82 -6.12 -5.61 4.87
C ALA A 82 -5.16 -6.78 4.70
N VAL A 83 -4.73 -7.36 5.83
CA VAL A 83 -3.81 -8.49 5.80
C VAL A 83 -4.53 -9.75 5.29
N SER A 84 -5.75 -9.96 5.78
CA SER A 84 -6.53 -11.12 5.39
C SER A 84 -6.82 -11.10 3.88
N LEU A 85 -7.10 -9.91 3.35
CA LEU A 85 -7.39 -9.77 1.93
C LEU A 85 -6.18 -10.14 1.08
N LEU A 86 -5.02 -9.63 1.45
CA LEU A 86 -3.79 -9.88 0.72
C LEU A 86 -3.39 -11.36 0.74
N LYS A 87 -3.57 -11.99 1.89
CA LYS A 87 -3.21 -13.40 2.05
C LYS A 87 -4.06 -14.32 1.20
N THR A 88 -5.36 -14.02 1.09
CA THR A 88 -6.28 -14.85 0.32
C THR A 88 -6.07 -14.77 -1.20
N PHE A 89 -5.52 -13.65 -1.69
CA PHE A 89 -5.30 -13.46 -3.14
C PHE A 89 -4.66 -14.67 -3.83
N GLN A 90 -4.62 -14.61 -5.16
CA GLN A 90 -4.05 -15.69 -5.97
C GLN A 90 -2.53 -15.47 -6.18
N ASN A 91 -1.99 -15.78 -7.37
CA ASN A 91 -0.55 -15.60 -7.62
C ASN A 91 -0.23 -14.14 -7.93
N THR A 92 -0.71 -13.66 -9.08
CA THR A 92 -0.48 -12.28 -9.49
C THR A 92 -1.41 -11.33 -8.73
N VAL A 93 -0.82 -10.35 -8.05
CA VAL A 93 -1.60 -9.38 -7.28
C VAL A 93 -1.47 -7.98 -7.88
N GLU A 94 -2.57 -7.47 -8.42
CA GLU A 94 -2.58 -6.14 -9.01
C GLU A 94 -2.98 -5.10 -7.96
N LEU A 95 -2.02 -4.26 -7.58
CA LEU A 95 -2.27 -3.24 -6.55
C LEU A 95 -2.24 -1.83 -7.12
N ILE A 96 -2.95 -0.92 -6.47
CA ILE A 96 -3.01 0.47 -6.87
C ILE A 96 -2.46 1.36 -5.76
N ILE A 97 -1.55 2.27 -6.10
CA ILE A 97 -0.93 3.15 -5.12
C ILE A 97 -0.83 4.59 -5.62
N VAL A 98 -0.49 5.50 -4.70
CA VAL A 98 -0.36 6.91 -5.04
C VAL A 98 0.80 7.57 -4.27
N ARG A 99 1.33 8.64 -4.84
CA ARG A 99 2.43 9.38 -4.21
C ARG A 99 1.99 10.79 -3.87
N GLU A 100 1.93 11.09 -2.57
CA GLU A 100 1.51 12.41 -2.11
C GLU A 100 2.47 13.50 -2.58
N VAL A 101 1.94 14.48 -3.31
CA VAL A 101 2.74 15.58 -3.81
C VAL A 101 2.46 16.86 -3.04
N SER A 102 3.26 17.12 -2.02
CA SER A 102 3.10 18.31 -1.19
C SER A 102 4.07 19.41 -1.62
N SER A 103 3.52 20.51 -2.12
CA SER A 103 4.33 21.64 -2.56
C SER A 103 4.48 22.67 -1.45
N THR B 1 8.87 -1.95 16.11
CA THR B 1 8.51 -1.99 17.55
C THR B 1 7.17 -2.70 17.79
N GLY B 2 6.74 -3.53 16.84
CA GLY B 2 5.50 -4.26 17.00
C GLY B 2 4.30 -3.55 16.37
N TRP B 3 4.28 -3.47 15.04
CA TRP B 3 3.18 -2.83 14.34
C TRP B 3 3.16 -3.24 12.86
N GLU B 4 4.33 -3.26 12.22
CA GLU B 4 4.42 -3.64 10.82
C GLU B 4 4.19 -5.14 10.65
N THR B 5 3.35 -5.51 9.69
CA THR B 5 3.03 -6.91 9.42
C THR B 5 3.49 -7.30 8.02
N TRP B 6 4.19 -8.43 7.93
CA TRP B 6 4.69 -8.91 6.64
C TRP B 6 3.68 -9.87 6.00
N VAL B 7 3.14 -9.45 4.85
CA VAL B 7 2.16 -10.26 4.13
C VAL B 7 2.85 -11.22 3.17
N GLY A 1 -10.00 27.29 -18.74
CA GLY A 1 -10.71 28.25 -17.84
C GLY A 1 -9.99 28.44 -16.52
N SER A 2 -10.09 29.65 -15.97
CA SER A 2 -9.44 29.95 -14.70
C SER A 2 -10.34 29.59 -13.53
N HIS A 3 -10.01 28.47 -12.87
CA HIS A 3 -10.80 28.00 -11.73
C HIS A 3 -10.11 28.37 -10.42
N MET A 4 -10.76 28.04 -9.31
CA MET A 4 -10.21 28.33 -7.99
C MET A 4 -9.08 27.37 -7.64
N GLY A 5 -9.31 26.09 -7.90
CA GLY A 5 -8.29 25.08 -7.60
C GLY A 5 -8.48 24.44 -6.24
N HIS A 6 -8.55 23.12 -6.21
CA HIS A 6 -8.73 22.38 -4.96
C HIS A 6 -7.48 21.59 -4.60
N GLU A 7 -7.11 20.65 -5.47
CA GLU A 7 -5.94 19.82 -5.24
C GLU A 7 -4.71 20.39 -5.95
N LEU A 8 -3.53 19.88 -5.60
CA LEU A 8 -2.28 20.33 -6.21
C LEU A 8 -1.86 19.39 -7.33
N ALA A 9 -1.58 18.14 -6.97
CA ALA A 9 -1.15 17.14 -7.95
C ALA A 9 -1.18 15.73 -7.34
N LYS A 10 -1.42 14.73 -8.17
CA LYS A 10 -1.47 13.35 -7.69
C LYS A 10 -1.58 12.35 -8.85
N GLN A 11 -0.57 11.49 -9.00
CA GLN A 11 -0.56 10.50 -10.07
C GLN A 11 -0.82 9.08 -9.53
N GLU A 12 -1.96 8.51 -9.92
CA GLU A 12 -2.34 7.17 -9.48
C GLU A 12 -1.94 6.09 -10.49
N ILE A 13 -0.90 5.31 -10.16
CA ILE A 13 -0.41 4.25 -11.04
C ILE A 13 -0.73 2.87 -10.48
N ARG A 14 -0.59 1.84 -11.33
CA ARG A 14 -0.87 0.46 -10.93
C ARG A 14 0.41 -0.41 -10.93
N VAL A 15 0.33 -1.57 -10.29
CA VAL A 15 1.45 -2.51 -10.22
C VAL A 15 0.95 -3.96 -10.18
N ARG A 16 1.86 -4.89 -10.44
CA ARG A 16 1.50 -6.32 -10.43
C ARG A 16 2.51 -7.15 -9.61
N VAL A 17 2.01 -7.81 -8.56
CA VAL A 17 2.87 -8.65 -7.71
C VAL A 17 2.44 -10.12 -7.78
N GLU A 18 3.41 -11.01 -8.00
CA GLU A 18 3.14 -12.44 -8.10
C GLU A 18 3.60 -13.16 -6.82
N LYS A 19 2.69 -13.88 -6.18
CA LYS A 19 3.00 -14.61 -4.95
C LYS A 19 3.90 -15.82 -5.23
N ASP A 20 5.19 -15.58 -5.38
CA ASP A 20 6.15 -16.65 -5.64
C ASP A 20 7.43 -16.46 -4.82
N PRO A 21 7.48 -16.94 -3.54
CA PRO A 21 6.40 -17.65 -2.84
C PRO A 21 5.36 -16.70 -2.21
N GLU A 22 5.78 -15.48 -1.91
CA GLU A 22 4.89 -14.49 -1.30
C GLU A 22 5.08 -13.11 -1.94
N LEU A 23 4.35 -12.13 -1.41
CA LEU A 23 4.44 -10.76 -1.93
C LEU A 23 5.84 -10.20 -1.75
N GLY A 24 6.32 -10.17 -0.51
CA GLY A 24 7.65 -9.67 -0.23
C GLY A 24 7.68 -8.24 0.29
N PHE A 25 6.67 -7.85 1.07
CA PHE A 25 6.61 -6.50 1.63
C PHE A 25 5.67 -6.44 2.83
N SER A 26 5.93 -5.49 3.74
CA SER A 26 5.12 -5.33 4.94
C SER A 26 4.22 -4.11 4.83
N ILE A 27 3.04 -4.20 5.45
CA ILE A 27 2.07 -3.10 5.43
C ILE A 27 1.82 -2.58 6.84
N SER A 28 1.54 -1.29 6.96
CA SER A 28 1.28 -0.67 8.25
C SER A 28 0.14 0.35 8.18
N GLY A 29 -0.48 0.60 9.32
CA GLY A 29 -1.58 1.56 9.36
C GLY A 29 -2.93 0.89 9.56
N GLY A 30 -4.00 1.60 9.21
CA GLY A 30 -5.34 1.06 9.35
C GLY A 30 -6.11 1.75 10.47
N VAL A 31 -7.45 1.76 10.35
CA VAL A 31 -8.29 2.38 11.35
C VAL A 31 -8.48 1.46 12.56
N GLY A 32 -7.82 1.80 13.67
CA GLY A 32 -7.91 0.98 14.86
C GLY A 32 -6.88 -0.15 14.92
N GLY A 33 -6.05 -0.29 13.88
CA GLY A 33 -5.04 -1.34 13.88
C GLY A 33 -3.77 -0.95 14.60
N ARG A 34 -2.66 -1.59 14.25
CA ARG A 34 -1.38 -1.30 14.89
C ARG A 34 -0.96 0.16 14.71
N GLY A 35 -1.45 0.81 13.64
CA GLY A 35 -1.10 2.20 13.39
C GLY A 35 0.11 2.32 12.48
N ASN A 36 0.27 3.50 11.87
CA ASN A 36 1.39 3.76 10.97
C ASN A 36 2.24 4.92 11.49
N PRO A 37 3.58 4.77 11.66
CA PRO A 37 4.43 5.83 12.15
C PRO A 37 4.97 6.71 11.01
N PHE A 38 4.07 7.19 10.16
CA PHE A 38 4.45 8.04 9.03
C PHE A 38 3.53 9.26 8.93
N ARG A 39 2.22 9.02 8.93
CA ARG A 39 1.24 10.10 8.83
C ARG A 39 0.48 10.27 10.15
N PRO A 40 0.22 11.53 10.58
CA PRO A 40 -0.48 11.79 11.83
C PRO A 40 -2.01 11.78 11.68
N ASP A 41 -2.52 12.45 10.64
CA ASP A 41 -3.96 12.52 10.40
C ASP A 41 -4.45 11.46 9.41
N ASP A 42 -3.53 10.73 8.76
CA ASP A 42 -3.92 9.71 7.79
C ASP A 42 -3.79 8.31 8.42
N ASP A 43 -4.90 7.61 8.55
CA ASP A 43 -4.91 6.27 9.13
C ASP A 43 -5.06 5.20 8.06
N GLY A 44 -4.48 5.45 6.89
CA GLY A 44 -4.56 4.49 5.80
C GLY A 44 -3.50 3.41 5.90
N ILE A 45 -3.16 2.79 4.76
CA ILE A 45 -2.15 1.73 4.74
C ILE A 45 -0.91 2.20 3.98
N PHE A 46 0.26 1.80 4.47
CA PHE A 46 1.53 2.18 3.84
C PHE A 46 2.51 1.02 3.82
N VAL A 47 3.43 1.04 2.86
CA VAL A 47 4.43 -0.03 2.73
C VAL A 47 5.77 0.39 3.38
N THR A 48 5.81 0.36 4.71
CA THR A 48 6.99 0.76 5.51
C THR A 48 8.36 0.40 4.86
N ARG A 49 8.54 -0.86 4.46
CA ARG A 49 9.80 -1.28 3.85
C ARG A 49 9.65 -2.58 3.04
N VAL A 50 10.74 -2.96 2.37
CA VAL A 50 10.75 -4.17 1.56
C VAL A 50 11.99 -5.03 1.88
N GLN A 51 11.87 -6.35 1.71
CA GLN A 51 12.98 -7.26 1.99
C GLN A 51 13.63 -7.76 0.70
N PRO A 52 12.95 -8.57 -0.13
CA PRO A 52 13.53 -9.08 -1.38
C PRO A 52 13.53 -8.04 -2.49
N GLU A 53 14.70 -7.74 -3.01
CA GLU A 53 14.83 -6.74 -4.08
C GLU A 53 14.46 -7.34 -5.44
N GLY A 54 13.20 -7.73 -5.58
CA GLY A 54 12.74 -8.32 -6.83
C GLY A 54 11.23 -8.24 -7.03
N PRO A 55 10.42 -9.00 -6.27
CA PRO A 55 8.96 -8.99 -6.42
C PRO A 55 8.33 -7.61 -6.19
N ALA A 56 8.26 -7.18 -4.94
CA ALA A 56 7.67 -5.88 -4.60
C ALA A 56 8.73 -4.86 -4.20
N SER A 57 9.81 -4.79 -4.99
CA SER A 57 10.89 -3.85 -4.73
C SER A 57 10.88 -2.74 -5.75
N LYS A 58 11.02 -3.11 -7.01
CA LYS A 58 11.02 -2.14 -8.11
C LYS A 58 9.62 -1.53 -8.32
N LEU A 59 8.58 -2.14 -7.76
CA LEU A 59 7.21 -1.63 -7.93
C LEU A 59 6.84 -0.70 -6.78
N LEU A 60 6.79 -1.24 -5.58
CA LEU A 60 6.44 -0.47 -4.39
C LEU A 60 7.68 0.12 -3.72
N GLN A 61 7.54 1.33 -3.18
CA GLN A 61 8.63 2.01 -2.48
C GLN A 61 8.28 2.23 -1.02
N PRO A 62 9.29 2.38 -0.11
CA PRO A 62 9.03 2.60 1.32
C PRO A 62 8.20 3.86 1.57
N GLY A 63 7.03 3.67 2.17
CA GLY A 63 6.16 4.79 2.48
C GLY A 63 5.06 5.00 1.46
N ASP A 64 4.91 4.10 0.48
CA ASP A 64 3.87 4.24 -0.54
C ASP A 64 2.50 3.96 0.06
N LYS A 65 1.51 4.75 -0.36
CA LYS A 65 0.15 4.59 0.14
C LYS A 65 -0.66 3.69 -0.76
N ILE A 66 -1.22 2.62 -0.19
CA ILE A 66 -2.02 1.67 -0.94
C ILE A 66 -3.48 2.11 -0.94
N ILE A 67 -4.00 2.45 -2.12
CA ILE A 67 -5.37 2.94 -2.24
C ILE A 67 -6.35 1.78 -2.47
N GLN A 68 -5.99 0.83 -3.32
CA GLN A 68 -6.87 -0.30 -3.62
C GLN A 68 -6.09 -1.54 -4.02
N ALA A 69 -6.71 -2.71 -3.85
CA ALA A 69 -6.08 -3.97 -4.19
C ALA A 69 -7.12 -4.96 -4.73
N ASN A 70 -6.84 -5.50 -5.93
CA ASN A 70 -7.71 -6.49 -6.59
C ASN A 70 -9.21 -6.10 -6.54
N GLY A 71 -9.48 -4.81 -6.64
CA GLY A 71 -10.86 -4.33 -6.61
C GLY A 71 -11.33 -3.92 -5.22
N TYR A 72 -10.63 -4.36 -4.18
CA TYR A 72 -11.02 -4.02 -2.81
C TYR A 72 -10.35 -2.72 -2.36
N SER A 73 -11.17 -1.78 -1.89
CA SER A 73 -10.67 -0.49 -1.43
C SER A 73 -9.93 -0.62 -0.11
N PHE A 74 -8.68 -0.17 -0.08
CA PHE A 74 -7.87 -0.24 1.14
C PHE A 74 -7.77 1.11 1.85
N ILE A 75 -8.61 2.08 1.49
CA ILE A 75 -8.58 3.40 2.13
C ILE A 75 -9.54 3.43 3.32
N ASN A 76 -8.99 3.73 4.51
CA ASN A 76 -9.79 3.78 5.73
C ASN A 76 -10.37 2.41 6.07
N ILE A 77 -9.52 1.51 6.55
CA ILE A 77 -9.94 0.17 6.91
C ILE A 77 -9.07 -0.37 8.06
N GLU A 78 -9.55 -1.43 8.69
CA GLU A 78 -8.81 -2.05 9.79
C GLU A 78 -7.60 -2.82 9.27
N HIS A 79 -6.52 -2.80 10.05
CA HIS A 79 -5.28 -3.49 9.67
C HIS A 79 -5.52 -4.98 9.35
N GLY A 80 -6.13 -5.69 10.29
CA GLY A 80 -6.42 -7.11 10.10
C GLY A 80 -7.22 -7.38 8.83
N GLN A 81 -8.00 -6.40 8.40
CA GLN A 81 -8.81 -6.52 7.19
C GLN A 81 -7.91 -6.50 5.95
N ALA A 82 -6.90 -5.64 5.99
CA ALA A 82 -5.97 -5.50 4.88
C ALA A 82 -5.12 -6.77 4.70
N VAL A 83 -4.49 -7.21 5.78
CA VAL A 83 -3.65 -8.40 5.73
C VAL A 83 -4.43 -9.64 5.29
N SER A 84 -5.63 -9.80 5.83
CA SER A 84 -6.48 -10.95 5.50
C SER A 84 -6.80 -10.99 4.02
N LEU A 85 -7.08 -9.82 3.44
CA LEU A 85 -7.42 -9.73 2.02
C LEU A 85 -6.24 -10.10 1.14
N LEU A 86 -5.07 -9.60 1.48
CA LEU A 86 -3.85 -9.86 0.71
C LEU A 86 -3.45 -11.33 0.78
N LYS A 87 -3.53 -11.91 1.97
CA LYS A 87 -3.15 -13.30 2.18
C LYS A 87 -4.06 -14.27 1.42
N THR A 88 -5.36 -14.03 1.46
CA THR A 88 -6.33 -14.92 0.80
C THR A 88 -6.23 -14.86 -0.73
N PHE A 89 -5.77 -13.72 -1.27
CA PHE A 89 -5.65 -13.54 -2.73
C PHE A 89 -5.03 -14.74 -3.46
N GLN A 90 -5.08 -14.69 -4.79
CA GLN A 90 -4.56 -15.77 -5.64
C GLN A 90 -3.04 -15.59 -5.88
N ASN A 91 -2.53 -15.91 -7.08
CA ASN A 91 -1.09 -15.79 -7.35
C ASN A 91 -0.70 -14.36 -7.73
N THR A 92 -1.26 -13.86 -8.84
CA THR A 92 -0.97 -12.50 -9.30
C THR A 92 -1.90 -11.49 -8.64
N VAL A 93 -1.34 -10.43 -8.08
CA VAL A 93 -2.14 -9.39 -7.42
C VAL A 93 -1.82 -8.01 -7.99
N GLU A 94 -2.84 -7.35 -8.52
CA GLU A 94 -2.68 -6.02 -9.08
C GLU A 94 -3.03 -4.95 -8.05
N LEU A 95 -2.02 -4.28 -7.51
CA LEU A 95 -2.23 -3.25 -6.51
C LEU A 95 -2.20 -1.86 -7.12
N ILE A 96 -2.91 -0.94 -6.48
CA ILE A 96 -2.94 0.47 -6.93
C ILE A 96 -2.21 1.34 -5.93
N ILE A 97 -1.24 2.12 -6.41
CA ILE A 97 -0.44 2.99 -5.55
C ILE A 97 -0.44 4.43 -6.06
N VAL A 98 0.05 5.34 -5.23
CA VAL A 98 0.12 6.75 -5.59
C VAL A 98 1.36 7.42 -4.98
N ARG A 99 1.85 8.46 -5.65
CA ARG A 99 3.02 9.20 -5.18
C ARG A 99 2.62 10.63 -4.83
N GLU A 100 2.62 10.94 -3.54
CA GLU A 100 2.25 12.27 -3.06
C GLU A 100 3.13 13.36 -3.66
N VAL A 101 2.49 14.34 -4.29
CA VAL A 101 3.22 15.46 -4.90
C VAL A 101 3.13 16.70 -4.01
N SER A 102 4.11 17.58 -4.12
CA SER A 102 4.13 18.80 -3.32
C SER A 102 5.05 19.85 -3.94
N SER A 103 5.08 21.03 -3.33
CA SER A 103 5.92 22.12 -3.82
C SER A 103 7.32 22.03 -3.24
N THR B 1 4.05 -4.10 20.37
CA THR B 1 3.37 -5.01 19.41
C THR B 1 2.78 -4.24 18.22
N GLY B 2 2.46 -2.96 18.44
CA GLY B 2 1.88 -2.15 17.38
C GLY B 2 2.89 -1.76 16.30
N TRP B 3 2.88 -2.51 15.19
CA TRP B 3 3.81 -2.23 14.10
C TRP B 3 3.34 -2.91 12.79
N GLU B 4 4.27 -3.11 11.85
CA GLU B 4 3.95 -3.69 10.54
C GLU B 4 3.58 -5.18 10.62
N THR B 5 3.29 -5.75 9.45
CA THR B 5 2.92 -7.16 9.33
C THR B 5 3.25 -7.65 7.92
N TRP B 6 4.37 -8.34 7.79
CA TRP B 6 4.81 -8.86 6.50
C TRP B 6 3.79 -9.82 5.90
N VAL B 7 3.34 -9.50 4.69
CA VAL B 7 2.36 -10.32 3.99
C VAL B 7 3.04 -11.24 2.98
N GLY A 1 -10.90 30.05 -20.05
CA GLY A 1 -9.72 30.20 -20.96
C GLY A 1 -8.99 28.88 -21.18
N SER A 2 -7.92 28.67 -20.41
CA SER A 2 -7.14 27.45 -20.53
C SER A 2 -7.74 26.33 -19.68
N HIS A 3 -7.05 25.19 -19.62
CA HIS A 3 -7.53 24.04 -18.85
C HIS A 3 -7.72 24.41 -17.37
N MET A 4 -8.99 24.49 -16.96
CA MET A 4 -9.33 24.84 -15.59
C MET A 4 -9.20 23.63 -14.64
N GLY A 5 -9.25 22.42 -15.18
CA GLY A 5 -9.15 21.21 -14.36
C GLY A 5 -7.88 21.17 -13.52
N HIS A 6 -7.61 20.02 -12.91
CA HIS A 6 -6.43 19.85 -12.07
C HIS A 6 -5.17 19.70 -12.91
N GLU A 7 -4.02 19.81 -12.25
CA GLU A 7 -2.73 19.69 -12.91
C GLU A 7 -1.88 18.63 -12.19
N LEU A 8 -0.55 18.67 -12.36
CA LEU A 8 0.35 17.70 -11.73
C LEU A 8 0.16 17.69 -10.21
N ALA A 9 -0.41 16.60 -9.69
CA ALA A 9 -0.65 16.44 -8.26
C ALA A 9 -0.64 14.95 -7.88
N LYS A 10 -1.48 14.51 -6.91
CA LYS A 10 -1.53 13.09 -6.48
C LYS A 10 -1.49 12.11 -7.66
N GLN A 11 -0.36 11.43 -7.83
CA GLN A 11 -0.16 10.51 -8.94
C GLN A 11 -0.68 9.10 -8.64
N GLU A 12 -1.61 8.64 -9.48
CA GLU A 12 -2.20 7.32 -9.33
C GLU A 12 -1.57 6.31 -10.32
N ILE A 13 -1.16 5.15 -9.81
CA ILE A 13 -0.55 4.12 -10.66
C ILE A 13 -0.82 2.71 -10.13
N ARG A 14 -0.61 1.71 -10.98
CA ARG A 14 -0.86 0.31 -10.60
C ARG A 14 0.44 -0.52 -10.62
N VAL A 15 0.38 -1.69 -10.00
CA VAL A 15 1.54 -2.59 -9.96
C VAL A 15 1.09 -4.06 -9.98
N ARG A 16 2.02 -4.96 -10.34
CA ARG A 16 1.71 -6.39 -10.40
C ARG A 16 2.75 -7.23 -9.67
N VAL A 17 2.32 -7.99 -8.67
CA VAL A 17 3.21 -8.85 -7.89
C VAL A 17 2.71 -10.29 -7.88
N GLU A 18 3.63 -11.24 -8.09
CA GLU A 18 3.27 -12.66 -8.10
C GLU A 18 3.76 -13.38 -6.85
N LYS A 19 2.86 -14.08 -6.18
CA LYS A 19 3.19 -14.82 -4.97
C LYS A 19 4.07 -16.02 -5.29
N ASP A 20 5.32 -15.98 -4.84
CA ASP A 20 6.27 -17.07 -5.08
C ASP A 20 7.59 -16.84 -4.33
N PRO A 21 7.69 -17.19 -3.01
CA PRO A 21 6.62 -17.79 -2.20
C PRO A 21 5.66 -16.76 -1.62
N GLU A 22 6.12 -15.51 -1.49
CA GLU A 22 5.29 -14.44 -0.94
C GLU A 22 5.47 -13.14 -1.74
N LEU A 23 4.79 -12.09 -1.30
CA LEU A 23 4.87 -10.80 -1.98
C LEU A 23 6.28 -10.22 -1.86
N GLY A 24 6.78 -10.10 -0.63
CA GLY A 24 8.13 -9.57 -0.42
C GLY A 24 8.13 -8.19 0.22
N PHE A 25 7.17 -7.92 1.08
CA PHE A 25 7.09 -6.63 1.76
C PHE A 25 6.09 -6.66 2.91
N SER A 26 5.95 -5.53 3.61
CA SER A 26 5.03 -5.44 4.74
C SER A 26 4.16 -4.20 4.64
N ILE A 27 3.07 -4.18 5.39
CA ILE A 27 2.14 -3.06 5.39
C ILE A 27 1.88 -2.57 6.82
N SER A 28 1.50 -1.31 6.95
CA SER A 28 1.23 -0.72 8.26
C SER A 28 0.10 0.30 8.18
N GLY A 29 -0.43 0.69 9.34
CA GLY A 29 -1.51 1.66 9.38
C GLY A 29 -2.87 1.02 9.60
N GLY A 30 -3.90 1.62 9.01
CA GLY A 30 -5.25 1.09 9.15
C GLY A 30 -6.10 1.90 10.09
N VAL A 31 -7.41 1.88 9.89
CA VAL A 31 -8.34 2.62 10.73
C VAL A 31 -8.61 1.86 12.03
N GLY A 32 -8.06 2.39 13.13
CA GLY A 32 -8.24 1.76 14.42
C GLY A 32 -7.16 0.73 14.76
N GLY A 33 -6.19 0.51 13.86
CA GLY A 33 -5.14 -0.45 14.11
C GLY A 33 -3.99 0.13 14.93
N ARG A 34 -2.78 -0.38 14.70
CA ARG A 34 -1.60 0.07 15.42
C ARG A 34 -1.02 1.37 14.83
N GLY A 35 -1.38 1.70 13.60
CA GLY A 35 -0.87 2.92 12.98
C GLY A 35 0.47 2.72 12.30
N ASN A 36 1.03 3.80 11.74
CA ASN A 36 2.32 3.74 11.06
C ASN A 36 3.19 4.94 11.45
N PRO A 37 4.54 4.84 11.30
CA PRO A 37 5.44 5.93 11.66
C PRO A 37 5.68 6.94 10.52
N PHE A 38 4.81 6.93 9.51
CA PHE A 38 4.94 7.85 8.39
C PHE A 38 3.98 9.02 8.52
N ARG A 39 2.75 8.70 8.95
CA ARG A 39 1.72 9.72 9.13
C ARG A 39 1.07 9.59 10.51
N PRO A 40 0.93 10.70 11.29
CA PRO A 40 0.34 10.64 12.63
C PRO A 40 -1.18 10.66 12.61
N ASP A 41 -1.76 11.48 11.73
CA ASP A 41 -3.21 11.60 11.63
C ASP A 41 -3.79 10.79 10.46
N ASP A 42 -2.95 10.17 9.63
CA ASP A 42 -3.45 9.39 8.50
C ASP A 42 -3.67 7.93 8.89
N ASP A 43 -4.90 7.45 8.71
CA ASP A 43 -5.24 6.07 9.05
C ASP A 43 -5.29 5.19 7.81
N GLY A 44 -4.35 5.39 6.90
CA GLY A 44 -4.29 4.60 5.68
C GLY A 44 -3.30 3.46 5.76
N ILE A 45 -3.05 2.80 4.64
CA ILE A 45 -2.10 1.68 4.59
C ILE A 45 -0.84 2.08 3.81
N PHE A 46 0.33 1.87 4.41
CA PHE A 46 1.60 2.23 3.77
C PHE A 46 2.58 1.05 3.77
N VAL A 47 3.40 0.95 2.72
CA VAL A 47 4.39 -0.12 2.60
C VAL A 47 5.69 0.26 3.30
N THR A 48 5.71 0.11 4.63
CA THR A 48 6.87 0.45 5.48
C THR A 48 8.25 0.15 4.84
N ARG A 49 8.48 -1.10 4.42
CA ARG A 49 9.79 -1.46 3.83
C ARG A 49 9.71 -2.73 2.98
N VAL A 50 10.85 -3.12 2.42
CA VAL A 50 10.96 -4.31 1.58
C VAL A 50 12.24 -5.09 1.89
N GLN A 51 12.18 -6.42 1.81
CA GLN A 51 13.35 -7.26 2.10
C GLN A 51 13.99 -7.80 0.81
N PRO A 52 13.31 -8.72 0.07
CA PRO A 52 13.88 -9.27 -1.17
C PRO A 52 13.66 -8.34 -2.36
N GLU A 53 14.75 -7.82 -2.89
CA GLU A 53 14.69 -6.91 -4.04
C GLU A 53 14.47 -7.69 -5.34
N GLY A 54 13.26 -8.24 -5.47
CA GLY A 54 12.92 -9.01 -6.66
C GLY A 54 11.46 -8.85 -7.07
N PRO A 55 10.49 -9.42 -6.31
CA PRO A 55 9.07 -9.31 -6.65
C PRO A 55 8.59 -7.85 -6.73
N ALA A 56 8.48 -7.21 -5.57
CA ALA A 56 8.02 -5.82 -5.50
C ALA A 56 9.18 -4.86 -5.20
N SER A 57 10.28 -5.04 -5.92
CA SER A 57 11.44 -4.19 -5.76
C SER A 57 11.28 -2.91 -6.55
N LYS A 58 11.12 -3.06 -7.86
CA LYS A 58 10.92 -1.91 -8.74
C LYS A 58 9.44 -1.53 -8.88
N LEU A 59 8.54 -2.21 -8.13
CA LEU A 59 7.11 -1.91 -8.21
C LEU A 59 6.70 -0.88 -7.17
N LEU A 60 6.81 -1.25 -5.89
CA LEU A 60 6.41 -0.36 -4.79
C LEU A 60 7.61 0.32 -4.15
N GLN A 61 7.41 1.56 -3.71
CA GLN A 61 8.46 2.34 -3.06
C GLN A 61 8.17 2.45 -1.55
N PRO A 62 9.19 2.39 -0.68
CA PRO A 62 8.98 2.49 0.78
C PRO A 62 8.21 3.73 1.20
N GLY A 63 7.19 3.53 2.03
CA GLY A 63 6.38 4.63 2.52
C GLY A 63 5.31 5.08 1.54
N ASP A 64 4.78 4.15 0.76
CA ASP A 64 3.75 4.47 -0.22
C ASP A 64 2.35 4.39 0.41
N LYS A 65 1.32 4.45 -0.41
CA LYS A 65 -0.06 4.39 0.07
C LYS A 65 -0.91 3.52 -0.85
N ILE A 66 -1.58 2.52 -0.26
CA ILE A 66 -2.43 1.62 -1.01
C ILE A 66 -3.89 2.10 -0.98
N ILE A 67 -4.46 2.33 -2.16
CA ILE A 67 -5.84 2.82 -2.25
C ILE A 67 -6.80 1.71 -2.67
N GLN A 68 -6.35 0.82 -3.56
CA GLN A 68 -7.21 -0.26 -4.04
C GLN A 68 -6.40 -1.52 -4.38
N ALA A 69 -7.03 -2.67 -4.20
CA ALA A 69 -6.39 -3.95 -4.50
C ALA A 69 -7.39 -4.98 -5.04
N ASN A 70 -7.12 -5.50 -6.25
CA ASN A 70 -7.97 -6.51 -6.90
C ASN A 70 -9.47 -6.15 -6.83
N GLY A 71 -9.78 -4.86 -6.98
CA GLY A 71 -11.16 -4.43 -6.94
C GLY A 71 -11.70 -4.18 -5.54
N TYR A 72 -10.81 -4.16 -4.54
CA TYR A 72 -11.22 -3.92 -3.15
C TYR A 72 -10.66 -2.59 -2.65
N SER A 73 -11.55 -1.69 -2.23
CA SER A 73 -11.14 -0.38 -1.73
C SER A 73 -10.49 -0.51 -0.35
N PHE A 74 -9.37 0.18 -0.15
CA PHE A 74 -8.66 0.13 1.12
C PHE A 74 -8.88 1.41 1.95
N ILE A 75 -9.98 2.12 1.69
CA ILE A 75 -10.29 3.34 2.43
C ILE A 75 -11.28 3.04 3.57
N ASN A 76 -11.05 3.67 4.72
CA ASN A 76 -11.90 3.50 5.90
C ASN A 76 -11.91 2.04 6.40
N ILE A 77 -10.94 1.23 5.98
CA ILE A 77 -10.89 -0.18 6.40
C ILE A 77 -9.97 -0.40 7.60
N GLU A 78 -10.15 -1.56 8.23
CA GLU A 78 -9.35 -1.92 9.40
C GLU A 78 -8.10 -2.70 9.00
N HIS A 79 -7.03 -2.56 9.80
CA HIS A 79 -5.74 -3.23 9.54
C HIS A 79 -5.90 -4.71 9.19
N GLY A 80 -6.62 -5.45 10.02
CA GLY A 80 -6.83 -6.87 9.79
C GLY A 80 -7.46 -7.16 8.42
N GLN A 81 -8.20 -6.20 7.89
CA GLN A 81 -8.84 -6.37 6.59
C GLN A 81 -7.81 -6.25 5.46
N ALA A 82 -6.91 -5.26 5.59
CA ALA A 82 -5.88 -5.04 4.60
C ALA A 82 -4.93 -6.24 4.50
N VAL A 83 -4.54 -6.78 5.66
CA VAL A 83 -3.65 -7.92 5.70
C VAL A 83 -4.36 -9.20 5.27
N SER A 84 -5.61 -9.34 5.72
CA SER A 84 -6.40 -10.52 5.38
C SER A 84 -6.65 -10.61 3.88
N LEU A 85 -7.04 -9.50 3.27
CA LEU A 85 -7.32 -9.46 1.85
C LEU A 85 -6.09 -9.82 1.01
N LEU A 86 -4.97 -9.18 1.32
CA LEU A 86 -3.73 -9.42 0.58
C LEU A 86 -3.23 -10.85 0.75
N LYS A 87 -3.38 -11.39 1.96
CA LYS A 87 -2.92 -12.74 2.26
C LYS A 87 -3.76 -13.81 1.58
N THR A 88 -5.08 -13.62 1.55
CA THR A 88 -5.99 -14.61 0.96
C THR A 88 -5.90 -14.68 -0.57
N PHE A 89 -5.52 -13.57 -1.22
CA PHE A 89 -5.43 -13.52 -2.70
C PHE A 89 -4.70 -14.74 -3.31
N GLN A 90 -4.76 -14.83 -4.63
CA GLN A 90 -4.13 -15.93 -5.36
C GLN A 90 -2.64 -15.63 -5.62
N ASN A 91 -2.08 -16.01 -6.79
CA ASN A 91 -0.67 -15.76 -7.08
C ASN A 91 -0.42 -14.31 -7.51
N THR A 92 -0.89 -13.98 -8.71
CA THR A 92 -0.72 -12.62 -9.24
C THR A 92 -1.68 -11.65 -8.57
N VAL A 93 -1.12 -10.59 -7.97
CA VAL A 93 -1.92 -9.59 -7.28
C VAL A 93 -1.69 -8.20 -7.89
N GLU A 94 -2.77 -7.59 -8.39
CA GLU A 94 -2.69 -6.28 -9.01
C GLU A 94 -3.13 -5.20 -8.02
N LEU A 95 -2.17 -4.42 -7.51
CA LEU A 95 -2.47 -3.36 -6.55
C LEU A 95 -2.34 -1.98 -7.18
N ILE A 96 -2.94 -1.00 -6.52
CA ILE A 96 -2.88 0.39 -6.97
C ILE A 96 -2.31 1.27 -5.85
N ILE A 97 -1.34 2.12 -6.20
CA ILE A 97 -0.71 2.98 -5.20
C ILE A 97 -0.75 4.45 -5.62
N VAL A 98 -0.28 5.33 -4.73
CA VAL A 98 -0.28 6.77 -5.02
C VAL A 98 0.87 7.49 -4.32
N ARG A 99 1.42 8.49 -5.00
CA ARG A 99 2.50 9.30 -4.45
C ARG A 99 2.00 10.73 -4.22
N GLU A 100 1.98 11.16 -2.96
CA GLU A 100 1.50 12.49 -2.61
C GLU A 100 2.39 13.59 -3.18
N VAL A 101 1.79 14.77 -3.39
CA VAL A 101 2.52 15.92 -3.92
C VAL A 101 2.58 17.04 -2.88
N SER A 102 3.65 17.82 -2.93
CA SER A 102 3.82 18.93 -1.98
C SER A 102 2.97 20.13 -2.38
N SER A 103 2.12 20.59 -1.47
CA SER A 103 1.25 21.73 -1.73
C SER A 103 1.29 22.71 -0.56
N THR B 1 7.84 -6.52 13.47
CA THR B 1 8.28 -5.54 14.50
C THR B 1 7.18 -5.29 15.53
N GLY B 2 6.01 -4.87 15.05
CA GLY B 2 4.89 -4.60 15.95
C GLY B 2 3.72 -3.95 15.24
N TRP B 3 3.94 -2.76 14.68
CA TRP B 3 2.87 -2.04 13.98
C TRP B 3 2.75 -2.48 12.52
N GLU B 4 3.80 -3.07 11.96
CA GLU B 4 3.78 -3.52 10.57
C GLU B 4 3.51 -5.02 10.49
N THR B 5 3.11 -5.48 9.32
CA THR B 5 2.83 -6.90 9.09
C THR B 5 3.28 -7.30 7.69
N TRP B 6 4.00 -8.42 7.61
CA TRP B 6 4.51 -8.91 6.34
C TRP B 6 3.49 -9.83 5.66
N VAL B 7 3.09 -9.46 4.44
CA VAL B 7 2.12 -10.23 3.68
C VAL B 7 2.82 -11.16 2.69
N GLY A 1 10.59 19.10 -6.78
CA GLY A 1 9.16 18.78 -7.06
C GLY A 1 8.27 20.01 -7.02
N SER A 2 8.70 21.07 -7.69
CA SER A 2 7.94 22.32 -7.73
C SER A 2 7.43 22.60 -9.14
N HIS A 3 6.84 21.59 -9.76
CA HIS A 3 6.30 21.71 -11.11
C HIS A 3 4.98 22.48 -11.10
N MET A 4 4.73 23.22 -12.17
CA MET A 4 3.50 24.01 -12.28
C MET A 4 2.88 23.85 -13.67
N GLY A 5 1.58 24.10 -13.77
CA GLY A 5 0.89 23.99 -15.05
C GLY A 5 -0.60 23.76 -14.89
N HIS A 6 -1.15 22.91 -15.74
CA HIS A 6 -2.58 22.60 -15.72
C HIS A 6 -2.84 21.15 -15.30
N GLU A 7 -1.90 20.27 -15.59
CA GLU A 7 -2.03 18.85 -15.26
C GLU A 7 -2.17 18.64 -13.74
N LEU A 8 -2.35 17.38 -13.35
CA LEU A 8 -2.50 17.04 -11.94
C LEU A 8 -1.15 16.79 -11.28
N ALA A 9 -1.04 17.15 -10.01
CA ALA A 9 0.19 16.97 -9.25
C ALA A 9 0.08 15.76 -8.32
N LYS A 10 -0.12 14.59 -8.93
CA LYS A 10 -0.25 13.33 -8.18
C LYS A 10 0.19 12.15 -9.06
N GLN A 11 1.14 11.38 -8.57
CA GLN A 11 1.65 10.23 -9.33
C GLN A 11 0.85 8.96 -9.03
N GLU A 12 -0.22 8.73 -9.79
CA GLU A 12 -1.04 7.55 -9.63
C GLU A 12 -0.54 6.43 -10.54
N ILE A 13 -0.25 5.25 -9.95
CA ILE A 13 0.29 4.14 -10.73
C ILE A 13 -0.15 2.78 -10.18
N ARG A 14 -0.10 1.74 -11.02
CA ARG A 14 -0.50 0.38 -10.64
C ARG A 14 0.67 -0.60 -10.77
N VAL A 15 0.58 -1.71 -10.02
CA VAL A 15 1.64 -2.74 -10.06
C VAL A 15 1.09 -4.14 -9.76
N ARG A 16 1.75 -5.16 -10.29
CA ARG A 16 1.33 -6.55 -10.08
C ARG A 16 2.39 -7.32 -9.28
N VAL A 17 1.95 -8.00 -8.21
CA VAL A 17 2.86 -8.78 -7.37
C VAL A 17 2.54 -10.27 -7.47
N GLU A 18 3.51 -11.06 -7.92
CA GLU A 18 3.33 -12.50 -8.08
C GLU A 18 3.79 -13.26 -6.83
N LYS A 19 2.88 -14.02 -6.22
CA LYS A 19 3.20 -14.80 -5.04
C LYS A 19 4.11 -15.98 -5.40
N ASP A 20 5.32 -15.98 -4.87
CA ASP A 20 6.28 -17.06 -5.13
C ASP A 20 7.57 -16.86 -4.32
N PRO A 21 7.59 -17.25 -3.01
CA PRO A 21 6.48 -17.86 -2.27
C PRO A 21 5.49 -16.84 -1.69
N GLU A 22 5.95 -15.61 -1.47
CA GLU A 22 5.08 -14.56 -0.91
C GLU A 22 5.26 -13.21 -1.62
N LEU A 23 4.52 -12.21 -1.15
CA LEU A 23 4.58 -10.87 -1.73
C LEU A 23 5.98 -10.27 -1.59
N GLY A 24 6.44 -10.11 -0.35
CA GLY A 24 7.76 -9.54 -0.12
C GLY A 24 7.73 -8.14 0.46
N PHE A 25 6.62 -7.74 1.08
CA PHE A 25 6.51 -6.41 1.69
C PHE A 25 5.54 -6.41 2.86
N SER A 26 5.73 -5.45 3.77
CA SER A 26 4.89 -5.33 4.97
C SER A 26 3.98 -4.10 4.90
N ILE A 27 2.83 -4.19 5.56
CA ILE A 27 1.85 -3.10 5.59
C ILE A 27 1.58 -2.62 7.01
N SER A 28 1.22 -1.35 7.16
CA SER A 28 0.93 -0.78 8.48
C SER A 28 -0.10 0.35 8.38
N GLY A 29 -0.70 0.71 9.51
CA GLY A 29 -1.69 1.79 9.54
C GLY A 29 -3.06 1.35 10.04
N GLY A 30 -3.91 0.89 9.12
CA GLY A 30 -5.24 0.45 9.48
C GLY A 30 -6.12 1.60 9.98
N VAL A 31 -6.89 1.33 11.04
CA VAL A 31 -7.76 2.35 11.62
C VAL A 31 -7.60 2.42 13.14
N GLY A 32 -6.37 2.69 13.59
CA GLY A 32 -6.10 2.83 15.01
C GLY A 32 -5.65 1.55 15.71
N GLY A 33 -5.70 0.41 15.01
CA GLY A 33 -5.31 -0.85 15.64
C GLY A 33 -3.88 -1.26 15.32
N ARG A 34 -3.02 -0.29 15.03
CA ARG A 34 -1.61 -0.54 14.74
C ARG A 34 -0.86 0.80 14.62
N GLY A 35 -1.49 1.76 13.96
CA GLY A 35 -0.89 3.07 13.78
C GLY A 35 0.26 3.08 12.79
N ASN A 36 0.40 4.19 12.07
CA ASN A 36 1.47 4.33 11.08
C ASN A 36 2.32 5.56 11.37
N PRO A 37 3.67 5.48 11.26
CA PRO A 37 4.56 6.60 11.55
C PRO A 37 4.87 7.46 10.32
N PHE A 38 3.98 7.43 9.33
CA PHE A 38 4.18 8.22 8.11
C PHE A 38 3.21 9.39 8.06
N ARG A 39 1.92 9.10 8.22
CA ARG A 39 0.87 10.14 8.20
C ARG A 39 0.13 10.16 9.54
N PRO A 40 -0.10 11.34 10.15
CA PRO A 40 -0.80 11.44 11.43
C PRO A 40 -2.31 11.47 11.29
N ASP A 41 -2.81 12.28 10.36
CA ASP A 41 -4.25 12.39 10.14
C ASP A 41 -4.78 11.36 9.13
N ASP A 42 -3.88 10.65 8.43
CA ASP A 42 -4.31 9.65 7.45
C ASP A 42 -4.23 8.25 8.04
N ASP A 43 -5.37 7.57 8.13
CA ASP A 43 -5.42 6.22 8.68
C ASP A 43 -5.64 5.18 7.56
N GLY A 44 -4.64 5.05 6.69
CA GLY A 44 -4.74 4.10 5.59
C GLY A 44 -3.71 2.99 5.70
N ILE A 45 -3.18 2.55 4.56
CA ILE A 45 -2.18 1.48 4.54
C ILE A 45 -0.93 1.93 3.79
N PHE A 46 0.23 1.77 4.43
CA PHE A 46 1.51 2.17 3.82
C PHE A 46 2.47 0.97 3.72
N VAL A 47 3.30 0.97 2.67
CA VAL A 47 4.26 -0.10 2.44
C VAL A 47 5.62 0.22 3.08
N THR A 48 5.66 0.17 4.41
CA THR A 48 6.86 0.48 5.21
C THR A 48 8.20 0.06 4.58
N ARG A 49 8.36 -1.22 4.19
CA ARG A 49 9.62 -1.67 3.60
C ARG A 49 9.47 -2.97 2.79
N VAL A 50 10.53 -3.30 2.04
CA VAL A 50 10.56 -4.52 1.21
C VAL A 50 11.80 -5.36 1.56
N GLN A 51 11.69 -6.68 1.39
CA GLN A 51 12.81 -7.58 1.69
C GLN A 51 13.52 -8.10 0.43
N PRO A 52 12.87 -8.97 -0.39
CA PRO A 52 13.49 -9.51 -1.61
C PRO A 52 13.42 -8.54 -2.78
N GLU A 53 14.58 -8.18 -3.33
CA GLU A 53 14.64 -7.26 -4.45
C GLU A 53 14.22 -7.95 -5.75
N GLY A 54 12.94 -8.31 -5.85
CA GLY A 54 12.43 -8.97 -7.04
C GLY A 54 10.92 -8.82 -7.23
N PRO A 55 10.08 -9.40 -6.35
CA PRO A 55 8.62 -9.31 -6.50
C PRO A 55 8.09 -7.86 -6.49
N ALA A 56 8.00 -7.26 -5.30
CA ALA A 56 7.50 -5.89 -5.18
C ALA A 56 8.57 -4.93 -4.62
N SER A 57 9.72 -4.92 -5.28
CA SER A 57 10.81 -4.04 -4.87
C SER A 57 10.96 -2.92 -5.89
N LYS A 58 11.34 -3.30 -7.10
CA LYS A 58 11.48 -2.35 -8.19
C LYS A 58 10.12 -1.72 -8.58
N LEU A 59 9.01 -2.33 -8.12
CA LEU A 59 7.67 -1.81 -8.43
C LEU A 59 7.20 -0.86 -7.33
N LEU A 60 7.15 -1.36 -6.09
CA LEU A 60 6.71 -0.57 -4.96
C LEU A 60 7.90 0.04 -4.21
N GLN A 61 7.70 1.24 -3.66
CA GLN A 61 8.75 1.93 -2.91
C GLN A 61 8.27 2.29 -1.50
N PRO A 62 9.17 2.27 -0.48
CA PRO A 62 8.79 2.57 0.92
C PRO A 62 8.19 3.97 1.10
N GLY A 63 7.01 4.03 1.72
CA GLY A 63 6.36 5.30 1.97
C GLY A 63 5.16 5.59 1.07
N ASP A 64 4.71 4.59 0.29
CA ASP A 64 3.56 4.78 -0.59
C ASP A 64 2.26 4.34 0.08
N LYS A 65 1.17 5.02 -0.26
CA LYS A 65 -0.14 4.71 0.30
C LYS A 65 -0.95 3.86 -0.68
N ILE A 66 -1.56 2.79 -0.17
CA ILE A 66 -2.36 1.89 -1.00
C ILE A 66 -3.81 2.36 -1.06
N ILE A 67 -4.30 2.67 -2.25
CA ILE A 67 -5.66 3.16 -2.43
C ILE A 67 -6.66 2.02 -2.65
N GLN A 68 -6.26 1.00 -3.40
CA GLN A 68 -7.15 -0.13 -3.68
C GLN A 68 -6.37 -1.40 -4.02
N ALA A 69 -7.01 -2.55 -3.77
CA ALA A 69 -6.40 -3.84 -4.04
C ALA A 69 -7.44 -4.82 -4.59
N ASN A 70 -7.16 -5.39 -5.78
CA ASN A 70 -8.05 -6.37 -6.42
C ASN A 70 -9.54 -6.00 -6.34
N GLY A 71 -9.84 -4.72 -6.55
CA GLY A 71 -11.22 -4.27 -6.50
C GLY A 71 -11.73 -3.93 -5.10
N TYR A 72 -10.87 -4.09 -4.07
CA TYR A 72 -11.27 -3.80 -2.69
C TYR A 72 -10.58 -2.53 -2.19
N SER A 73 -11.38 -1.56 -1.74
CA SER A 73 -10.84 -0.31 -1.23
C SER A 73 -10.14 -0.52 0.12
N PHE A 74 -8.93 0.00 0.25
CA PHE A 74 -8.16 -0.15 1.48
C PHE A 74 -8.20 1.10 2.35
N ILE A 75 -9.20 1.97 2.14
CA ILE A 75 -9.31 3.19 2.93
C ILE A 75 -10.21 2.97 4.14
N ASN A 76 -9.67 3.19 5.33
CA ASN A 76 -10.42 3.00 6.57
C ASN A 76 -10.85 1.54 6.72
N ILE A 77 -9.91 0.68 7.06
CA ILE A 77 -10.18 -0.74 7.25
C ILE A 77 -9.30 -1.33 8.34
N GLU A 78 -9.81 -2.34 9.02
CA GLU A 78 -9.07 -3.00 10.09
C GLU A 78 -7.88 -3.77 9.54
N HIS A 79 -6.74 -3.64 10.23
CA HIS A 79 -5.47 -4.30 9.82
C HIS A 79 -5.68 -5.76 9.39
N GLY A 80 -6.44 -6.52 10.18
CA GLY A 80 -6.69 -7.91 9.85
C GLY A 80 -7.37 -8.07 8.50
N GLN A 81 -8.13 -7.07 8.10
CA GLN A 81 -8.83 -7.10 6.82
C GLN A 81 -7.85 -6.93 5.66
N ALA A 82 -6.94 -5.97 5.82
CA ALA A 82 -5.94 -5.69 4.79
C ALA A 82 -4.97 -6.86 4.64
N VAL A 83 -4.61 -7.47 5.76
CA VAL A 83 -3.68 -8.60 5.75
C VAL A 83 -4.37 -9.86 5.23
N SER A 84 -5.60 -10.08 5.68
CA SER A 84 -6.38 -11.25 5.27
C SER A 84 -6.64 -11.23 3.77
N LEU A 85 -6.98 -10.05 3.25
CA LEU A 85 -7.27 -9.89 1.83
C LEU A 85 -6.04 -10.16 0.97
N LEU A 86 -4.91 -9.58 1.37
CA LEU A 86 -3.66 -9.73 0.63
C LEU A 86 -3.15 -11.16 0.66
N LYS A 87 -3.43 -11.87 1.75
CA LYS A 87 -2.97 -13.25 1.90
C LYS A 87 -3.81 -14.23 1.07
N THR A 88 -5.11 -13.96 0.96
CA THR A 88 -6.02 -14.84 0.24
C THR A 88 -5.87 -14.72 -1.28
N PHE A 89 -5.44 -13.54 -1.77
CA PHE A 89 -5.28 -13.31 -3.22
C PHE A 89 -4.44 -14.41 -3.89
N GLN A 90 -4.73 -14.68 -5.16
CA GLN A 90 -4.04 -15.70 -5.93
C GLN A 90 -2.54 -15.33 -6.15
N ASN A 91 -1.98 -15.51 -7.36
CA ASN A 91 -0.57 -15.19 -7.60
C ASN A 91 -0.33 -13.70 -7.83
N THR A 92 -0.78 -13.19 -8.97
CA THR A 92 -0.59 -11.77 -9.31
C THR A 92 -1.60 -10.89 -8.56
N VAL A 93 -1.08 -9.88 -7.87
CA VAL A 93 -1.92 -8.95 -7.13
C VAL A 93 -1.79 -7.53 -7.68
N GLU A 94 -2.88 -7.03 -8.24
CA GLU A 94 -2.89 -5.68 -8.80
C GLU A 94 -3.29 -4.65 -7.75
N LEU A 95 -2.34 -3.81 -7.36
CA LEU A 95 -2.58 -2.79 -6.34
C LEU A 95 -2.52 -1.38 -6.92
N ILE A 96 -3.28 -0.47 -6.31
CA ILE A 96 -3.31 0.92 -6.73
C ILE A 96 -2.55 1.80 -5.71
N ILE A 97 -1.53 2.52 -6.18
CA ILE A 97 -0.74 3.37 -5.29
C ILE A 97 -0.61 4.79 -5.84
N VAL A 98 -0.21 5.72 -4.96
CA VAL A 98 -0.04 7.11 -5.36
C VAL A 98 1.03 7.81 -4.52
N ARG A 99 1.60 8.88 -5.08
CA ARG A 99 2.61 9.67 -4.37
C ARG A 99 2.05 11.05 -4.03
N GLU A 100 2.04 11.38 -2.75
CA GLU A 100 1.51 12.67 -2.30
C GLU A 100 2.43 13.81 -2.73
N VAL A 101 2.00 14.55 -3.75
CA VAL A 101 2.77 15.68 -4.26
C VAL A 101 1.97 16.98 -4.12
N SER A 102 2.56 17.97 -3.44
CA SER A 102 1.89 19.26 -3.24
C SER A 102 2.63 20.38 -3.98
N SER A 103 1.89 21.14 -4.78
CA SER A 103 2.48 22.25 -5.52
C SER A 103 2.26 23.58 -4.81
N THR B 1 6.98 -1.75 19.25
CA THR B 1 7.71 -2.61 18.29
C THR B 1 6.80 -3.70 17.71
N GLY B 2 5.75 -3.27 17.02
CA GLY B 2 4.81 -4.21 16.42
C GLY B 2 3.68 -3.52 15.66
N TRP B 3 4.04 -2.77 14.63
CA TRP B 3 3.05 -2.05 13.82
C TRP B 3 3.17 -2.40 12.32
N GLU B 4 3.88 -3.49 11.99
CA GLU B 4 4.04 -3.89 10.60
C GLU B 4 3.92 -5.40 10.44
N THR B 5 3.18 -5.83 9.43
CA THR B 5 2.97 -7.25 9.16
C THR B 5 3.39 -7.59 7.74
N TRP B 6 4.32 -8.54 7.62
CA TRP B 6 4.82 -8.96 6.31
C TRP B 6 3.82 -9.90 5.64
N VAL B 7 3.15 -9.40 4.61
CA VAL B 7 2.17 -10.19 3.87
C VAL B 7 2.85 -11.08 2.83
N GLY A 1 1.00 14.29 -31.27
CA GLY A 1 -0.05 15.33 -31.19
C GLY A 1 -1.20 14.93 -30.29
N SER A 2 -0.88 14.61 -29.04
CA SER A 2 -1.90 14.21 -28.07
C SER A 2 -1.47 14.55 -26.64
N HIS A 3 -0.38 13.94 -26.20
CA HIS A 3 0.14 14.18 -24.84
C HIS A 3 1.59 14.63 -24.90
N MET A 4 1.95 15.57 -24.03
CA MET A 4 3.31 16.09 -23.97
C MET A 4 3.74 16.34 -22.53
N GLY A 5 2.87 17.00 -21.76
CA GLY A 5 3.17 17.28 -20.37
C GLY A 5 2.73 18.68 -19.95
N HIS A 6 1.86 18.75 -18.96
CA HIS A 6 1.36 20.04 -18.47
C HIS A 6 0.83 19.90 -17.05
N GLU A 7 -0.01 18.89 -16.82
CA GLU A 7 -0.60 18.66 -15.50
C GLU A 7 0.34 17.82 -14.63
N LEU A 8 0.81 18.41 -13.54
CA LEU A 8 1.71 17.72 -12.61
C LEU A 8 1.14 17.73 -11.20
N ALA A 9 0.65 16.58 -10.75
CA ALA A 9 0.06 16.47 -9.41
C ALA A 9 -0.19 15.00 -9.03
N LYS A 10 -1.04 14.76 -8.04
CA LYS A 10 -1.36 13.40 -7.56
C LYS A 10 -1.74 12.45 -8.71
N GLN A 11 -0.92 11.43 -8.94
CA GLN A 11 -1.16 10.45 -9.99
C GLN A 11 -1.61 9.11 -9.40
N GLU A 12 -1.96 8.15 -10.27
CA GLU A 12 -2.40 6.84 -9.81
C GLU A 12 -1.88 5.73 -10.74
N ILE A 13 -0.85 5.02 -10.28
CA ILE A 13 -0.24 3.94 -11.06
C ILE A 13 -0.57 2.56 -10.48
N ARG A 14 -0.38 1.53 -11.31
CA ARG A 14 -0.66 0.14 -10.91
C ARG A 14 0.60 -0.72 -10.90
N VAL A 15 0.59 -1.76 -10.08
CA VAL A 15 1.72 -2.68 -9.98
C VAL A 15 1.24 -4.11 -9.76
N ARG A 16 1.94 -5.08 -10.35
CA ARG A 16 1.57 -6.49 -10.23
C ARG A 16 2.66 -7.29 -9.51
N VAL A 17 2.25 -8.07 -8.50
CA VAL A 17 3.19 -8.89 -7.73
C VAL A 17 2.80 -10.36 -7.77
N GLU A 18 3.73 -11.22 -8.18
CA GLU A 18 3.46 -12.65 -8.25
C GLU A 18 3.88 -13.35 -6.95
N LYS A 19 2.91 -13.98 -6.30
CA LYS A 19 3.16 -14.68 -5.05
C LYS A 19 3.98 -15.95 -5.29
N ASP A 20 5.16 -16.02 -4.68
CA ASP A 20 6.03 -17.18 -4.82
C ASP A 20 7.27 -17.06 -3.92
N PRO A 21 7.18 -17.42 -2.60
CA PRO A 21 5.97 -17.94 -1.95
C PRO A 21 5.04 -16.83 -1.40
N GLU A 22 5.58 -15.62 -1.23
CA GLU A 22 4.79 -14.51 -0.72
C GLU A 22 5.00 -13.24 -1.55
N LEU A 23 4.35 -12.16 -1.14
CA LEU A 23 4.45 -10.88 -1.84
C LEU A 23 5.88 -10.33 -1.74
N GLY A 24 6.36 -10.16 -0.51
CA GLY A 24 7.71 -9.66 -0.29
C GLY A 24 7.75 -8.23 0.23
N PHE A 25 6.75 -7.85 1.02
CA PHE A 25 6.71 -6.50 1.58
C PHE A 25 5.73 -6.41 2.75
N SER A 26 5.99 -5.49 3.67
CA SER A 26 5.13 -5.31 4.84
C SER A 26 4.24 -4.08 4.71
N ILE A 27 3.07 -4.13 5.34
CA ILE A 27 2.13 -3.03 5.31
C ILE A 27 1.89 -2.49 6.72
N SER A 28 1.71 -1.17 6.82
CA SER A 28 1.48 -0.53 8.12
C SER A 28 0.27 0.40 8.06
N GLY A 29 -0.31 0.68 9.22
CA GLY A 29 -1.46 1.56 9.29
C GLY A 29 -2.75 0.80 9.57
N GLY A 30 -3.88 1.40 9.19
CA GLY A 30 -5.17 0.77 9.42
C GLY A 30 -6.00 1.50 10.45
N VAL A 31 -7.31 1.46 10.27
CA VAL A 31 -8.23 2.12 11.20
C VAL A 31 -8.44 1.28 12.45
N GLY A 32 -7.76 1.65 13.53
CA GLY A 32 -7.88 0.92 14.78
C GLY A 32 -6.82 -0.16 14.99
N GLY A 33 -5.87 -0.30 14.04
CA GLY A 33 -4.83 -1.32 14.18
C GLY A 33 -3.62 -0.83 14.95
N ARG A 34 -2.47 -1.44 14.69
CA ARG A 34 -1.24 -1.07 15.37
C ARG A 34 -0.83 0.38 15.05
N GLY A 35 -1.30 0.92 13.94
CA GLY A 35 -0.97 2.30 13.58
C GLY A 35 0.25 2.39 12.67
N ASN A 36 0.39 3.51 11.97
CA ASN A 36 1.52 3.74 11.07
C ASN A 36 2.39 4.89 11.58
N PRO A 37 3.75 4.74 11.55
CA PRO A 37 4.64 5.79 12.04
C PRO A 37 5.03 6.81 10.97
N PHE A 38 4.32 6.83 9.83
CA PHE A 38 4.61 7.77 8.76
C PHE A 38 3.66 8.96 8.79
N ARG A 39 2.38 8.68 9.03
CA ARG A 39 1.36 9.73 9.09
C ARG A 39 0.59 9.67 10.41
N PRO A 40 0.32 10.83 11.08
CA PRO A 40 -0.38 10.85 12.36
C PRO A 40 -1.90 10.87 12.20
N ASP A 41 -2.40 11.70 11.29
CA ASP A 41 -3.84 11.82 11.07
C ASP A 41 -4.34 10.90 9.95
N ASP A 42 -3.43 10.25 9.21
CA ASP A 42 -3.83 9.34 8.13
C ASP A 42 -3.86 7.90 8.63
N ASP A 43 -5.03 7.29 8.60
CA ASP A 43 -5.19 5.91 9.07
C ASP A 43 -5.34 4.93 7.91
N GLY A 44 -4.58 5.18 6.84
CA GLY A 44 -4.62 4.29 5.68
C GLY A 44 -3.57 3.20 5.76
N ILE A 45 -3.06 2.77 4.61
CA ILE A 45 -2.04 1.72 4.56
C ILE A 45 -0.82 2.19 3.77
N PHE A 46 0.36 1.83 4.25
CA PHE A 46 1.61 2.22 3.60
C PHE A 46 2.61 1.06 3.56
N VAL A 47 3.46 1.04 2.55
CA VAL A 47 4.47 -0.02 2.40
C VAL A 47 5.77 0.36 3.11
N THR A 48 5.75 0.30 4.44
CA THR A 48 6.91 0.66 5.29
C THR A 48 8.29 0.27 4.71
N ARG A 49 8.48 -1.00 4.33
CA ARG A 49 9.77 -1.43 3.78
C ARG A 49 9.65 -2.74 3.00
N VAL A 50 10.75 -3.12 2.34
CA VAL A 50 10.81 -4.35 1.55
C VAL A 50 12.01 -5.20 1.97
N GLN A 51 11.88 -6.53 1.89
CA GLN A 51 12.96 -7.43 2.26
C GLN A 51 13.67 -7.98 1.01
N PRO A 52 13.01 -8.86 0.21
CA PRO A 52 13.63 -9.41 -1.00
C PRO A 52 13.54 -8.43 -2.18
N GLU A 53 14.69 -7.95 -2.63
CA GLU A 53 14.72 -7.01 -3.75
C GLU A 53 14.46 -7.72 -5.08
N GLY A 54 13.23 -8.20 -5.26
CA GLY A 54 12.86 -8.91 -6.48
C GLY A 54 11.39 -8.76 -6.85
N PRO A 55 10.45 -9.41 -6.12
CA PRO A 55 9.02 -9.34 -6.44
C PRO A 55 8.46 -7.91 -6.42
N ALA A 56 8.20 -7.37 -5.23
CA ALA A 56 7.66 -6.02 -5.11
C ALA A 56 8.73 -5.03 -4.61
N SER A 57 9.88 -5.06 -5.26
CA SER A 57 10.98 -4.17 -4.90
C SER A 57 11.03 -3.00 -5.87
N LYS A 58 11.26 -3.31 -7.15
CA LYS A 58 11.31 -2.28 -8.17
C LYS A 58 9.92 -1.73 -8.52
N LEU A 59 8.84 -2.33 -7.98
CA LEU A 59 7.49 -1.85 -8.26
C LEU A 59 7.03 -0.85 -7.21
N LEU A 60 7.02 -1.30 -5.95
CA LEU A 60 6.59 -0.45 -4.84
C LEU A 60 7.78 0.25 -4.20
N GLN A 61 7.57 1.50 -3.78
CA GLN A 61 8.62 2.28 -3.14
C GLN A 61 8.27 2.53 -1.66
N PRO A 62 9.26 2.48 -0.73
CA PRO A 62 8.99 2.69 0.70
C PRO A 62 8.34 4.04 0.98
N GLY A 63 7.15 4.00 1.61
CA GLY A 63 6.46 5.23 1.95
C GLY A 63 5.29 5.56 1.02
N ASP A 64 4.83 4.58 0.25
CA ASP A 64 3.72 4.79 -0.66
C ASP A 64 2.39 4.40 -0.01
N LYS A 65 1.32 5.11 -0.38
CA LYS A 65 0.00 4.84 0.18
C LYS A 65 -0.81 3.94 -0.75
N ILE A 66 -1.49 2.94 -0.17
CA ILE A 66 -2.31 2.02 -0.95
C ILE A 66 -3.77 2.46 -0.95
N ILE A 67 -4.33 2.66 -2.14
CA ILE A 67 -5.72 3.12 -2.27
C ILE A 67 -6.67 1.96 -2.58
N GLN A 68 -6.25 1.05 -3.46
CA GLN A 68 -7.08 -0.09 -3.83
C GLN A 68 -6.27 -1.34 -4.14
N ALA A 69 -6.88 -2.50 -3.89
CA ALA A 69 -6.23 -3.78 -4.15
C ALA A 69 -7.20 -4.78 -4.76
N ASN A 70 -6.86 -5.31 -5.95
CA ASN A 70 -7.69 -6.30 -6.65
C ASN A 70 -9.19 -5.93 -6.68
N GLY A 71 -9.46 -4.62 -6.63
CA GLY A 71 -10.84 -4.16 -6.64
C GLY A 71 -11.40 -3.89 -5.25
N TYR A 72 -10.54 -3.83 -4.22
CA TYR A 72 -10.99 -3.58 -2.86
C TYR A 72 -10.41 -2.26 -2.34
N SER A 73 -11.29 -1.35 -1.94
CA SER A 73 -10.85 -0.06 -1.42
C SER A 73 -10.18 -0.23 -0.07
N PHE A 74 -8.94 0.25 0.05
CA PHE A 74 -8.18 0.13 1.29
C PHE A 74 -8.33 1.38 2.17
N ILE A 75 -9.37 2.17 1.95
CA ILE A 75 -9.58 3.39 2.74
C ILE A 75 -10.59 3.15 3.88
N ASN A 76 -10.28 3.71 5.06
CA ASN A 76 -11.14 3.56 6.24
C ASN A 76 -11.26 2.09 6.70
N ILE A 77 -10.31 1.25 6.30
CA ILE A 77 -10.35 -0.17 6.65
C ILE A 77 -9.47 -0.52 7.86
N GLU A 78 -9.72 -1.71 8.41
CA GLU A 78 -8.97 -2.19 9.57
C GLU A 78 -7.68 -2.88 9.14
N HIS A 79 -6.64 -2.76 9.98
CA HIS A 79 -5.32 -3.36 9.70
C HIS A 79 -5.43 -4.83 9.27
N GLY A 80 -6.17 -5.63 10.04
CA GLY A 80 -6.34 -7.03 9.73
C GLY A 80 -7.01 -7.23 8.38
N GLN A 81 -7.85 -6.27 7.98
CA GLN A 81 -8.56 -6.34 6.71
C GLN A 81 -7.58 -6.27 5.54
N ALA A 82 -6.63 -5.34 5.61
CA ALA A 82 -5.64 -5.17 4.56
C ALA A 82 -4.70 -6.37 4.47
N VAL A 83 -4.35 -6.92 5.63
CA VAL A 83 -3.45 -8.07 5.68
C VAL A 83 -4.17 -9.33 5.22
N SER A 84 -5.41 -9.50 5.68
CA SER A 84 -6.22 -10.67 5.31
C SER A 84 -6.49 -10.69 3.81
N LEU A 85 -6.89 -9.55 3.26
CA LEU A 85 -7.21 -9.44 1.84
C LEU A 85 -6.00 -9.81 0.97
N LEU A 86 -4.86 -9.20 1.25
CA LEU A 86 -3.65 -9.44 0.47
C LEU A 86 -3.20 -10.89 0.57
N LYS A 87 -3.44 -11.52 1.72
CA LYS A 87 -3.02 -12.89 1.94
C LYS A 87 -3.93 -13.89 1.24
N THR A 88 -5.23 -13.63 1.22
CA THR A 88 -6.19 -14.54 0.60
C THR A 88 -6.13 -14.52 -0.94
N PHE A 89 -5.76 -13.36 -1.53
CA PHE A 89 -5.70 -13.23 -3.00
C PHE A 89 -4.95 -14.39 -3.67
N GLN A 90 -5.01 -14.42 -5.01
CA GLN A 90 -4.37 -15.49 -5.78
C GLN A 90 -2.84 -15.24 -5.88
N ASN A 91 -2.20 -15.59 -7.02
CA ASN A 91 -0.76 -15.40 -7.17
C ASN A 91 -0.45 -13.94 -7.50
N THR A 92 -0.84 -13.52 -8.70
CA THR A 92 -0.60 -12.16 -9.15
C THR A 92 -1.54 -11.18 -8.46
N VAL A 93 -0.96 -10.22 -7.74
CA VAL A 93 -1.75 -9.22 -7.01
C VAL A 93 -1.55 -7.83 -7.60
N GLU A 94 -2.61 -7.27 -8.16
CA GLU A 94 -2.56 -5.94 -8.76
C GLU A 94 -3.01 -4.88 -7.76
N LEU A 95 -2.06 -4.10 -7.25
CA LEU A 95 -2.37 -3.07 -6.27
C LEU A 95 -2.37 -1.68 -6.90
N ILE A 96 -3.17 -0.79 -6.33
CA ILE A 96 -3.26 0.59 -6.81
C ILE A 96 -2.56 1.53 -5.82
N ILE A 97 -1.57 2.27 -6.30
CA ILE A 97 -0.82 3.19 -5.43
C ILE A 97 -0.79 4.62 -5.98
N VAL A 98 -0.45 5.56 -5.12
CA VAL A 98 -0.40 6.97 -5.48
C VAL A 98 0.85 7.65 -4.89
N ARG A 99 1.42 8.59 -5.65
CA ARG A 99 2.59 9.32 -5.20
C ARG A 99 2.23 10.79 -4.97
N GLU A 100 2.21 11.20 -3.70
CA GLU A 100 1.86 12.57 -3.33
C GLU A 100 2.79 13.58 -3.98
N VAL A 101 2.23 14.75 -4.33
CA VAL A 101 3.00 15.82 -4.95
C VAL A 101 3.23 16.97 -3.96
N SER A 102 4.46 17.11 -3.50
CA SER A 102 4.81 18.16 -2.54
C SER A 102 5.59 19.29 -3.20
N SER A 103 5.26 19.59 -4.46
CA SER A 103 5.92 20.65 -5.19
C SER A 103 5.35 22.01 -4.83
N THR B 1 10.00 -7.40 18.78
CA THR B 1 9.86 -5.97 18.39
C THR B 1 9.45 -5.85 16.93
N GLY B 2 8.27 -5.28 16.69
CA GLY B 2 7.78 -5.11 15.33
C GLY B 2 6.33 -4.67 15.28
N TRP B 3 6.09 -3.52 14.66
CA TRP B 3 4.73 -2.98 14.53
C TRP B 3 4.13 -3.26 13.14
N GLU B 4 4.98 -3.58 12.15
CA GLU B 4 4.49 -3.86 10.80
C GLU B 4 4.17 -5.35 10.64
N THR B 5 3.40 -5.66 9.60
CA THR B 5 3.02 -7.05 9.32
C THR B 5 3.42 -7.42 7.89
N TRP B 6 4.33 -8.38 7.77
CA TRP B 6 4.81 -8.82 6.46
C TRP B 6 3.81 -9.78 5.82
N VAL B 7 3.21 -9.34 4.72
CA VAL B 7 2.23 -10.15 4.00
C VAL B 7 2.92 -11.13 3.06
N GLY A 1 8.72 9.39 -18.33
CA GLY A 1 7.92 10.06 -17.27
C GLY A 1 7.85 11.56 -17.45
N SER A 2 6.92 12.02 -18.27
CA SER A 2 6.75 13.44 -18.53
C SER A 2 5.29 13.78 -18.81
N HIS A 3 4.39 13.06 -18.16
CA HIS A 3 2.96 13.28 -18.35
C HIS A 3 2.48 14.45 -17.48
N MET A 4 1.55 15.24 -18.01
CA MET A 4 1.02 16.38 -17.29
C MET A 4 -0.48 16.53 -17.56
N GLY A 5 -1.29 16.18 -16.56
CA GLY A 5 -2.74 16.27 -16.71
C GLY A 5 -3.26 17.66 -16.43
N HIS A 6 -4.58 17.81 -16.48
CA HIS A 6 -5.22 19.10 -16.24
C HIS A 6 -5.46 19.33 -14.75
N GLU A 7 -5.79 18.25 -14.04
CA GLU A 7 -6.05 18.33 -12.61
C GLU A 7 -4.77 18.64 -11.83
N LEU A 8 -4.88 18.61 -10.50
CA LEU A 8 -3.73 18.88 -9.65
C LEU A 8 -2.65 17.81 -9.84
N ALA A 9 -1.42 18.15 -9.46
CA ALA A 9 -0.29 17.24 -9.59
C ALA A 9 -0.41 16.06 -8.62
N LYS A 10 -0.31 14.86 -9.16
CA LYS A 10 -0.39 13.63 -8.37
C LYS A 10 -0.12 12.40 -9.23
N GLN A 11 0.84 11.60 -8.80
CA GLN A 11 1.25 10.41 -9.57
C GLN A 11 0.44 9.17 -9.21
N GLU A 12 -0.64 8.94 -9.95
CA GLU A 12 -1.50 7.78 -9.73
C GLU A 12 -1.11 6.67 -10.69
N ILE A 13 -0.79 5.49 -10.15
CA ILE A 13 -0.40 4.35 -10.99
C ILE A 13 -0.74 3.01 -10.36
N ARG A 14 -0.69 1.95 -11.17
CA ARG A 14 -1.00 0.60 -10.71
C ARG A 14 0.26 -0.29 -10.80
N VAL A 15 0.26 -1.38 -10.03
CA VAL A 15 1.39 -2.32 -10.04
C VAL A 15 0.90 -3.76 -9.86
N ARG A 16 1.58 -4.69 -10.51
CA ARG A 16 1.21 -6.10 -10.44
C ARG A 16 2.22 -6.90 -9.60
N VAL A 17 1.75 -7.41 -8.46
CA VAL A 17 2.61 -8.20 -7.57
C VAL A 17 2.20 -9.67 -7.56
N GLU A 18 3.10 -10.53 -7.98
CA GLU A 18 2.84 -11.97 -8.02
C GLU A 18 3.44 -12.66 -6.80
N LYS A 19 2.63 -13.43 -6.10
CA LYS A 19 3.09 -14.15 -4.91
C LYS A 19 3.77 -15.46 -5.27
N ASP A 20 5.01 -15.61 -4.81
CA ASP A 20 5.80 -16.81 -5.07
C ASP A 20 7.12 -16.78 -4.29
N PRO A 21 7.14 -17.23 -3.00
CA PRO A 21 5.98 -17.76 -2.25
C PRO A 21 5.09 -16.68 -1.65
N GLU A 22 5.62 -15.47 -1.48
CA GLU A 22 4.86 -14.36 -0.90
C GLU A 22 5.08 -13.07 -1.67
N LEU A 23 4.45 -11.99 -1.20
CA LEU A 23 4.57 -10.69 -1.84
C LEU A 23 5.99 -10.15 -1.70
N GLY A 24 6.50 -10.12 -0.46
CA GLY A 24 7.84 -9.65 -0.22
C GLY A 24 7.91 -8.28 0.43
N PHE A 25 6.87 -7.89 1.17
CA PHE A 25 6.84 -6.59 1.85
C PHE A 25 5.88 -6.61 3.04
N SER A 26 5.92 -5.54 3.84
CA SER A 26 5.07 -5.42 5.01
C SER A 26 4.16 -4.20 4.92
N ILE A 27 3.02 -4.26 5.60
CA ILE A 27 2.06 -3.16 5.60
C ILE A 27 1.83 -2.64 7.01
N SER A 28 1.54 -1.35 7.12
CA SER A 28 1.30 -0.73 8.43
C SER A 28 0.16 0.29 8.34
N GLY A 29 -0.45 0.57 9.49
CA GLY A 29 -1.54 1.54 9.54
C GLY A 29 -2.89 0.88 9.72
N GLY A 30 -3.93 1.49 9.16
CA GLY A 30 -5.27 0.95 9.28
C GLY A 30 -6.09 1.66 10.34
N VAL A 31 -7.40 1.70 10.17
CA VAL A 31 -8.29 2.35 11.12
C VAL A 31 -8.53 1.44 12.32
N GLY A 32 -7.80 1.70 13.40
CA GLY A 32 -7.94 0.90 14.61
C GLY A 32 -6.79 -0.09 14.82
N GLY A 33 -5.89 -0.22 13.83
CA GLY A 33 -4.77 -1.14 13.96
C GLY A 33 -3.72 -0.62 14.92
N ARG A 34 -2.46 -0.96 14.67
CA ARG A 34 -1.35 -0.54 15.53
C ARG A 34 -0.76 0.82 15.10
N GLY A 35 -1.49 1.58 14.28
CA GLY A 35 -1.01 2.88 13.84
C GLY A 35 0.25 2.82 13.01
N ASN A 36 0.63 3.95 12.43
CA ASN A 36 1.83 4.04 11.60
C ASN A 36 2.58 5.35 11.86
N PRO A 37 3.93 5.35 11.84
CA PRO A 37 4.73 6.55 12.11
C PRO A 37 5.08 7.33 10.84
N PHE A 38 4.24 7.22 9.81
CA PHE A 38 4.48 7.94 8.55
C PHE A 38 3.57 9.15 8.44
N ARG A 39 2.26 8.94 8.63
CA ARG A 39 1.28 10.02 8.55
C ARG A 39 0.54 10.17 9.88
N PRO A 40 0.30 11.41 10.37
CA PRO A 40 -0.38 11.63 11.64
C PRO A 40 -1.90 11.64 11.53
N ASP A 41 -2.42 12.35 10.53
CA ASP A 41 -3.86 12.45 10.32
C ASP A 41 -4.41 11.35 9.40
N ASP A 42 -3.53 10.61 8.71
CA ASP A 42 -3.98 9.54 7.82
C ASP A 42 -3.66 8.17 8.43
N ASP A 43 -4.70 7.36 8.59
CA ASP A 43 -4.54 6.02 9.16
C ASP A 43 -4.74 4.93 8.09
N GLY A 44 -4.27 5.23 6.88
CA GLY A 44 -4.39 4.27 5.79
C GLY A 44 -3.33 3.19 5.85
N ILE A 45 -3.06 2.55 4.71
CA ILE A 45 -2.05 1.49 4.64
C ILE A 45 -0.82 1.94 3.86
N PHE A 46 0.35 1.70 4.43
CA PHE A 46 1.61 2.07 3.78
C PHE A 46 2.59 0.90 3.79
N VAL A 47 3.46 0.83 2.79
CA VAL A 47 4.44 -0.26 2.69
C VAL A 47 5.79 0.13 3.33
N THR A 48 5.82 0.12 4.67
CA THR A 48 7.02 0.50 5.46
C THR A 48 8.37 0.12 4.83
N ARG A 49 8.55 -1.15 4.44
CA ARG A 49 9.82 -1.58 3.85
C ARG A 49 9.68 -2.85 3.01
N VAL A 50 10.76 -3.22 2.33
CA VAL A 50 10.80 -4.41 1.49
C VAL A 50 12.07 -5.22 1.74
N GLN A 51 11.99 -6.54 1.57
CA GLN A 51 13.15 -7.42 1.79
C GLN A 51 13.77 -7.89 0.47
N PRO A 52 13.08 -8.75 -0.33
CA PRO A 52 13.63 -9.23 -1.60
C PRO A 52 13.51 -8.21 -2.72
N GLU A 53 14.64 -7.82 -3.29
CA GLU A 53 14.65 -6.85 -4.37
C GLU A 53 14.26 -7.49 -5.70
N GLY A 54 12.99 -7.87 -5.82
CA GLY A 54 12.51 -8.50 -7.04
C GLY A 54 10.99 -8.38 -7.22
N PRO A 55 10.17 -9.08 -6.39
CA PRO A 55 8.71 -9.03 -6.52
C PRO A 55 8.12 -7.62 -6.35
N ALA A 56 8.05 -7.13 -5.11
CA ALA A 56 7.49 -5.82 -4.83
C ALA A 56 8.57 -4.80 -4.43
N SER A 57 9.64 -4.76 -5.21
CA SER A 57 10.74 -3.83 -4.96
C SER A 57 10.79 -2.78 -6.07
N LYS A 58 11.06 -3.24 -7.27
CA LYS A 58 11.11 -2.36 -8.43
C LYS A 58 9.73 -1.72 -8.73
N LEU A 59 8.65 -2.28 -8.15
CA LEU A 59 7.31 -1.76 -8.39
C LEU A 59 6.88 -0.81 -7.27
N LEU A 60 6.99 -1.27 -6.03
CA LEU A 60 6.61 -0.46 -4.87
C LEU A 60 7.82 0.10 -4.14
N GLN A 61 7.64 1.26 -3.50
CA GLN A 61 8.71 1.91 -2.76
C GLN A 61 8.27 2.23 -1.32
N PRO A 62 9.21 2.23 -0.33
CA PRO A 62 8.86 2.49 1.08
C PRO A 62 8.19 3.85 1.31
N GLY A 63 7.06 3.83 2.02
CA GLY A 63 6.34 5.05 2.33
C GLY A 63 5.17 5.32 1.40
N ASP A 64 4.79 4.36 0.56
CA ASP A 64 3.69 4.54 -0.38
C ASP A 64 2.34 4.39 0.32
N LYS A 65 1.26 4.43 -0.48
CA LYS A 65 -0.10 4.31 0.04
C LYS A 65 -0.93 3.43 -0.89
N ILE A 66 -1.51 2.37 -0.34
CA ILE A 66 -2.32 1.45 -1.13
C ILE A 66 -3.78 1.90 -1.18
N ILE A 67 -4.25 2.25 -2.38
CA ILE A 67 -5.62 2.74 -2.56
C ILE A 67 -6.61 1.61 -2.82
N GLN A 68 -6.24 0.66 -3.68
CA GLN A 68 -7.16 -0.45 -4.01
C GLN A 68 -6.40 -1.74 -4.35
N ALA A 69 -7.00 -2.87 -3.99
CA ALA A 69 -6.41 -4.18 -4.26
C ALA A 69 -7.45 -5.12 -4.89
N ASN A 70 -7.13 -5.61 -6.10
CA ASN A 70 -8.01 -6.55 -6.83
C ASN A 70 -9.50 -6.17 -6.78
N GLY A 71 -9.79 -4.87 -6.80
CA GLY A 71 -11.17 -4.41 -6.75
C GLY A 71 -11.68 -4.15 -5.34
N TYR A 72 -10.96 -4.60 -4.32
CA TYR A 72 -11.37 -4.39 -2.93
C TYR A 72 -10.83 -3.06 -2.42
N SER A 73 -11.72 -2.21 -1.92
CA SER A 73 -11.34 -0.90 -1.42
C SER A 73 -10.53 -1.00 -0.13
N PHE A 74 -9.28 -0.57 -0.20
CA PHE A 74 -8.40 -0.59 0.97
C PHE A 74 -8.38 0.77 1.70
N ILE A 75 -9.28 1.70 1.32
CA ILE A 75 -9.33 3.01 1.97
C ILE A 75 -10.27 2.98 3.18
N ASN A 76 -9.76 3.40 4.32
CA ASN A 76 -10.55 3.41 5.55
C ASN A 76 -11.00 2.00 5.93
N ILE A 77 -10.04 1.18 6.36
CA ILE A 77 -10.33 -0.19 6.75
C ILE A 77 -9.44 -0.62 7.91
N GLU A 78 -9.76 -1.77 8.51
CA GLU A 78 -8.98 -2.28 9.63
C GLU A 78 -7.75 -3.04 9.15
N HIS A 79 -6.68 -2.98 9.94
CA HIS A 79 -5.42 -3.66 9.61
C HIS A 79 -5.62 -5.13 9.27
N GLY A 80 -6.28 -5.87 10.16
CA GLY A 80 -6.53 -7.28 9.94
C GLY A 80 -7.28 -7.56 8.64
N GLN A 81 -8.04 -6.59 8.17
CA GLN A 81 -8.79 -6.73 6.92
C GLN A 81 -7.86 -6.64 5.72
N ALA A 82 -6.90 -5.73 5.80
CA ALA A 82 -5.94 -5.52 4.71
C ALA A 82 -4.98 -6.71 4.58
N VAL A 83 -4.63 -7.32 5.70
CA VAL A 83 -3.71 -8.46 5.69
C VAL A 83 -4.42 -9.72 5.19
N SER A 84 -5.63 -9.96 5.69
CA SER A 84 -6.41 -11.12 5.30
C SER A 84 -6.66 -11.15 3.79
N LEU A 85 -6.88 -9.97 3.21
CA LEU A 85 -7.13 -9.86 1.78
C LEU A 85 -5.86 -10.13 1.00
N LEU A 86 -4.74 -9.59 1.49
CA LEU A 86 -3.45 -9.76 0.82
C LEU A 86 -2.83 -11.14 1.07
N LYS A 87 -3.40 -11.94 1.97
CA LYS A 87 -2.88 -13.28 2.23
C LYS A 87 -3.67 -14.33 1.45
N THR A 88 -4.98 -14.09 1.35
CA THR A 88 -5.87 -15.01 0.65
C THR A 88 -5.64 -15.01 -0.87
N PHE A 89 -5.04 -13.93 -1.41
CA PHE A 89 -4.78 -13.84 -2.86
C PHE A 89 -3.98 -15.04 -3.35
N GLN A 90 -4.51 -15.70 -4.38
CA GLN A 90 -3.89 -16.90 -4.95
C GLN A 90 -2.48 -16.67 -5.49
N ASN A 91 -2.36 -15.84 -6.54
CA ASN A 91 -1.06 -15.57 -7.16
C ASN A 91 -0.84 -14.08 -7.43
N THR A 92 -1.37 -13.57 -8.55
CA THR A 92 -1.19 -12.18 -8.91
C THR A 92 -1.97 -11.25 -7.98
N VAL A 93 -1.56 -10.00 -7.92
CA VAL A 93 -2.21 -9.02 -7.07
C VAL A 93 -2.10 -7.61 -7.66
N GLU A 94 -3.23 -7.04 -8.06
CA GLU A 94 -3.24 -5.70 -8.64
C GLU A 94 -3.41 -4.66 -7.54
N LEU A 95 -2.42 -3.77 -7.41
CA LEU A 95 -2.45 -2.73 -6.39
C LEU A 95 -2.34 -1.33 -6.99
N ILE A 96 -3.00 -0.38 -6.34
CA ILE A 96 -2.97 1.02 -6.77
C ILE A 96 -2.22 1.86 -5.74
N ILE A 97 -1.22 2.61 -6.19
CA ILE A 97 -0.41 3.44 -5.30
C ILE A 97 -0.39 4.89 -5.77
N VAL A 98 0.08 5.78 -4.90
CA VAL A 98 0.14 7.20 -5.23
C VAL A 98 1.29 7.90 -4.49
N ARG A 99 1.84 8.92 -5.13
CA ARG A 99 2.92 9.71 -4.54
C ARG A 99 2.40 11.10 -4.19
N GLU A 100 2.39 11.42 -2.90
CA GLU A 100 1.88 12.71 -2.43
C GLU A 100 2.84 13.85 -2.75
N VAL A 101 2.30 14.93 -3.29
CA VAL A 101 3.10 16.10 -3.64
C VAL A 101 3.17 17.08 -2.47
N SER A 102 4.31 17.76 -2.33
CA SER A 102 4.50 18.72 -1.24
C SER A 102 5.13 20.01 -1.76
N SER A 103 4.79 20.38 -3.00
CA SER A 103 5.32 21.58 -3.61
C SER A 103 4.35 22.75 -3.46
N THR B 1 8.94 -6.99 19.26
CA THR B 1 7.78 -6.11 18.96
C THR B 1 7.86 -5.57 17.52
N GLY B 2 6.70 -5.39 16.90
CA GLY B 2 6.65 -4.88 15.54
C GLY B 2 5.27 -4.41 15.15
N TRP B 3 5.12 -3.10 14.96
CA TRP B 3 3.82 -2.53 14.57
C TRP B 3 3.45 -2.82 13.11
N GLU B 4 4.36 -3.44 12.33
CA GLU B 4 4.07 -3.76 10.93
C GLU B 4 3.85 -5.26 10.75
N THR B 5 3.16 -5.62 9.67
CA THR B 5 2.87 -7.02 9.38
C THR B 5 3.37 -7.39 7.98
N TRP B 6 4.11 -8.49 7.89
CA TRP B 6 4.65 -8.96 6.61
C TRP B 6 3.68 -9.91 5.93
N VAL B 7 3.10 -9.46 4.82
CA VAL B 7 2.15 -10.28 4.06
C VAL B 7 2.88 -11.23 3.12
N GLY A 1 10.19 24.42 -27.01
CA GLY A 1 8.94 23.69 -27.36
C GLY A 1 7.70 24.56 -27.25
N SER A 2 6.56 23.92 -27.04
CA SER A 2 5.29 24.65 -26.91
C SER A 2 4.27 23.81 -26.15
N HIS A 3 4.19 24.03 -24.84
CA HIS A 3 3.25 23.30 -24.00
C HIS A 3 1.94 24.07 -23.87
N MET A 4 0.92 23.40 -23.34
CA MET A 4 -0.40 24.02 -23.15
C MET A 4 -0.83 23.98 -21.69
N GLY A 5 -0.58 22.84 -21.02
CA GLY A 5 -0.95 22.70 -19.63
C GLY A 5 -1.20 21.26 -19.23
N HIS A 6 -0.26 20.66 -18.51
CA HIS A 6 -0.39 19.28 -18.06
C HIS A 6 -0.22 19.20 -16.54
N GLU A 7 -0.92 18.26 -15.93
CA GLU A 7 -0.86 18.08 -14.48
C GLU A 7 0.06 16.92 -14.11
N LEU A 8 0.73 17.04 -12.97
CA LEU A 8 1.63 16.00 -12.50
C LEU A 8 1.58 15.88 -10.97
N ALA A 9 0.39 16.10 -10.41
CA ALA A 9 0.18 16.03 -8.97
C ALA A 9 -0.15 14.58 -8.53
N LYS A 10 -1.01 14.39 -7.51
CA LYS A 10 -1.38 13.04 -7.01
C LYS A 10 -1.70 12.06 -8.16
N GLN A 11 -0.79 11.11 -8.39
CA GLN A 11 -0.96 10.12 -9.44
C GLN A 11 -1.55 8.82 -8.90
N GLU A 12 -2.08 7.99 -9.80
CA GLU A 12 -2.66 6.70 -9.44
C GLU A 12 -2.14 5.61 -10.36
N ILE A 13 -1.12 4.89 -9.89
CA ILE A 13 -0.51 3.82 -10.69
C ILE A 13 -0.83 2.43 -10.15
N ARG A 14 -0.70 1.43 -11.03
CA ARG A 14 -0.97 0.03 -10.66
C ARG A 14 0.31 -0.81 -10.75
N VAL A 15 0.40 -1.83 -9.90
CA VAL A 15 1.55 -2.72 -9.89
C VAL A 15 1.13 -4.17 -9.69
N ARG A 16 1.82 -5.08 -10.37
CA ARG A 16 1.50 -6.51 -10.28
C ARG A 16 2.54 -7.25 -9.44
N VAL A 17 2.08 -7.88 -8.36
CA VAL A 17 2.96 -8.63 -7.47
C VAL A 17 2.69 -10.12 -7.55
N GLU A 18 3.66 -10.86 -8.08
CA GLU A 18 3.52 -12.31 -8.22
C GLU A 18 4.02 -13.02 -6.98
N LYS A 19 3.13 -13.76 -6.33
CA LYS A 19 3.48 -14.49 -5.12
C LYS A 19 4.32 -15.73 -5.44
N ASP A 20 5.54 -15.74 -4.93
CA ASP A 20 6.44 -16.86 -5.15
C ASP A 20 7.68 -16.76 -4.25
N PRO A 21 7.63 -17.28 -2.99
CA PRO A 21 6.47 -17.97 -2.39
C PRO A 21 5.40 -17.02 -1.84
N GLU A 22 5.77 -15.75 -1.60
CA GLU A 22 4.84 -14.77 -1.07
C GLU A 22 4.97 -13.43 -1.79
N LEU A 23 4.21 -12.43 -1.34
CA LEU A 23 4.25 -11.11 -1.95
C LEU A 23 5.64 -10.50 -1.82
N GLY A 24 6.14 -10.38 -0.58
CA GLY A 24 7.46 -9.84 -0.37
C GLY A 24 7.49 -8.38 0.08
N PHE A 25 6.51 -7.98 0.88
CA PHE A 25 6.45 -6.61 1.39
C PHE A 25 5.57 -6.52 2.63
N SER A 26 5.85 -5.52 3.47
CA SER A 26 5.10 -5.34 4.71
C SER A 26 4.14 -4.15 4.64
N ILE A 27 2.99 -4.29 5.29
CA ILE A 27 1.99 -3.25 5.33
C ILE A 27 1.68 -2.85 6.77
N SER A 28 1.31 -1.59 6.98
CA SER A 28 1.00 -1.10 8.32
C SER A 28 -0.14 -0.08 8.28
N GLY A 29 -0.46 0.49 9.44
CA GLY A 29 -1.52 1.48 9.51
C GLY A 29 -2.91 0.87 9.64
N GLY A 30 -3.89 1.53 9.05
CA GLY A 30 -5.26 1.05 9.11
C GLY A 30 -6.06 1.72 10.20
N VAL A 31 -7.38 1.63 10.12
CA VAL A 31 -8.25 2.26 11.11
C VAL A 31 -8.27 1.45 12.41
N GLY A 32 -7.37 1.81 13.31
CA GLY A 32 -7.26 1.11 14.58
C GLY A 32 -6.11 0.10 14.62
N GLY A 33 -5.26 0.09 13.59
CA GLY A 33 -4.14 -0.85 13.56
C GLY A 33 -2.93 -0.38 14.34
N ARG A 34 -1.77 -0.97 14.06
CA ARG A 34 -0.52 -0.63 14.73
C ARG A 34 -0.10 0.82 14.46
N GLY A 35 -0.50 1.35 13.30
CA GLY A 35 -0.15 2.72 12.96
C GLY A 35 1.16 2.82 12.19
N ASN A 36 1.42 4.01 11.62
CA ASN A 36 2.64 4.25 10.86
C ASN A 36 3.38 5.48 11.40
N PRO A 37 4.74 5.47 11.38
CA PRO A 37 5.52 6.61 11.88
C PRO A 37 5.70 7.73 10.84
N PHE A 38 5.10 7.58 9.64
CA PHE A 38 5.22 8.61 8.60
C PHE A 38 3.96 9.48 8.58
N ARG A 39 2.81 8.84 8.75
CA ARG A 39 1.51 9.53 8.73
C ARG A 39 1.09 10.01 10.14
N PRO A 40 0.72 11.31 10.31
CA PRO A 40 0.31 11.83 11.60
C PRO A 40 -1.19 11.69 11.87
N ASP A 41 -1.99 11.56 10.81
CA ASP A 41 -3.44 11.42 10.96
C ASP A 41 -4.11 10.71 9.78
N ASP A 42 -3.34 9.96 8.99
CA ASP A 42 -3.91 9.25 7.83
C ASP A 42 -4.35 7.84 8.24
N ASP A 43 -5.63 7.55 8.12
CA ASP A 43 -6.17 6.24 8.49
C ASP A 43 -6.14 5.23 7.33
N GLY A 44 -5.06 5.22 6.54
CA GLY A 44 -4.94 4.30 5.43
C GLY A 44 -3.90 3.22 5.66
N ILE A 45 -3.37 2.66 4.57
CA ILE A 45 -2.35 1.62 4.64
C ILE A 45 -1.09 2.04 3.90
N PHE A 46 0.08 1.78 4.49
CA PHE A 46 1.36 2.14 3.87
C PHE A 46 2.32 0.96 3.84
N VAL A 47 3.17 0.91 2.81
CA VAL A 47 4.16 -0.16 2.68
C VAL A 47 5.51 0.24 3.29
N THR A 48 5.59 0.19 4.62
CA THR A 48 6.79 0.57 5.38
C THR A 48 8.13 0.17 4.72
N ARG A 49 8.29 -1.12 4.36
CA ARG A 49 9.54 -1.57 3.73
C ARG A 49 9.36 -2.88 2.97
N VAL A 50 10.45 -3.33 2.32
CA VAL A 50 10.43 -4.57 1.54
C VAL A 50 11.61 -5.47 1.92
N GLN A 51 11.41 -6.79 1.84
CA GLN A 51 12.47 -7.74 2.17
C GLN A 51 13.22 -8.19 0.92
N PRO A 52 12.58 -8.96 0.00
CA PRO A 52 13.26 -9.40 -1.23
C PRO A 52 13.28 -8.32 -2.30
N GLU A 53 14.47 -7.95 -2.74
CA GLU A 53 14.61 -6.91 -3.77
C GLU A 53 14.34 -7.46 -5.16
N GLY A 54 13.09 -7.89 -5.40
CA GLY A 54 12.73 -8.43 -6.69
C GLY A 54 11.23 -8.36 -6.99
N PRO A 55 10.38 -9.13 -6.25
CA PRO A 55 8.92 -9.13 -6.49
C PRO A 55 8.28 -7.74 -6.36
N ALA A 56 8.14 -7.25 -5.14
CA ALA A 56 7.53 -5.95 -4.89
C ALA A 56 8.55 -4.95 -4.36
N SER A 57 9.70 -4.88 -5.02
CA SER A 57 10.77 -3.96 -4.63
C SER A 57 10.87 -2.82 -5.62
N LYS A 58 10.94 -3.16 -6.90
CA LYS A 58 11.05 -2.17 -7.97
C LYS A 58 9.70 -1.54 -8.32
N LEU A 59 8.59 -2.09 -7.79
CA LEU A 59 7.27 -1.54 -8.09
C LEU A 59 6.80 -0.58 -7.00
N LEU A 60 6.76 -1.07 -5.76
CA LEU A 60 6.33 -0.26 -4.62
C LEU A 60 7.52 0.41 -3.95
N GLN A 61 7.30 1.62 -3.42
CA GLN A 61 8.35 2.37 -2.73
C GLN A 61 8.02 2.50 -1.24
N PRO A 62 9.03 2.39 -0.34
CA PRO A 62 8.79 2.50 1.11
C PRO A 62 8.12 3.81 1.49
N GLY A 63 6.99 3.72 2.19
CA GLY A 63 6.27 4.90 2.60
C GLY A 63 5.19 5.34 1.61
N ASP A 64 4.76 4.43 0.75
CA ASP A 64 3.72 4.74 -0.23
C ASP A 64 2.35 4.36 0.32
N LYS A 65 1.31 5.01 -0.18
CA LYS A 65 -0.05 4.74 0.29
C LYS A 65 -0.81 3.82 -0.67
N ILE A 66 -1.34 2.72 -0.14
CA ILE A 66 -2.10 1.77 -0.94
C ILE A 66 -3.58 2.15 -0.93
N ILE A 67 -4.13 2.40 -2.12
CA ILE A 67 -5.53 2.81 -2.25
C ILE A 67 -6.47 1.64 -2.54
N GLN A 68 -6.05 0.72 -3.41
CA GLN A 68 -6.91 -0.41 -3.79
C GLN A 68 -6.10 -1.65 -4.15
N ALA A 69 -6.72 -2.83 -3.97
CA ALA A 69 -6.05 -4.10 -4.27
C ALA A 69 -7.02 -5.11 -4.89
N ASN A 70 -6.68 -5.61 -6.08
CA ASN A 70 -7.48 -6.62 -6.80
C ASN A 70 -9.00 -6.36 -6.74
N GLY A 71 -9.38 -5.10 -6.80
CA GLY A 71 -10.81 -4.75 -6.77
C GLY A 71 -11.31 -4.38 -5.38
N TYR A 72 -10.55 -4.72 -4.33
CA TYR A 72 -10.96 -4.41 -2.97
C TYR A 72 -10.40 -3.06 -2.53
N SER A 73 -11.28 -2.15 -2.15
CA SER A 73 -10.86 -0.82 -1.72
C SER A 73 -10.17 -0.88 -0.34
N PHE A 74 -9.01 -0.24 -0.24
CA PHE A 74 -8.25 -0.22 1.01
C PHE A 74 -8.35 1.13 1.73
N ILE A 75 -9.29 1.98 1.33
CA ILE A 75 -9.44 3.30 1.96
C ILE A 75 -10.45 3.24 3.11
N ASN A 76 -10.02 3.69 4.29
CA ASN A 76 -10.87 3.68 5.49
C ASN A 76 -11.27 2.26 5.85
N ILE A 77 -10.31 1.48 6.32
CA ILE A 77 -10.56 0.10 6.72
C ILE A 77 -9.65 -0.32 7.86
N GLU A 78 -10.00 -1.42 8.50
CA GLU A 78 -9.21 -1.93 9.63
C GLU A 78 -8.02 -2.73 9.10
N HIS A 79 -6.89 -2.61 9.80
CA HIS A 79 -5.65 -3.31 9.42
C HIS A 79 -5.88 -4.82 9.19
N GLY A 80 -6.48 -5.49 10.16
CA GLY A 80 -6.76 -6.92 10.04
C GLY A 80 -7.52 -7.28 8.77
N GLN A 81 -8.30 -6.34 8.27
CA GLN A 81 -9.07 -6.54 7.05
C GLN A 81 -8.14 -6.50 5.83
N ALA A 82 -7.18 -5.58 5.88
CA ALA A 82 -6.22 -5.41 4.79
C ALA A 82 -5.31 -6.63 4.66
N VAL A 83 -4.67 -7.03 5.75
CA VAL A 83 -3.76 -8.17 5.75
C VAL A 83 -4.48 -9.45 5.31
N SER A 84 -5.68 -9.64 5.83
CA SER A 84 -6.48 -10.83 5.50
C SER A 84 -6.78 -10.91 4.00
N LEU A 85 -7.09 -9.76 3.41
CA LEU A 85 -7.41 -9.70 1.99
C LEU A 85 -6.20 -10.06 1.13
N LEU A 86 -5.05 -9.48 1.48
CA LEU A 86 -3.82 -9.71 0.73
C LEU A 86 -3.38 -11.17 0.80
N LYS A 87 -3.56 -11.79 1.95
CA LYS A 87 -3.17 -13.18 2.15
C LYS A 87 -3.99 -14.14 1.32
N THR A 88 -5.29 -13.90 1.22
CA THR A 88 -6.18 -14.79 0.48
C THR A 88 -6.01 -14.71 -1.04
N PHE A 89 -5.58 -13.56 -1.56
CA PHE A 89 -5.42 -13.39 -3.02
C PHE A 89 -4.64 -14.54 -3.68
N GLN A 90 -4.58 -14.49 -5.02
CA GLN A 90 -3.90 -15.51 -5.81
C GLN A 90 -2.39 -15.17 -5.98
N ASN A 91 -1.80 -15.41 -7.17
CA ASN A 91 -0.38 -15.12 -7.38
C ASN A 91 -0.15 -13.64 -7.70
N THR A 92 -0.72 -13.19 -8.81
CA THR A 92 -0.57 -11.79 -9.23
C THR A 92 -1.58 -10.89 -8.54
N VAL A 93 -1.09 -9.82 -7.94
CA VAL A 93 -1.95 -8.86 -7.23
C VAL A 93 -1.78 -7.46 -7.81
N GLU A 94 -2.87 -6.89 -8.31
CA GLU A 94 -2.84 -5.56 -8.90
C GLU A 94 -3.17 -4.47 -7.87
N LEU A 95 -2.13 -3.94 -7.22
CA LEU A 95 -2.33 -2.91 -6.22
C LEU A 95 -2.23 -1.51 -6.82
N ILE A 96 -2.87 -0.54 -6.17
CA ILE A 96 -2.84 0.85 -6.61
C ILE A 96 -2.13 1.70 -5.55
N ILE A 97 -1.12 2.46 -5.97
CA ILE A 97 -0.35 3.30 -5.06
C ILE A 97 -0.36 4.77 -5.50
N VAL A 98 -0.02 5.65 -4.56
CA VAL A 98 0.00 7.09 -4.83
C VAL A 98 1.25 7.75 -4.25
N ARG A 99 1.81 8.69 -5.01
CA ARG A 99 3.00 9.42 -4.57
C ARG A 99 2.63 10.87 -4.29
N GLU A 100 2.56 11.23 -3.01
CA GLU A 100 2.20 12.59 -2.62
C GLU A 100 3.16 13.62 -3.17
N VAL A 101 2.61 14.67 -3.80
CA VAL A 101 3.42 15.73 -4.38
C VAL A 101 3.52 16.92 -3.43
N SER A 102 4.56 17.72 -3.59
CA SER A 102 4.76 18.90 -2.75
C SER A 102 5.75 19.87 -3.39
N SER A 103 5.23 20.94 -3.99
CA SER A 103 6.06 21.94 -4.64
C SER A 103 5.29 23.25 -4.83
N THR B 1 9.80 -8.23 15.22
CA THR B 1 8.50 -7.59 14.91
C THR B 1 8.29 -6.35 15.78
N GLY B 2 8.28 -5.18 15.14
CA GLY B 2 8.08 -3.94 15.87
C GLY B 2 6.66 -3.40 15.76
N TRP B 3 6.30 -2.93 14.58
CA TRP B 3 4.95 -2.38 14.36
C TRP B 3 4.46 -2.62 12.93
N GLU B 4 5.04 -3.60 12.23
CA GLU B 4 4.64 -3.90 10.85
C GLU B 4 4.21 -5.35 10.70
N THR B 5 3.68 -5.69 9.53
CA THR B 5 3.23 -7.04 9.24
C THR B 5 3.61 -7.43 7.82
N TRP B 6 4.41 -8.48 7.69
CA TRP B 6 4.86 -8.95 6.38
C TRP B 6 3.84 -9.91 5.77
N VAL B 7 3.24 -9.48 4.66
CA VAL B 7 2.25 -10.31 3.97
C VAL B 7 2.91 -11.27 3.00
N GLY A 1 -15.62 10.34 -9.56
CA GLY A 1 -16.85 10.65 -8.77
C GLY A 1 -17.58 11.87 -9.29
N SER A 2 -18.11 12.68 -8.37
CA SER A 2 -18.85 13.89 -8.73
C SER A 2 -18.10 15.14 -8.28
N HIS A 3 -16.78 15.08 -8.29
CA HIS A 3 -15.95 16.19 -7.88
C HIS A 3 -15.43 16.97 -9.10
N MET A 4 -15.73 18.27 -9.15
CA MET A 4 -15.31 19.11 -10.25
C MET A 4 -14.01 19.85 -9.90
N GLY A 5 -13.48 20.60 -10.87
CA GLY A 5 -12.26 21.34 -10.65
C GLY A 5 -11.57 21.72 -11.95
N HIS A 6 -10.24 21.80 -11.91
CA HIS A 6 -9.45 22.14 -13.09
C HIS A 6 -8.10 21.44 -13.07
N GLU A 7 -7.21 21.91 -12.19
CA GLU A 7 -5.87 21.32 -12.07
C GLU A 7 -5.73 20.56 -10.75
N LEU A 8 -4.84 19.58 -10.74
CA LEU A 8 -4.60 18.77 -9.55
C LEU A 8 -3.12 18.42 -9.39
N ALA A 9 -2.74 17.98 -8.19
CA ALA A 9 -1.36 17.61 -7.91
C ALA A 9 -1.30 16.25 -7.22
N LYS A 10 -1.36 15.19 -8.02
CA LYS A 10 -1.32 13.82 -7.49
C LYS A 10 -0.98 12.83 -8.61
N GLN A 11 -0.86 11.55 -8.26
CA GLN A 11 -0.54 10.50 -9.23
C GLN A 11 -1.10 9.15 -8.80
N GLU A 12 -1.57 8.35 -9.76
CA GLU A 12 -2.12 7.02 -9.46
C GLU A 12 -1.56 5.97 -10.40
N ILE A 13 -0.64 5.14 -9.89
CA ILE A 13 -0.01 4.09 -10.69
C ILE A 13 -0.33 2.69 -10.14
N ARG A 14 -0.24 1.69 -11.02
CA ARG A 14 -0.55 0.30 -10.65
C ARG A 14 0.69 -0.46 -10.15
N VAL A 15 0.43 -1.63 -9.56
CA VAL A 15 1.49 -2.49 -9.02
C VAL A 15 1.09 -3.97 -9.16
N ARG A 16 1.91 -4.75 -9.84
CA ARG A 16 1.65 -6.18 -10.05
C ARG A 16 2.64 -7.02 -9.24
N VAL A 17 2.13 -7.74 -8.24
CA VAL A 17 2.97 -8.58 -7.39
C VAL A 17 2.52 -10.05 -7.45
N GLU A 18 3.44 -10.94 -7.77
CA GLU A 18 3.13 -12.37 -7.88
C GLU A 18 3.61 -13.13 -6.64
N LYS A 19 2.71 -13.89 -6.03
CA LYS A 19 3.06 -14.67 -4.85
C LYS A 19 3.95 -15.86 -5.20
N ASP A 20 5.19 -15.84 -4.70
CA ASP A 20 6.14 -16.92 -4.98
C ASP A 20 7.45 -16.71 -4.19
N PRO A 21 7.52 -17.11 -2.89
CA PRO A 21 6.44 -17.76 -2.14
C PRO A 21 5.44 -16.76 -1.54
N GLU A 22 5.89 -15.52 -1.34
CA GLU A 22 5.03 -14.49 -0.77
C GLU A 22 5.07 -13.20 -1.60
N LEU A 23 4.36 -12.18 -1.13
CA LEU A 23 4.32 -10.89 -1.83
C LEU A 23 5.71 -10.25 -1.88
N GLY A 24 6.29 -9.99 -0.70
CA GLY A 24 7.62 -9.40 -0.64
C GLY A 24 7.63 -8.01 0.00
N PHE A 25 6.71 -7.75 0.92
CA PHE A 25 6.66 -6.45 1.58
C PHE A 25 5.69 -6.46 2.77
N SER A 26 6.01 -5.65 3.78
CA SER A 26 5.18 -5.56 4.97
C SER A 26 4.28 -4.33 4.93
N ILE A 27 3.12 -4.42 5.57
CA ILE A 27 2.17 -3.31 5.59
C ILE A 27 1.89 -2.87 7.03
N SER A 28 1.61 -1.58 7.20
CA SER A 28 1.33 -1.03 8.53
C SER A 28 0.23 0.04 8.45
N GLY A 29 -0.39 0.33 9.58
CA GLY A 29 -1.44 1.34 9.62
C GLY A 29 -2.82 0.75 9.79
N GLY A 30 -3.84 1.46 9.29
CA GLY A 30 -5.21 1.00 9.40
C GLY A 30 -5.98 1.74 10.46
N VAL A 31 -7.31 1.75 10.34
CA VAL A 31 -8.16 2.45 11.30
C VAL A 31 -8.32 1.63 12.58
N GLY A 32 -7.56 2.00 13.60
CA GLY A 32 -7.62 1.29 14.87
C GLY A 32 -6.58 0.18 15.01
N GLY A 33 -5.65 0.08 14.05
CA GLY A 33 -4.64 -0.96 14.10
C GLY A 33 -3.39 -0.54 14.87
N ARG A 34 -2.27 -1.18 14.58
CA ARG A 34 -1.01 -0.88 15.25
C ARG A 34 -0.58 0.57 15.01
N GLY A 35 -1.00 1.15 13.88
CA GLY A 35 -0.64 2.53 13.57
C GLY A 35 0.45 2.64 12.53
N ASN A 36 0.47 3.78 11.82
CA ASN A 36 1.47 4.02 10.78
C ASN A 36 2.42 5.15 11.20
N PRO A 37 3.76 4.96 11.11
CA PRO A 37 4.73 5.97 11.50
C PRO A 37 5.17 6.85 10.33
N PHE A 38 4.27 7.11 9.39
CA PHE A 38 4.57 7.93 8.23
C PHE A 38 3.85 9.28 8.30
N ARG A 39 2.53 9.22 8.51
CA ARG A 39 1.71 10.42 8.59
C ARG A 39 0.89 10.44 9.89
N PRO A 40 0.42 11.62 10.36
CA PRO A 40 -0.35 11.71 11.59
C PRO A 40 -1.86 11.60 11.40
N ASP A 41 -2.44 12.47 10.58
CA ASP A 41 -3.88 12.46 10.34
C ASP A 41 -4.31 11.38 9.33
N ASP A 42 -3.35 10.71 8.69
CA ASP A 42 -3.69 9.66 7.72
C ASP A 42 -3.50 8.28 8.34
N ASP A 43 -4.60 7.56 8.51
CA ASP A 43 -4.56 6.22 9.11
C ASP A 43 -4.74 5.12 8.06
N GLY A 44 -4.15 5.32 6.88
CA GLY A 44 -4.25 4.35 5.81
C GLY A 44 -3.20 3.25 5.92
N ILE A 45 -2.89 2.62 4.79
CA ILE A 45 -1.88 1.55 4.76
C ILE A 45 -0.63 1.99 4.01
N PHE A 46 0.54 1.79 4.63
CA PHE A 46 1.80 2.17 4.02
C PHE A 46 2.78 0.99 3.95
N VAL A 47 3.66 1.01 2.95
CA VAL A 47 4.65 -0.06 2.75
C VAL A 47 5.94 0.24 3.54
N THR A 48 5.93 -0.06 4.83
CA THR A 48 7.08 0.19 5.73
C THR A 48 8.45 -0.17 5.13
N ARG A 49 8.63 -1.42 4.67
CA ARG A 49 9.92 -1.82 4.08
C ARG A 49 9.80 -3.09 3.23
N VAL A 50 10.75 -3.25 2.30
CA VAL A 50 10.78 -4.42 1.41
C VAL A 50 11.94 -5.34 1.78
N GLN A 51 11.75 -6.66 1.61
CA GLN A 51 12.79 -7.63 1.92
C GLN A 51 13.49 -8.13 0.65
N PRO A 52 12.84 -8.96 -0.21
CA PRO A 52 13.47 -9.45 -1.44
C PRO A 52 13.35 -8.44 -2.58
N GLU A 53 14.49 -8.01 -3.12
CA GLU A 53 14.49 -7.05 -4.22
C GLU A 53 14.17 -7.74 -5.55
N GLY A 54 12.95 -8.27 -5.65
CA GLY A 54 12.52 -8.94 -6.85
C GLY A 54 11.08 -8.61 -7.24
N PRO A 55 10.06 -9.13 -6.50
CA PRO A 55 8.65 -8.88 -6.82
C PRO A 55 8.26 -7.40 -6.70
N ALA A 56 8.42 -6.83 -5.51
CA ALA A 56 8.06 -5.44 -5.27
C ALA A 56 9.30 -4.56 -5.09
N SER A 57 10.28 -4.76 -5.96
CA SER A 57 11.51 -3.99 -5.90
C SER A 57 11.37 -2.65 -6.62
N LYS A 58 11.09 -2.72 -7.92
CA LYS A 58 10.92 -1.51 -8.72
C LYS A 58 9.47 -1.00 -8.76
N LEU A 59 8.55 -1.68 -8.07
CA LEU A 59 7.15 -1.25 -8.07
C LEU A 59 6.83 -0.37 -6.87
N LEU A 60 6.89 -0.94 -5.66
CA LEU A 60 6.59 -0.20 -4.45
C LEU A 60 7.85 0.36 -3.78
N GLN A 61 7.75 1.58 -3.29
CA GLN A 61 8.88 2.24 -2.61
C GLN A 61 8.48 2.61 -1.18
N PRO A 62 9.45 2.68 -0.22
CA PRO A 62 9.13 3.02 1.17
C PRO A 62 8.38 4.35 1.30
N GLY A 63 7.13 4.27 1.76
CA GLY A 63 6.32 5.47 1.95
C GLY A 63 5.06 5.51 1.10
N ASP A 64 4.84 4.50 0.24
CA ASP A 64 3.66 4.47 -0.63
C ASP A 64 2.37 4.27 0.18
N LYS A 65 1.25 4.17 -0.54
CA LYS A 65 -0.06 3.99 0.08
C LYS A 65 -0.95 3.10 -0.79
N ILE A 66 -1.49 2.04 -0.20
CA ILE A 66 -2.37 1.12 -0.93
C ILE A 66 -3.83 1.58 -0.82
N ILE A 67 -4.43 1.91 -1.97
CA ILE A 67 -5.81 2.38 -2.01
C ILE A 67 -6.75 1.33 -2.57
N GLN A 68 -6.24 0.43 -3.39
CA GLN A 68 -7.08 -0.63 -3.99
C GLN A 68 -6.25 -1.85 -4.38
N ALA A 69 -6.89 -3.02 -4.31
CA ALA A 69 -6.21 -4.28 -4.65
C ALA A 69 -7.20 -5.30 -5.23
N ASN A 70 -6.94 -5.76 -6.46
CA ASN A 70 -7.79 -6.75 -7.14
C ASN A 70 -9.28 -6.39 -7.07
N GLY A 71 -9.58 -5.11 -7.14
CA GLY A 71 -10.97 -4.65 -7.09
C GLY A 71 -11.49 -4.45 -5.67
N TYR A 72 -10.60 -4.48 -4.67
CA TYR A 72 -11.00 -4.28 -3.28
C TYR A 72 -10.43 -2.95 -2.76
N SER A 73 -11.32 -2.06 -2.33
CA SER A 73 -10.90 -0.75 -1.83
C SER A 73 -10.21 -0.87 -0.47
N PHE A 74 -9.03 -0.27 -0.36
CA PHE A 74 -8.27 -0.30 0.88
C PHE A 74 -8.30 1.06 1.62
N ILE A 75 -9.19 1.96 1.21
CA ILE A 75 -9.29 3.28 1.85
C ILE A 75 -10.28 3.24 3.01
N ASN A 76 -9.82 3.62 4.20
CA ASN A 76 -10.66 3.63 5.40
C ASN A 76 -11.11 2.21 5.74
N ILE A 77 -10.17 1.41 6.25
CA ILE A 77 -10.47 0.04 6.64
C ILE A 77 -9.62 -0.39 7.83
N GLU A 78 -10.00 -1.50 8.46
CA GLU A 78 -9.26 -2.00 9.62
C GLU A 78 -8.03 -2.79 9.18
N HIS A 79 -7.03 -2.85 10.07
CA HIS A 79 -5.78 -3.57 9.79
C HIS A 79 -6.03 -5.02 9.39
N GLY A 80 -6.72 -5.77 10.24
CA GLY A 80 -7.01 -7.17 9.96
C GLY A 80 -7.68 -7.39 8.62
N GLN A 81 -8.50 -6.43 8.21
CA GLN A 81 -9.19 -6.52 6.92
C GLN A 81 -8.17 -6.46 5.78
N ALA A 82 -7.16 -5.62 5.94
CA ALA A 82 -6.12 -5.46 4.93
C ALA A 82 -5.27 -6.74 4.80
N VAL A 83 -4.55 -7.10 5.87
CA VAL A 83 -3.70 -8.28 5.87
C VAL A 83 -4.48 -9.56 5.48
N SER A 84 -5.80 -9.54 5.67
CA SER A 84 -6.64 -10.69 5.33
C SER A 84 -6.86 -10.79 3.83
N LEU A 85 -7.13 -9.65 3.20
CA LEU A 85 -7.38 -9.61 1.76
C LEU A 85 -6.14 -10.00 0.95
N LEU A 86 -4.99 -9.51 1.37
CA LEU A 86 -3.74 -9.80 0.68
C LEU A 86 -3.37 -11.28 0.79
N LYS A 87 -3.43 -11.81 2.01
CA LYS A 87 -3.08 -13.20 2.25
C LYS A 87 -3.97 -14.16 1.47
N THR A 88 -5.28 -13.93 1.50
CA THR A 88 -6.24 -14.81 0.82
C THR A 88 -6.15 -14.77 -0.72
N PHE A 89 -5.72 -13.64 -1.28
CA PHE A 89 -5.63 -13.47 -2.74
C PHE A 89 -4.97 -14.66 -3.46
N GLN A 90 -4.97 -14.59 -4.79
CA GLN A 90 -4.40 -15.63 -5.63
C GLN A 90 -2.88 -15.40 -5.84
N ASN A 91 -2.32 -15.70 -7.03
CA ASN A 91 -0.89 -15.52 -7.28
C ASN A 91 -0.55 -14.06 -7.60
N THR A 92 -0.96 -13.60 -8.78
CA THR A 92 -0.69 -12.22 -9.20
C THR A 92 -1.68 -11.27 -8.55
N VAL A 93 -1.16 -10.21 -7.93
CA VAL A 93 -2.00 -9.22 -7.26
C VAL A 93 -1.76 -7.82 -7.83
N GLU A 94 -2.82 -7.22 -8.37
CA GLU A 94 -2.73 -5.89 -8.96
C GLU A 94 -3.19 -4.82 -7.97
N LEU A 95 -2.24 -4.08 -7.40
CA LEU A 95 -2.56 -3.03 -6.44
C LEU A 95 -2.43 -1.64 -7.05
N ILE A 96 -2.99 -0.65 -6.36
CA ILE A 96 -2.94 0.74 -6.80
C ILE A 96 -2.25 1.58 -5.72
N ILE A 97 -1.28 2.41 -6.13
CA ILE A 97 -0.54 3.24 -5.19
C ILE A 97 -0.55 4.71 -5.59
N VAL A 98 -0.14 5.58 -4.67
CA VAL A 98 -0.13 7.01 -4.91
C VAL A 98 1.08 7.68 -4.24
N ARG A 99 1.63 8.68 -4.91
CA ARG A 99 2.77 9.43 -4.40
C ARG A 99 2.31 10.85 -4.02
N GLU A 100 2.17 11.10 -2.72
CA GLU A 100 1.69 12.40 -2.24
C GLU A 100 2.60 13.54 -2.69
N VAL A 101 2.04 14.47 -3.46
CA VAL A 101 2.79 15.62 -3.95
C VAL A 101 2.54 16.85 -3.07
N SER A 102 3.57 17.27 -2.35
CA SER A 102 3.46 18.44 -1.47
C SER A 102 3.88 19.71 -2.19
N SER A 103 2.96 20.29 -2.95
CA SER A 103 3.22 21.52 -3.69
C SER A 103 2.33 22.65 -3.21
N THR B 1 6.03 -8.10 18.28
CA THR B 1 7.45 -7.67 18.46
C THR B 1 7.73 -6.35 17.73
N GLY B 2 6.69 -5.53 17.56
CA GLY B 2 6.86 -4.26 16.88
C GLY B 2 5.54 -3.68 16.41
N TRP B 3 5.31 -3.68 15.09
CA TRP B 3 4.07 -3.16 14.53
C TRP B 3 3.88 -3.60 13.08
N GLU B 4 4.96 -3.56 12.29
CA GLU B 4 4.89 -3.95 10.89
C GLU B 4 4.48 -5.43 10.74
N THR B 5 3.78 -5.73 9.64
CA THR B 5 3.33 -7.09 9.37
C THR B 5 3.76 -7.53 7.97
N TRP B 6 4.53 -8.62 7.91
CA TRP B 6 5.00 -9.14 6.63
C TRP B 6 3.96 -10.07 6.00
N VAL B 7 3.30 -9.59 4.96
CA VAL B 7 2.28 -10.37 4.27
C VAL B 7 2.91 -11.36 3.29
N GLY A 1 -10.42 31.06 -14.11
CA GLY A 1 -11.87 31.22 -14.37
C GLY A 1 -12.71 30.20 -13.60
N SER A 2 -12.16 29.01 -13.41
CA SER A 2 -12.86 27.95 -12.70
C SER A 2 -11.87 27.05 -11.95
N HIS A 3 -12.03 26.98 -10.63
CA HIS A 3 -11.16 26.15 -9.80
C HIS A 3 -11.75 24.77 -9.59
N MET A 4 -10.89 23.75 -9.63
CA MET A 4 -11.33 22.37 -9.44
C MET A 4 -10.79 21.80 -8.13
N GLY A 5 -11.17 20.56 -7.82
CA GLY A 5 -10.71 19.92 -6.60
C GLY A 5 -9.22 19.69 -6.59
N HIS A 6 -8.71 19.18 -5.48
CA HIS A 6 -7.28 18.92 -5.35
C HIS A 6 -6.94 17.51 -5.87
N GLU A 7 -6.88 17.37 -7.18
CA GLU A 7 -6.56 16.10 -7.81
C GLU A 7 -5.68 16.28 -9.03
N LEU A 8 -4.88 17.35 -9.04
CA LEU A 8 -3.98 17.62 -10.16
C LEU A 8 -2.55 17.22 -9.80
N ALA A 9 -2.14 17.56 -8.59
CA ALA A 9 -0.81 17.23 -8.11
C ALA A 9 -0.82 15.85 -7.46
N LYS A 10 -0.51 14.83 -8.25
CA LYS A 10 -0.50 13.45 -7.75
C LYS A 10 0.10 12.51 -8.78
N GLN A 11 0.31 11.25 -8.40
CA GLN A 11 0.89 10.25 -9.31
C GLN A 11 0.30 8.86 -9.05
N GLU A 12 -0.72 8.49 -9.82
CA GLU A 12 -1.39 7.20 -9.67
C GLU A 12 -0.88 6.16 -10.67
N ILE A 13 -0.55 4.97 -10.17
CA ILE A 13 -0.07 3.87 -11.02
C ILE A 13 -0.42 2.50 -10.43
N ARG A 14 -0.31 1.45 -11.26
CA ARG A 14 -0.62 0.08 -10.83
C ARG A 14 0.59 -0.85 -10.93
N VAL A 15 0.59 -1.94 -10.15
CA VAL A 15 1.70 -2.90 -10.15
C VAL A 15 1.20 -4.34 -9.98
N ARG A 16 1.97 -5.30 -10.49
CA ARG A 16 1.61 -6.72 -10.40
C ARG A 16 2.61 -7.52 -9.54
N VAL A 17 2.11 -8.09 -8.44
CA VAL A 17 2.95 -8.90 -7.55
C VAL A 17 2.49 -10.37 -7.57
N GLU A 18 3.41 -11.28 -7.88
CA GLU A 18 3.08 -12.70 -7.94
C GLU A 18 3.58 -13.45 -6.70
N LYS A 19 2.68 -14.19 -6.06
CA LYS A 19 3.02 -14.96 -4.87
C LYS A 19 3.94 -16.13 -5.20
N ASP A 20 5.14 -16.13 -4.63
CA ASP A 20 6.11 -17.20 -4.86
C ASP A 20 7.38 -16.99 -4.00
N PRO A 21 7.34 -17.31 -2.67
CA PRO A 21 6.19 -17.86 -1.95
C PRO A 21 5.23 -16.78 -1.42
N GLU A 22 5.70 -15.54 -1.32
CA GLU A 22 4.87 -14.45 -0.81
C GLU A 22 5.04 -13.18 -1.64
N LEU A 23 4.35 -12.11 -1.24
CA LEU A 23 4.42 -10.84 -1.94
C LEU A 23 5.83 -10.26 -1.88
N GLY A 24 6.33 -10.07 -0.66
CA GLY A 24 7.68 -9.55 -0.48
C GLY A 24 7.73 -8.11 0.01
N PHE A 25 6.71 -7.69 0.77
CA PHE A 25 6.68 -6.33 1.30
C PHE A 25 5.75 -6.23 2.51
N SER A 26 6.13 -5.38 3.46
CA SER A 26 5.34 -5.19 4.68
C SER A 26 4.40 -3.99 4.57
N ILE A 27 3.26 -4.08 5.24
CA ILE A 27 2.26 -3.00 5.23
C ILE A 27 1.92 -2.53 6.64
N SER A 28 1.56 -1.27 6.76
CA SER A 28 1.20 -0.68 8.05
C SER A 28 -0.02 0.23 7.91
N GLY A 29 -0.76 0.42 9.01
CA GLY A 29 -1.94 1.28 8.97
C GLY A 29 -2.91 0.97 10.10
N GLY A 30 -3.96 0.21 9.78
CA GLY A 30 -4.95 -0.20 10.78
C GLY A 30 -5.53 0.93 11.62
N VAL A 31 -6.80 1.24 11.40
CA VAL A 31 -7.47 2.30 12.17
C VAL A 31 -7.86 1.80 13.56
N GLY A 32 -6.96 1.99 14.52
CA GLY A 32 -7.22 1.57 15.89
C GLY A 32 -6.73 0.15 16.20
N GLY A 33 -6.21 -0.57 15.20
CA GLY A 33 -5.72 -1.93 15.43
C GLY A 33 -4.20 -2.08 15.32
N ARG A 34 -3.47 -0.97 15.22
CA ARG A 34 -2.01 -1.00 15.13
C ARG A 34 -1.47 0.44 15.07
N GLY A 35 -1.58 1.05 13.89
CA GLY A 35 -1.12 2.42 13.71
C GLY A 35 0.08 2.52 12.77
N ASN A 36 0.21 3.69 12.12
CA ASN A 36 1.32 3.93 11.19
C ASN A 36 2.06 5.22 11.59
N PRO A 37 3.42 5.22 11.57
CA PRO A 37 4.21 6.39 11.95
C PRO A 37 4.60 7.26 10.76
N PHE A 38 3.78 7.27 9.71
CA PHE A 38 4.06 8.06 8.52
C PHE A 38 3.10 9.25 8.41
N ARG A 39 1.81 8.98 8.55
CA ARG A 39 0.79 10.04 8.47
C ARG A 39 0.03 10.18 9.80
N PRO A 40 -0.20 11.42 10.30
CA PRO A 40 -0.91 11.63 11.56
C PRO A 40 -2.43 11.61 11.39
N ASP A 41 -2.92 12.29 10.36
CA ASP A 41 -4.35 12.35 10.10
C ASP A 41 -4.82 11.27 9.09
N ASP A 42 -3.88 10.63 8.40
CA ASP A 42 -4.24 9.58 7.44
C ASP A 42 -4.00 8.20 8.05
N ASP A 43 -5.08 7.42 8.16
CA ASP A 43 -4.99 6.09 8.75
C ASP A 43 -5.17 4.99 7.68
N GLY A 44 -4.53 5.21 6.52
CA GLY A 44 -4.61 4.24 5.44
C GLY A 44 -3.53 3.18 5.53
N ILE A 45 -3.20 2.56 4.40
CA ILE A 45 -2.17 1.52 4.37
C ILE A 45 -0.92 2.01 3.64
N PHE A 46 0.26 1.73 4.21
CA PHE A 46 1.53 2.17 3.61
C PHE A 46 2.55 1.02 3.57
N VAL A 47 3.41 1.04 2.55
CA VAL A 47 4.43 -0.01 2.37
C VAL A 47 5.78 0.38 3.02
N THR A 48 5.81 0.33 4.36
CA THR A 48 7.00 0.69 5.17
C THR A 48 8.37 0.34 4.51
N ARG A 49 8.56 -0.93 4.10
CA ARG A 49 9.83 -1.33 3.48
C ARG A 49 9.68 -2.62 2.67
N VAL A 50 10.78 -3.03 2.02
CA VAL A 50 10.79 -4.24 1.19
C VAL A 50 12.01 -5.12 1.53
N GLN A 51 11.86 -6.44 1.34
CA GLN A 51 12.95 -7.38 1.62
C GLN A 51 13.61 -7.89 0.32
N PRO A 52 12.91 -8.70 -0.51
CA PRO A 52 13.50 -9.22 -1.75
C PRO A 52 13.49 -8.19 -2.88
N GLU A 53 14.67 -7.85 -3.38
CA GLU A 53 14.79 -6.87 -4.46
C GLU A 53 14.44 -7.49 -5.82
N GLY A 54 13.17 -7.85 -6.00
CA GLY A 54 12.73 -8.44 -7.25
C GLY A 54 11.22 -8.41 -7.46
N PRO A 55 10.42 -9.14 -6.63
CA PRO A 55 8.96 -9.16 -6.79
C PRO A 55 8.31 -7.78 -6.65
N ALA A 56 8.23 -7.27 -5.42
CA ALA A 56 7.59 -5.97 -5.17
C ALA A 56 8.59 -4.95 -4.59
N SER A 57 9.75 -4.84 -5.23
CA SER A 57 10.77 -3.89 -4.80
C SER A 57 10.87 -2.75 -5.80
N LYS A 58 11.17 -3.10 -7.05
CA LYS A 58 11.27 -2.12 -8.12
C LYS A 58 9.89 -1.50 -8.45
N LEU A 59 8.80 -2.07 -7.93
CA LEU A 59 7.46 -1.55 -8.19
C LEU A 59 7.05 -0.53 -7.13
N LEU A 60 6.91 -0.98 -5.89
CA LEU A 60 6.53 -0.09 -4.79
C LEU A 60 7.77 0.47 -4.09
N GLN A 61 7.64 1.69 -3.57
CA GLN A 61 8.75 2.34 -2.86
C GLN A 61 8.36 2.55 -1.39
N PRO A 62 9.34 2.58 -0.45
CA PRO A 62 9.04 2.76 0.98
C PRO A 62 8.27 4.04 1.28
N GLY A 63 7.16 3.90 2.01
CA GLY A 63 6.34 5.04 2.36
C GLY A 63 5.20 5.30 1.39
N ASP A 64 4.86 4.32 0.55
CA ASP A 64 3.78 4.48 -0.41
C ASP A 64 2.41 4.35 0.26
N LYS A 65 1.36 4.36 -0.55
CA LYS A 65 0.00 4.24 -0.04
C LYS A 65 -0.84 3.39 -0.99
N ILE A 66 -1.46 2.34 -0.46
CA ILE A 66 -2.29 1.45 -1.25
C ILE A 66 -3.74 1.93 -1.23
N ILE A 67 -4.22 2.37 -2.39
CA ILE A 67 -5.59 2.90 -2.52
C ILE A 67 -6.59 1.80 -2.88
N GLN A 68 -6.18 0.84 -3.71
CA GLN A 68 -7.07 -0.23 -4.13
C GLN A 68 -6.28 -1.52 -4.40
N ALA A 69 -6.91 -2.65 -4.11
CA ALA A 69 -6.28 -3.96 -4.32
C ALA A 69 -7.28 -4.95 -4.92
N ASN A 70 -6.97 -5.45 -6.13
CA ASN A 70 -7.81 -6.43 -6.83
C ASN A 70 -9.31 -6.05 -6.82
N GLY A 71 -9.58 -4.74 -6.81
CA GLY A 71 -10.96 -4.28 -6.80
C GLY A 71 -11.45 -3.86 -5.41
N TYR A 72 -10.72 -4.22 -4.36
CA TYR A 72 -11.11 -3.86 -3.00
C TYR A 72 -10.52 -2.50 -2.63
N SER A 73 -11.19 -1.82 -1.70
CA SER A 73 -10.74 -0.50 -1.26
C SER A 73 -10.02 -0.61 0.08
N PHE A 74 -8.78 -0.12 0.12
CA PHE A 74 -7.97 -0.17 1.34
C PHE A 74 -7.95 1.18 2.07
N ILE A 75 -8.89 2.08 1.77
CA ILE A 75 -8.94 3.38 2.42
C ILE A 75 -9.85 3.33 3.65
N ASN A 76 -9.29 3.64 4.81
CA ASN A 76 -10.05 3.62 6.06
C ASN A 76 -10.56 2.22 6.37
N ILE A 77 -9.66 1.35 6.85
CA ILE A 77 -10.01 -0.02 7.19
C ILE A 77 -9.13 -0.54 8.31
N GLU A 78 -9.58 -1.61 8.97
CA GLU A 78 -8.82 -2.20 10.07
C GLU A 78 -7.71 -3.11 9.57
N HIS A 79 -6.55 -3.05 10.24
CA HIS A 79 -5.36 -3.85 9.88
C HIS A 79 -5.69 -5.30 9.49
N GLY A 80 -6.47 -5.98 10.32
CA GLY A 80 -6.84 -7.36 10.05
C GLY A 80 -7.54 -7.54 8.71
N GLN A 81 -8.32 -6.54 8.32
CA GLN A 81 -9.05 -6.58 7.06
C GLN A 81 -8.10 -6.49 5.86
N ALA A 82 -7.14 -5.57 5.94
CA ALA A 82 -6.18 -5.37 4.87
C ALA A 82 -5.28 -6.59 4.68
N VAL A 83 -4.49 -6.91 5.70
CA VAL A 83 -3.56 -8.06 5.66
C VAL A 83 -4.26 -9.35 5.21
N SER A 84 -5.47 -9.58 5.72
CA SER A 84 -6.23 -10.78 5.37
C SER A 84 -6.56 -10.81 3.88
N LEU A 85 -6.90 -9.64 3.33
CA LEU A 85 -7.26 -9.53 1.93
C LEU A 85 -6.08 -9.86 1.01
N LEU A 86 -4.94 -9.24 1.28
CA LEU A 86 -3.74 -9.45 0.48
C LEU A 86 -3.23 -10.88 0.55
N LYS A 87 -3.39 -11.51 1.71
CA LYS A 87 -2.92 -12.88 1.92
C LYS A 87 -3.82 -13.90 1.24
N THR A 88 -5.13 -13.67 1.25
CA THR A 88 -6.08 -14.61 0.66
C THR A 88 -6.06 -14.56 -0.87
N PHE A 89 -5.66 -13.43 -1.46
CA PHE A 89 -5.64 -13.29 -2.92
C PHE A 89 -4.81 -14.39 -3.60
N GLN A 90 -5.13 -14.67 -4.86
CA GLN A 90 -4.45 -15.71 -5.63
C GLN A 90 -2.94 -15.37 -5.82
N ASN A 91 -2.36 -15.62 -7.02
CA ASN A 91 -0.94 -15.35 -7.24
C ASN A 91 -0.67 -13.89 -7.56
N THR A 92 -1.16 -13.42 -8.71
CA THR A 92 -0.96 -12.03 -9.12
C THR A 92 -1.89 -11.09 -8.35
N VAL A 93 -1.27 -10.11 -7.68
CA VAL A 93 -2.03 -9.13 -6.91
C VAL A 93 -1.88 -7.74 -7.53
N GLU A 94 -2.97 -7.21 -8.08
CA GLU A 94 -2.96 -5.89 -8.68
C GLU A 94 -3.29 -4.82 -7.66
N LEU A 95 -2.30 -3.98 -7.33
CA LEU A 95 -2.49 -2.93 -6.34
C LEU A 95 -2.36 -1.53 -6.95
N ILE A 96 -3.02 -0.58 -6.31
CA ILE A 96 -2.97 0.81 -6.75
C ILE A 96 -2.15 1.66 -5.77
N ILE A 97 -1.11 2.31 -6.26
CA ILE A 97 -0.25 3.14 -5.41
C ILE A 97 -0.28 4.59 -5.84
N VAL A 98 0.05 5.49 -4.92
CA VAL A 98 0.04 6.93 -5.22
C VAL A 98 1.20 7.66 -4.52
N ARG A 99 1.71 8.69 -5.20
CA ARG A 99 2.80 9.50 -4.66
C ARG A 99 2.27 10.90 -4.32
N GLU A 100 2.17 11.22 -3.03
CA GLU A 100 1.66 12.52 -2.62
C GLU A 100 2.61 13.65 -3.01
N VAL A 101 2.06 14.67 -3.66
CA VAL A 101 2.84 15.82 -4.10
C VAL A 101 2.01 17.10 -4.03
N SER A 102 2.69 18.26 -4.09
CA SER A 102 2.02 19.55 -4.03
C SER A 102 2.62 20.52 -5.05
N SER A 103 2.70 20.07 -6.30
CA SER A 103 3.26 20.90 -7.37
C SER A 103 2.22 21.89 -7.88
N THR B 1 8.70 -6.55 13.35
CA THR B 1 8.78 -5.73 14.59
C THR B 1 7.47 -5.77 15.36
N GLY B 2 6.39 -5.34 14.71
CA GLY B 2 5.08 -5.33 15.35
C GLY B 2 4.01 -4.67 14.48
N TRP B 3 4.17 -3.37 14.24
CA TRP B 3 3.22 -2.62 13.44
C TRP B 3 3.39 -2.93 11.95
N GLU B 4 4.60 -3.26 11.55
CA GLU B 4 4.88 -3.59 10.15
C GLU B 4 4.71 -5.09 9.91
N THR B 5 3.61 -5.46 9.25
CA THR B 5 3.32 -6.86 8.97
C THR B 5 3.75 -7.24 7.56
N TRP B 6 4.47 -8.35 7.43
CA TRP B 6 4.93 -8.81 6.14
C TRP B 6 3.91 -9.75 5.50
N VAL B 7 3.21 -9.25 4.48
CA VAL B 7 2.20 -10.04 3.79
C VAL B 7 2.84 -11.01 2.80
N GLY A 1 -16.65 18.94 -16.83
CA GLY A 1 -16.61 17.59 -16.20
C GLY A 1 -15.61 16.67 -16.88
N SER A 2 -15.46 16.81 -18.19
CA SER A 2 -14.53 15.98 -18.95
C SER A 2 -13.16 16.63 -18.99
N HIS A 3 -13.12 17.96 -19.03
CA HIS A 3 -11.86 18.70 -19.08
C HIS A 3 -11.11 18.54 -17.76
N MET A 4 -9.85 18.98 -17.74
CA MET A 4 -9.02 18.90 -16.54
C MET A 4 -9.17 20.16 -15.69
N GLY A 5 -8.77 21.30 -16.25
CA GLY A 5 -8.87 22.55 -15.52
C GLY A 5 -7.58 22.88 -14.77
N HIS A 6 -7.51 22.45 -13.52
CA HIS A 6 -6.33 22.70 -12.70
C HIS A 6 -5.26 21.65 -12.97
N GLU A 7 -4.08 21.84 -12.38
CA GLU A 7 -2.97 20.89 -12.54
C GLU A 7 -3.13 19.71 -11.60
N LEU A 8 -3.15 18.51 -12.18
CA LEU A 8 -3.30 17.29 -11.39
C LEU A 8 -2.01 16.95 -10.67
N ALA A 9 -1.95 17.28 -9.38
CA ALA A 9 -0.77 17.00 -8.57
C ALA A 9 -0.90 15.66 -7.85
N LYS A 10 -0.87 14.58 -8.62
CA LYS A 10 -1.00 13.23 -8.07
C LYS A 10 -0.58 12.19 -9.10
N GLN A 11 -0.48 10.93 -8.67
CA GLN A 11 -0.08 9.84 -9.56
C GLN A 11 -0.84 8.57 -9.24
N GLU A 12 -1.41 7.95 -10.27
CA GLU A 12 -2.16 6.71 -10.09
C GLU A 12 -1.60 5.61 -10.99
N ILE A 13 -0.82 4.69 -10.40
CA ILE A 13 -0.22 3.60 -11.15
C ILE A 13 -0.53 2.24 -10.51
N ARG A 14 -0.42 1.19 -11.31
CA ARG A 14 -0.70 -0.18 -10.86
C ARG A 14 0.58 -1.00 -10.74
N VAL A 15 0.52 -2.10 -10.00
CA VAL A 15 1.67 -2.97 -9.81
C VAL A 15 1.26 -4.45 -9.85
N ARG A 16 2.15 -5.29 -10.34
CA ARG A 16 1.90 -6.73 -10.45
C ARG A 16 2.85 -7.51 -9.55
N VAL A 17 2.32 -8.03 -8.44
CA VAL A 17 3.14 -8.80 -7.50
C VAL A 17 2.73 -10.27 -7.49
N GLU A 18 3.71 -11.15 -7.67
CA GLU A 18 3.45 -12.59 -7.67
C GLU A 18 3.59 -13.16 -6.26
N LYS A 19 2.95 -14.30 -6.02
CA LYS A 19 3.01 -14.96 -4.72
C LYS A 19 3.92 -16.19 -4.78
N ASP A 20 5.22 -15.95 -4.82
CA ASP A 20 6.19 -17.04 -4.89
C ASP A 20 7.43 -16.76 -4.03
N PRO A 21 7.42 -17.07 -2.71
CA PRO A 21 6.31 -17.70 -1.99
C PRO A 21 5.28 -16.68 -1.47
N GLU A 22 5.69 -15.42 -1.32
CA GLU A 22 4.79 -14.37 -0.83
C GLU A 22 4.96 -13.07 -1.62
N LEU A 23 4.25 -12.03 -1.20
CA LEU A 23 4.32 -10.74 -1.88
C LEU A 23 5.71 -10.13 -1.74
N GLY A 24 6.16 -9.94 -0.50
CA GLY A 24 7.49 -9.39 -0.27
C GLY A 24 7.47 -7.95 0.26
N PHE A 25 6.45 -7.61 1.05
CA PHE A 25 6.35 -6.27 1.61
C PHE A 25 5.32 -6.23 2.74
N SER A 26 5.59 -5.41 3.75
CA SER A 26 4.70 -5.27 4.91
C SER A 26 3.82 -4.02 4.80
N ILE A 27 2.66 -4.08 5.44
CA ILE A 27 1.70 -2.96 5.44
C ILE A 27 1.41 -2.50 6.86
N SER A 28 1.10 -1.21 7.04
CA SER A 28 0.79 -0.68 8.37
C SER A 28 -0.28 0.42 8.29
N GLY A 29 -0.92 0.71 9.42
CA GLY A 29 -1.94 1.75 9.47
C GLY A 29 -3.32 1.27 9.88
N GLY A 30 -4.12 0.90 8.89
CA GLY A 30 -5.48 0.43 9.15
C GLY A 30 -6.38 1.53 9.69
N VAL A 31 -7.13 1.23 10.76
CA VAL A 31 -8.01 2.19 11.38
C VAL A 31 -8.18 1.88 12.87
N GLY A 32 -7.20 2.30 13.66
CA GLY A 32 -7.21 2.04 15.08
C GLY A 32 -6.41 0.80 15.48
N GLY A 33 -5.56 0.31 14.56
CA GLY A 33 -4.75 -0.87 14.86
C GLY A 33 -3.38 -0.51 15.39
N ARG A 34 -2.36 -1.27 15.00
CA ARG A 34 -0.99 -1.04 15.46
C ARG A 34 -0.52 0.40 15.18
N GLY A 35 -1.10 1.05 14.17
CA GLY A 35 -0.73 2.43 13.85
C GLY A 35 0.49 2.53 12.95
N ASN A 36 0.65 3.68 12.30
CA ASN A 36 1.77 3.93 11.40
C ASN A 36 2.57 5.15 11.87
N PRO A 37 3.93 5.09 11.87
CA PRO A 37 4.77 6.21 12.30
C PRO A 37 5.18 7.14 11.16
N PHE A 38 4.36 7.19 10.11
CA PHE A 38 4.65 8.04 8.95
C PHE A 38 3.80 9.31 8.99
N ARG A 39 2.50 9.15 9.19
CA ARG A 39 1.58 10.28 9.23
C ARG A 39 0.78 10.27 10.54
N PRO A 40 0.53 11.46 11.17
CA PRO A 40 -0.21 11.53 12.42
C PRO A 40 -1.73 11.54 12.23
N ASP A 41 -2.19 12.31 11.23
CA ASP A 41 -3.62 12.41 10.95
C ASP A 41 -4.10 11.41 9.89
N ASP A 42 -3.17 10.78 9.15
CA ASP A 42 -3.54 9.82 8.12
C ASP A 42 -3.32 8.38 8.59
N ASP A 43 -4.41 7.60 8.59
CA ASP A 43 -4.34 6.20 9.03
C ASP A 43 -4.38 5.22 7.85
N GLY A 44 -4.12 5.69 6.63
CA GLY A 44 -4.15 4.80 5.47
C GLY A 44 -3.19 3.63 5.58
N ILE A 45 -2.96 2.94 4.48
CA ILE A 45 -2.05 1.81 4.44
C ILE A 45 -0.74 2.22 3.76
N PHE A 46 0.39 2.01 4.44
CA PHE A 46 1.69 2.39 3.87
C PHE A 46 2.63 1.19 3.78
N VAL A 47 3.48 1.18 2.76
CA VAL A 47 4.43 0.10 2.55
C VAL A 47 5.76 0.42 3.27
N THR A 48 5.73 0.32 4.60
CA THR A 48 6.88 0.61 5.47
C THR A 48 8.25 0.22 4.89
N ARG A 49 8.41 -1.04 4.47
CA ARG A 49 9.70 -1.49 3.92
C ARG A 49 9.55 -2.75 3.05
N VAL A 50 10.61 -3.08 2.33
CA VAL A 50 10.64 -4.25 1.45
C VAL A 50 11.83 -5.14 1.79
N GLN A 51 11.69 -6.45 1.59
CA GLN A 51 12.77 -7.40 1.88
C GLN A 51 13.43 -7.91 0.60
N PRO A 52 12.74 -8.73 -0.23
CA PRO A 52 13.33 -9.25 -1.48
C PRO A 52 13.30 -8.22 -2.61
N GLU A 53 14.49 -7.88 -3.11
CA GLU A 53 14.59 -6.90 -4.20
C GLU A 53 14.25 -7.54 -5.54
N GLY A 54 12.98 -7.92 -5.72
CA GLY A 54 12.55 -8.53 -6.96
C GLY A 54 11.03 -8.48 -7.17
N PRO A 55 10.22 -9.17 -6.34
CA PRO A 55 8.76 -9.18 -6.50
C PRO A 55 8.13 -7.79 -6.49
N ALA A 56 8.29 -7.06 -5.39
CA ALA A 56 7.71 -5.73 -5.27
C ALA A 56 8.69 -4.73 -4.65
N SER A 57 9.85 -4.57 -5.29
CA SER A 57 10.87 -3.63 -4.84
C SER A 57 11.12 -2.58 -5.90
N LYS A 58 11.50 -3.04 -7.09
CA LYS A 58 11.77 -2.14 -8.20
C LYS A 58 10.49 -1.41 -8.66
N LEU A 59 9.31 -1.89 -8.23
CA LEU A 59 8.05 -1.26 -8.62
C LEU A 59 7.54 -0.33 -7.52
N LEU A 60 7.48 -0.84 -6.29
CA LEU A 60 6.99 -0.06 -5.16
C LEU A 60 8.12 0.68 -4.46
N GLN A 61 7.79 1.84 -3.90
CA GLN A 61 8.75 2.67 -3.18
C GLN A 61 8.35 2.78 -1.70
N PRO A 62 9.32 2.66 -0.74
CA PRO A 62 9.01 2.74 0.69
C PRO A 62 8.21 3.99 1.06
N GLY A 63 7.08 3.78 1.73
CA GLY A 63 6.24 4.89 2.16
C GLY A 63 5.11 5.21 1.20
N ASP A 64 4.76 4.26 0.32
CA ASP A 64 3.68 4.48 -0.63
C ASP A 64 2.33 4.11 -0.02
N LYS A 65 1.30 4.86 -0.38
CA LYS A 65 -0.04 4.62 0.16
C LYS A 65 -0.85 3.70 -0.76
N ILE A 66 -1.45 2.66 -0.17
CA ILE A 66 -2.24 1.69 -0.93
C ILE A 66 -3.70 2.17 -1.01
N ILE A 67 -4.14 2.55 -2.21
CA ILE A 67 -5.50 3.05 -2.40
C ILE A 67 -6.49 1.92 -2.73
N GLN A 68 -6.11 1.01 -3.63
CA GLN A 68 -7.01 -0.07 -4.02
C GLN A 68 -6.26 -1.35 -4.39
N ALA A 69 -6.91 -2.48 -4.18
CA ALA A 69 -6.33 -3.79 -4.49
C ALA A 69 -7.39 -4.75 -5.04
N ASN A 70 -7.13 -5.29 -6.23
CA ASN A 70 -8.05 -6.25 -6.88
C ASN A 70 -9.52 -5.83 -6.82
N GLY A 71 -9.77 -4.52 -6.76
CA GLY A 71 -11.14 -4.03 -6.71
C GLY A 71 -11.62 -3.66 -5.30
N TYR A 72 -10.84 -3.98 -4.27
CA TYR A 72 -11.21 -3.66 -2.90
C TYR A 72 -10.53 -2.38 -2.42
N SER A 73 -11.34 -1.41 -2.00
CA SER A 73 -10.80 -0.13 -1.52
C SER A 73 -10.09 -0.32 -0.19
N PHE A 74 -8.84 0.13 -0.12
CA PHE A 74 -8.04 -0.03 1.09
C PHE A 74 -8.05 1.25 1.96
N ILE A 75 -9.02 2.15 1.73
CA ILE A 75 -9.09 3.38 2.51
C ILE A 75 -10.00 3.20 3.72
N ASN A 76 -9.43 3.40 4.91
CA ASN A 76 -10.19 3.26 6.15
C ASN A 76 -10.74 1.84 6.31
N ILE A 77 -9.86 0.92 6.68
CA ILE A 77 -10.24 -0.47 6.88
C ILE A 77 -9.44 -1.09 8.02
N GLU A 78 -10.03 -2.05 8.71
CA GLU A 78 -9.36 -2.73 9.82
C GLU A 78 -8.10 -3.45 9.35
N HIS A 79 -7.06 -3.42 10.18
CA HIS A 79 -5.76 -4.05 9.87
C HIS A 79 -5.93 -5.50 9.36
N GLY A 80 -6.68 -6.31 10.10
CA GLY A 80 -6.90 -7.69 9.71
C GLY A 80 -7.57 -7.82 8.36
N GLN A 81 -8.35 -6.80 7.98
CA GLN A 81 -9.05 -6.81 6.70
C GLN A 81 -8.06 -6.65 5.54
N ALA A 82 -7.11 -5.74 5.70
CA ALA A 82 -6.11 -5.48 4.66
C ALA A 82 -5.14 -6.65 4.52
N VAL A 83 -4.75 -7.23 5.64
CA VAL A 83 -3.82 -8.36 5.65
C VAL A 83 -4.49 -9.63 5.12
N SER A 84 -5.70 -9.88 5.59
CA SER A 84 -6.44 -11.07 5.18
C SER A 84 -6.75 -11.06 3.68
N LEU A 85 -7.03 -9.87 3.15
CA LEU A 85 -7.34 -9.73 1.73
C LEU A 85 -6.13 -10.00 0.85
N LEU A 86 -5.00 -9.45 1.22
CA LEU A 86 -3.77 -9.62 0.44
C LEU A 86 -3.25 -11.06 0.49
N LYS A 87 -3.46 -11.73 1.62
CA LYS A 87 -2.97 -13.10 1.78
C LYS A 87 -3.89 -14.12 1.10
N THR A 88 -5.20 -13.89 1.16
CA THR A 88 -6.16 -14.82 0.57
C THR A 88 -6.12 -14.79 -0.97
N PHE A 89 -5.65 -13.67 -1.56
CA PHE A 89 -5.61 -13.52 -3.02
C PHE A 89 -4.92 -14.71 -3.71
N GLN A 90 -4.91 -14.66 -5.04
CA GLN A 90 -4.31 -15.73 -5.84
C GLN A 90 -2.77 -15.55 -5.96
N ASN A 91 -2.16 -15.87 -7.11
CA ASN A 91 -0.71 -15.74 -7.27
C ASN A 91 -0.33 -14.28 -7.56
N THR A 92 -0.80 -13.78 -8.69
CA THR A 92 -0.52 -12.40 -9.08
C THR A 92 -1.55 -11.45 -8.49
N VAL A 93 -1.10 -10.30 -8.00
CA VAL A 93 -1.99 -9.32 -7.39
C VAL A 93 -1.79 -7.95 -8.03
N GLU A 94 -2.88 -7.40 -8.58
CA GLU A 94 -2.83 -6.08 -9.21
C GLU A 94 -3.23 -5.00 -8.21
N LEU A 95 -2.24 -4.31 -7.67
CA LEU A 95 -2.49 -3.25 -6.68
C LEU A 95 -2.34 -1.87 -7.30
N ILE A 96 -3.02 -0.89 -6.68
CA ILE A 96 -2.96 0.49 -7.13
C ILE A 96 -2.31 1.36 -6.05
N ILE A 97 -1.34 2.17 -6.44
CA ILE A 97 -0.64 3.04 -5.49
C ILE A 97 -0.64 4.49 -5.93
N VAL A 98 -0.39 5.39 -4.99
CA VAL A 98 -0.39 6.83 -5.27
C VAL A 98 0.70 7.54 -4.46
N ARG A 99 1.23 8.62 -5.04
CA ARG A 99 2.26 9.42 -4.38
C ARG A 99 1.71 10.80 -4.03
N GLU A 100 1.66 11.11 -2.75
CA GLU A 100 1.13 12.40 -2.29
C GLU A 100 1.96 13.56 -2.82
N VAL A 101 1.28 14.53 -3.43
CA VAL A 101 1.94 15.71 -3.98
C VAL A 101 1.09 16.96 -3.75
N SER A 102 1.45 17.74 -2.73
CA SER A 102 0.71 18.95 -2.41
C SER A 102 1.59 19.96 -1.67
N SER A 103 1.01 21.10 -1.33
CA SER A 103 1.75 22.15 -0.62
C SER A 103 1.66 21.94 0.89
N THR B 1 7.17 -9.78 17.23
CA THR B 1 8.08 -8.60 17.24
C THR B 1 7.77 -7.67 16.09
N GLY B 2 7.76 -6.36 16.37
CA GLY B 2 7.47 -5.37 15.35
C GLY B 2 6.01 -4.96 15.33
N TRP B 3 5.74 -3.83 14.68
CA TRP B 3 4.37 -3.32 14.58
C TRP B 3 3.78 -3.57 13.19
N GLU B 4 4.63 -3.62 12.18
CA GLU B 4 4.18 -3.85 10.81
C GLU B 4 3.72 -5.29 10.63
N THR B 5 3.19 -5.61 9.45
CA THR B 5 2.72 -6.95 9.17
C THR B 5 3.07 -7.34 7.73
N TRP B 6 3.85 -8.40 7.59
CA TRP B 6 4.26 -8.88 6.27
C TRP B 6 3.20 -9.79 5.66
N VAL B 7 2.65 -9.35 4.53
CA VAL B 7 1.62 -10.13 3.85
C VAL B 7 2.23 -11.14 2.88
N GLY A 1 -5.58 22.90 -15.98
CA GLY A 1 -5.31 21.84 -14.97
C GLY A 1 -4.10 20.99 -15.32
N SER A 2 -4.29 19.67 -15.32
CA SER A 2 -3.20 18.76 -15.64
C SER A 2 -3.20 18.41 -17.13
N HIS A 3 -2.12 18.79 -17.80
CA HIS A 3 -1.98 18.53 -19.24
C HIS A 3 -1.43 17.11 -19.46
N MET A 4 -1.94 16.44 -20.50
CA MET A 4 -1.50 15.09 -20.81
C MET A 4 -0.15 15.12 -21.51
N GLY A 5 0.92 14.91 -20.75
CA GLY A 5 2.26 14.92 -21.30
C GLY A 5 3.31 15.28 -20.27
N HIS A 6 2.94 16.16 -19.34
CA HIS A 6 3.85 16.61 -18.29
C HIS A 6 3.25 16.33 -16.91
N GLU A 7 3.48 15.12 -16.40
CA GLU A 7 2.96 14.72 -15.09
C GLU A 7 3.96 15.04 -13.98
N LEU A 8 3.46 15.17 -12.76
CA LEU A 8 4.31 15.46 -11.62
C LEU A 8 3.55 15.34 -10.29
N ALA A 9 2.32 15.82 -10.27
CA ALA A 9 1.50 15.77 -9.07
C ALA A 9 1.17 14.32 -8.65
N LYS A 10 0.12 14.13 -7.83
CA LYS A 10 -0.27 12.79 -7.35
C LYS A 10 -0.41 11.78 -8.49
N GLN A 11 0.59 10.90 -8.64
CA GLN A 11 0.58 9.89 -9.69
C GLN A 11 -0.08 8.58 -9.23
N GLU A 12 -1.29 8.32 -9.74
CA GLU A 12 -2.02 7.10 -9.40
C GLU A 12 -1.65 5.98 -10.36
N ILE A 13 -0.70 5.14 -9.95
CA ILE A 13 -0.24 4.02 -10.79
C ILE A 13 -0.57 2.66 -10.18
N ARG A 14 -0.48 1.63 -11.02
CA ARG A 14 -0.76 0.25 -10.59
C ARG A 14 0.52 -0.54 -10.33
N VAL A 15 0.37 -1.70 -9.71
CA VAL A 15 1.50 -2.56 -9.40
C VAL A 15 1.10 -4.03 -9.40
N ARG A 16 1.95 -4.89 -9.95
CA ARG A 16 1.69 -6.33 -10.02
C ARG A 16 2.68 -7.11 -9.16
N VAL A 17 2.21 -7.64 -8.03
CA VAL A 17 3.06 -8.42 -7.12
C VAL A 17 2.66 -9.89 -7.13
N GLU A 18 3.62 -10.75 -7.43
CA GLU A 18 3.37 -12.19 -7.48
C GLU A 18 3.52 -12.82 -6.10
N LYS A 19 2.96 -14.01 -5.93
CA LYS A 19 3.03 -14.73 -4.67
C LYS A 19 3.89 -15.99 -4.82
N ASP A 20 5.19 -15.80 -4.92
CA ASP A 20 6.12 -16.92 -5.07
C ASP A 20 7.38 -16.72 -4.21
N PRO A 21 7.37 -17.10 -2.90
CA PRO A 21 6.23 -17.71 -2.20
C PRO A 21 5.25 -16.69 -1.62
N GLU A 22 5.69 -15.44 -1.45
CA GLU A 22 4.84 -14.39 -0.90
C GLU A 22 4.99 -13.09 -1.68
N LEU A 23 4.29 -12.05 -1.23
CA LEU A 23 4.35 -10.74 -1.87
C LEU A 23 5.76 -10.15 -1.74
N GLY A 24 6.24 -10.03 -0.50
CA GLY A 24 7.57 -9.50 -0.26
C GLY A 24 7.60 -8.13 0.36
N PHE A 25 6.48 -7.68 0.92
CA PHE A 25 6.42 -6.36 1.56
C PHE A 25 5.49 -6.36 2.78
N SER A 26 5.72 -5.41 3.68
CA SER A 26 4.90 -5.29 4.89
C SER A 26 3.99 -4.08 4.83
N ILE A 27 2.83 -4.17 5.50
CA ILE A 27 1.86 -3.08 5.54
C ILE A 27 1.56 -2.64 6.97
N SER A 28 1.19 -1.37 7.12
CA SER A 28 0.87 -0.83 8.45
C SER A 28 -0.17 0.29 8.35
N GLY A 29 -0.78 0.63 9.49
CA GLY A 29 -1.77 1.72 9.52
C GLY A 29 -3.18 1.24 9.81
N GLY A 30 -3.96 1.04 8.74
CA GLY A 30 -5.33 0.59 8.90
C GLY A 30 -6.25 1.70 9.37
N VAL A 31 -7.07 1.40 10.38
CA VAL A 31 -8.00 2.38 10.94
C VAL A 31 -8.23 2.08 12.42
N GLY A 32 -7.37 2.61 13.27
CA GLY A 32 -7.48 2.37 14.70
C GLY A 32 -6.65 1.19 15.19
N GLY A 33 -5.85 0.58 14.31
CA GLY A 33 -5.03 -0.56 14.70
C GLY A 33 -3.79 -0.15 15.47
N ARG A 34 -2.65 -0.73 15.12
CA ARG A 34 -1.39 -0.43 15.80
C ARG A 34 -0.87 0.98 15.48
N GLY A 35 -1.33 1.58 14.39
CA GLY A 35 -0.88 2.91 14.03
C GLY A 35 0.10 2.91 12.86
N ASN A 36 0.91 3.96 12.78
CA ASN A 36 1.91 4.09 11.72
C ASN A 36 2.80 5.31 11.97
N PRO A 37 4.15 5.18 11.87
CA PRO A 37 5.07 6.29 12.10
C PRO A 37 5.39 7.12 10.85
N PHE A 38 4.48 7.11 9.87
CA PHE A 38 4.68 7.87 8.63
C PHE A 38 3.72 9.05 8.56
N ARG A 39 2.42 8.77 8.66
CA ARG A 39 1.40 9.82 8.61
C ARG A 39 0.68 9.94 9.96
N PRO A 40 0.45 11.19 10.47
CA PRO A 40 -0.22 11.38 11.76
C PRO A 40 -1.75 11.42 11.66
N ASP A 41 -2.27 12.20 10.70
CA ASP A 41 -3.72 12.33 10.52
C ASP A 41 -4.27 11.38 9.44
N ASP A 42 -3.39 10.76 8.64
CA ASP A 42 -3.85 9.85 7.60
C ASP A 42 -3.85 8.41 8.11
N ASP A 43 -5.04 7.81 8.17
CA ASP A 43 -5.17 6.44 8.66
C ASP A 43 -5.36 5.45 7.50
N GLY A 44 -4.32 5.33 6.66
CA GLY A 44 -4.37 4.42 5.53
C GLY A 44 -3.35 3.31 5.63
N ILE A 45 -3.07 2.64 4.51
CA ILE A 45 -2.09 1.56 4.48
C ILE A 45 -0.82 2.01 3.77
N PHE A 46 0.33 1.75 4.38
CA PHE A 46 1.62 2.15 3.80
C PHE A 46 2.60 0.97 3.77
N VAL A 47 3.49 0.96 2.78
CA VAL A 47 4.47 -0.12 2.63
C VAL A 47 5.82 0.27 3.24
N THR A 48 5.88 0.27 4.58
CA THR A 48 7.09 0.64 5.36
C THR A 48 8.42 0.21 4.71
N ARG A 49 8.57 -1.06 4.36
CA ARG A 49 9.81 -1.54 3.74
C ARG A 49 9.60 -2.84 2.97
N VAL A 50 10.57 -3.16 2.12
CA VAL A 50 10.52 -4.38 1.29
C VAL A 50 11.73 -5.27 1.57
N GLN A 51 11.60 -6.58 1.32
CA GLN A 51 12.70 -7.53 1.56
C GLN A 51 13.35 -7.96 0.24
N PRO A 52 12.66 -8.74 -0.63
CA PRO A 52 13.23 -9.20 -1.90
C PRO A 52 13.16 -8.11 -2.98
N GLU A 53 14.32 -7.72 -3.49
CA GLU A 53 14.39 -6.69 -4.52
C GLU A 53 14.00 -7.25 -5.90
N GLY A 54 12.71 -7.58 -6.06
CA GLY A 54 12.23 -8.11 -7.33
C GLY A 54 10.72 -8.10 -7.47
N PRO A 55 9.96 -8.86 -6.63
CA PRO A 55 8.50 -8.91 -6.73
C PRO A 55 7.82 -7.54 -6.58
N ALA A 56 7.80 -7.01 -5.35
CA ALA A 56 7.15 -5.73 -5.09
C ALA A 56 8.12 -4.55 -4.94
N SER A 57 9.43 -4.83 -4.85
CA SER A 57 10.42 -3.76 -4.69
C SER A 57 10.66 -2.99 -6.00
N LYS A 58 10.43 -3.65 -7.13
CA LYS A 58 10.62 -3.01 -8.43
C LYS A 58 9.47 -2.05 -8.77
N LEU A 59 8.30 -2.23 -8.13
CA LEU A 59 7.14 -1.39 -8.43
C LEU A 59 6.57 -0.66 -7.20
N LEU A 60 7.24 -0.75 -6.04
CA LEU A 60 6.75 -0.08 -4.83
C LEU A 60 7.88 0.62 -4.08
N GLN A 61 7.54 1.72 -3.42
CA GLN A 61 8.51 2.50 -2.64
C GLN A 61 8.31 2.25 -1.13
N PRO A 62 9.41 2.15 -0.32
CA PRO A 62 9.29 1.90 1.12
C PRO A 62 8.59 3.03 1.89
N GLY A 63 7.26 3.15 1.69
CA GLY A 63 6.50 4.18 2.39
C GLY A 63 5.45 4.85 1.50
N ASP A 64 4.77 4.07 0.66
CA ASP A 64 3.75 4.60 -0.23
C ASP A 64 2.36 4.43 0.38
N LYS A 65 1.32 4.52 -0.45
CA LYS A 65 -0.06 4.38 0.02
C LYS A 65 -0.89 3.56 -0.96
N ILE A 66 -1.46 2.45 -0.47
CA ILE A 66 -2.27 1.57 -1.31
C ILE A 66 -3.73 2.01 -1.29
N ILE A 67 -4.27 2.33 -2.47
CA ILE A 67 -5.65 2.79 -2.59
C ILE A 67 -6.64 1.66 -2.84
N GLN A 68 -6.27 0.70 -3.70
CA GLN A 68 -7.16 -0.41 -4.02
C GLN A 68 -6.40 -1.69 -4.36
N ALA A 69 -7.02 -2.83 -4.08
CA ALA A 69 -6.40 -4.13 -4.35
C ALA A 69 -7.41 -5.12 -4.94
N ASN A 70 -7.10 -5.65 -6.12
CA ASN A 70 -7.95 -6.65 -6.83
C ASN A 70 -9.46 -6.35 -6.74
N GLY A 71 -9.81 -5.07 -6.74
CA GLY A 71 -11.22 -4.69 -6.67
C GLY A 71 -11.68 -4.30 -5.27
N TYR A 72 -10.95 -4.75 -4.25
CA TYR A 72 -11.31 -4.44 -2.87
C TYR A 72 -10.66 -3.12 -2.44
N SER A 73 -11.50 -2.15 -2.08
CA SER A 73 -11.03 -0.84 -1.66
C SER A 73 -10.25 -0.94 -0.34
N PHE A 74 -8.99 -0.49 -0.36
CA PHE A 74 -8.13 -0.55 0.83
C PHE A 74 -8.08 0.78 1.60
N ILE A 75 -8.91 1.77 1.22
CA ILE A 75 -8.90 3.06 1.92
C ILE A 75 -9.80 3.01 3.16
N ASN A 76 -9.20 3.25 4.34
CA ASN A 76 -9.93 3.23 5.60
C ASN A 76 -10.50 1.83 5.86
N ILE A 77 -9.62 0.92 6.27
CA ILE A 77 -10.01 -0.44 6.58
C ILE A 77 -9.20 -0.99 7.75
N GLU A 78 -9.77 -1.94 8.48
CA GLU A 78 -9.08 -2.53 9.63
C GLU A 78 -7.84 -3.29 9.19
N HIS A 79 -6.85 -3.36 10.07
CA HIS A 79 -5.58 -4.05 9.78
C HIS A 79 -5.81 -5.50 9.35
N GLY A 80 -6.52 -6.27 10.18
CA GLY A 80 -6.80 -7.66 9.86
C GLY A 80 -7.49 -7.85 8.52
N GLN A 81 -8.19 -6.82 8.06
CA GLN A 81 -8.90 -6.88 6.79
C GLN A 81 -7.92 -6.72 5.62
N ALA A 82 -6.95 -5.83 5.80
CA ALA A 82 -5.95 -5.56 4.77
C ALA A 82 -4.94 -6.71 4.63
N VAL A 83 -4.60 -7.34 5.75
CA VAL A 83 -3.64 -8.45 5.72
C VAL A 83 -4.29 -9.72 5.20
N SER A 84 -5.48 -10.02 5.69
CA SER A 84 -6.20 -11.22 5.26
C SER A 84 -6.52 -11.17 3.77
N LEU A 85 -6.79 -9.98 3.27
CA LEU A 85 -7.11 -9.80 1.86
C LEU A 85 -5.87 -10.01 0.99
N LEU A 86 -4.75 -9.44 1.41
CA LEU A 86 -3.50 -9.54 0.67
C LEU A 86 -2.95 -10.97 0.67
N LYS A 87 -3.19 -11.71 1.74
CA LYS A 87 -2.69 -13.09 1.84
C LYS A 87 -3.60 -14.09 1.14
N THR A 88 -4.91 -13.86 1.20
CA THR A 88 -5.87 -14.77 0.59
C THR A 88 -5.87 -14.67 -0.94
N PHE A 89 -5.43 -13.53 -1.49
CA PHE A 89 -5.40 -13.32 -2.95
C PHE A 89 -4.74 -14.48 -3.69
N GLN A 90 -4.73 -14.39 -5.03
CA GLN A 90 -4.13 -15.42 -5.87
C GLN A 90 -2.61 -15.22 -5.98
N ASN A 91 -1.99 -15.51 -7.14
CA ASN A 91 -0.54 -15.34 -7.30
C ASN A 91 -0.19 -13.86 -7.52
N THR A 92 -0.63 -13.31 -8.64
CA THR A 92 -0.37 -11.92 -8.97
C THR A 92 -1.38 -11.01 -8.28
N VAL A 93 -0.92 -9.87 -7.78
CA VAL A 93 -1.78 -8.92 -7.09
C VAL A 93 -1.70 -7.53 -7.72
N GLU A 94 -2.83 -7.03 -8.20
CA GLU A 94 -2.88 -5.70 -8.80
C GLU A 94 -3.17 -4.65 -7.73
N LEU A 95 -2.15 -3.87 -7.38
CA LEU A 95 -2.30 -2.84 -6.35
C LEU A 95 -2.31 -1.44 -6.95
N ILE A 96 -3.09 -0.56 -6.33
CA ILE A 96 -3.17 0.83 -6.77
C ILE A 96 -2.46 1.72 -5.74
N ILE A 97 -1.52 2.53 -6.19
CA ILE A 97 -0.76 3.38 -5.28
C ILE A 97 -0.69 4.83 -5.78
N VAL A 98 -0.24 5.72 -4.90
CA VAL A 98 -0.12 7.14 -5.23
C VAL A 98 1.02 7.81 -4.46
N ARG A 99 1.57 8.87 -5.03
CA ARG A 99 2.66 9.62 -4.40
C ARG A 99 2.21 11.03 -4.05
N GLU A 100 2.19 11.34 -2.75
CA GLU A 100 1.77 12.65 -2.29
C GLU A 100 2.77 13.73 -2.70
N VAL A 101 2.26 14.79 -3.33
CA VAL A 101 3.10 15.89 -3.79
C VAL A 101 2.85 17.14 -2.94
N SER A 102 3.62 18.20 -3.19
CA SER A 102 3.47 19.44 -2.45
C SER A 102 2.30 20.26 -2.99
N SER A 103 1.61 20.95 -2.08
CA SER A 103 0.46 21.76 -2.46
C SER A 103 0.28 22.93 -1.48
N THR B 1 5.99 -8.84 18.07
CA THR B 1 4.67 -8.22 17.78
C THR B 1 4.82 -6.73 17.47
N GLY B 2 5.42 -6.43 16.32
CA GLY B 2 5.64 -5.05 15.92
C GLY B 2 4.42 -4.47 15.23
N TRP B 3 4.51 -3.18 14.86
CA TRP B 3 3.40 -2.51 14.20
C TRP B 3 3.30 -2.91 12.72
N GLU B 4 4.43 -3.28 12.12
CA GLU B 4 4.45 -3.68 10.73
C GLU B 4 4.15 -5.18 10.60
N THR B 5 3.61 -5.57 9.45
CA THR B 5 3.27 -6.97 9.20
C THR B 5 3.61 -7.37 7.77
N TRP B 6 4.47 -8.37 7.63
CA TRP B 6 4.89 -8.84 6.32
C TRP B 6 3.84 -9.78 5.72
N VAL B 7 3.17 -9.32 4.66
CA VAL B 7 2.15 -10.11 4.01
C VAL B 7 2.76 -11.13 3.05
N GLY A 1 3.03 35.29 -4.20
CA GLY A 1 2.99 34.29 -5.30
C GLY A 1 1.58 34.06 -5.83
N SER A 2 1.39 34.35 -7.11
CA SER A 2 0.09 34.17 -7.74
C SER A 2 -0.04 32.78 -8.34
N HIS A 3 -1.21 32.17 -8.16
CA HIS A 3 -1.46 30.83 -8.69
C HIS A 3 -1.88 30.89 -10.16
N MET A 4 -1.67 29.79 -10.88
CA MET A 4 -2.02 29.73 -12.29
C MET A 4 -3.30 28.92 -12.50
N GLY A 5 -3.52 27.93 -11.64
CA GLY A 5 -4.71 27.10 -11.74
C GLY A 5 -4.39 25.65 -12.08
N HIS A 6 -3.43 25.08 -11.35
CA HIS A 6 -3.03 23.69 -11.58
C HIS A 6 -3.68 22.76 -10.55
N GLU A 7 -4.50 21.84 -11.04
CA GLU A 7 -5.18 20.89 -10.16
C GLU A 7 -4.20 19.89 -9.56
N LEU A 8 -4.73 18.97 -8.76
CA LEU A 8 -3.89 17.96 -8.12
C LEU A 8 -3.25 17.04 -9.16
N ALA A 9 -1.96 16.77 -8.98
CA ALA A 9 -1.22 15.90 -9.89
C ALA A 9 -0.85 14.57 -9.23
N LYS A 10 -1.82 13.97 -8.56
CA LYS A 10 -1.61 12.69 -7.87
C LYS A 10 -1.31 11.59 -8.87
N GLN A 11 -0.20 10.88 -8.64
CA GLN A 11 0.22 9.80 -9.53
C GLN A 11 -0.39 8.46 -9.14
N GLU A 12 -1.56 8.15 -9.71
CA GLU A 12 -2.23 6.89 -9.43
C GLU A 12 -1.68 5.82 -10.37
N ILE A 13 -0.75 5.01 -9.86
CA ILE A 13 -0.11 3.97 -10.66
C ILE A 13 -0.39 2.57 -10.11
N ARG A 14 -0.23 1.56 -10.98
CA ARG A 14 -0.47 0.17 -10.62
C ARG A 14 0.83 -0.64 -10.62
N VAL A 15 0.84 -1.75 -9.88
CA VAL A 15 2.00 -2.62 -9.82
C VAL A 15 1.59 -4.09 -9.80
N ARG A 16 2.32 -4.93 -10.52
CA ARG A 16 2.02 -6.36 -10.59
C ARG A 16 3.01 -7.19 -9.77
N VAL A 17 2.50 -7.83 -8.71
CA VAL A 17 3.34 -8.67 -7.86
C VAL A 17 2.92 -10.13 -7.95
N GLU A 18 3.87 -10.99 -8.31
CA GLU A 18 3.59 -12.42 -8.43
C GLU A 18 4.06 -13.16 -7.19
N LYS A 19 3.13 -13.81 -6.51
CA LYS A 19 3.43 -14.56 -5.30
C LYS A 19 4.24 -15.81 -5.62
N ASP A 20 5.46 -15.87 -5.08
CA ASP A 20 6.33 -17.01 -5.32
C ASP A 20 7.58 -16.92 -4.42
N PRO A 21 7.53 -17.40 -3.15
CA PRO A 21 6.37 -18.03 -2.52
C PRO A 21 5.37 -17.03 -1.91
N GLU A 22 5.81 -15.78 -1.71
CA GLU A 22 4.94 -14.76 -1.13
C GLU A 22 5.08 -13.41 -1.86
N LEU A 23 4.37 -12.41 -1.37
CA LEU A 23 4.41 -11.06 -1.97
C LEU A 23 5.79 -10.44 -1.81
N GLY A 24 6.26 -10.34 -0.57
CA GLY A 24 7.59 -9.78 -0.31
C GLY A 24 7.55 -8.35 0.21
N PHE A 25 6.61 -8.04 1.08
CA PHE A 25 6.51 -6.69 1.65
C PHE A 25 5.51 -6.66 2.81
N SER A 26 5.68 -5.67 3.70
CA SER A 26 4.80 -5.52 4.87
C SER A 26 3.96 -4.25 4.77
N ILE A 27 2.81 -4.26 5.44
CA ILE A 27 1.90 -3.11 5.44
C ILE A 27 1.65 -2.59 6.86
N SER A 28 1.33 -1.30 6.97
CA SER A 28 1.05 -0.67 8.25
C SER A 28 -0.09 0.33 8.14
N GLY A 29 -0.78 0.57 9.26
CA GLY A 29 -1.89 1.51 9.27
C GLY A 29 -3.24 0.86 9.55
N GLY A 30 -4.31 1.54 9.14
CA GLY A 30 -5.65 1.02 9.35
C GLY A 30 -6.62 2.10 9.81
N VAL A 31 -7.43 1.77 10.82
CA VAL A 31 -8.39 2.71 11.37
C VAL A 31 -8.47 2.54 12.89
N GLY A 32 -7.46 3.04 13.58
CA GLY A 32 -7.39 2.94 15.02
C GLY A 32 -6.62 1.71 15.50
N GLY A 33 -5.85 1.06 14.60
CA GLY A 33 -5.08 -0.10 14.97
C GLY A 33 -3.71 0.26 15.52
N ARG A 34 -2.71 -0.59 15.26
CA ARG A 34 -1.36 -0.38 15.74
C ARG A 34 -0.79 0.97 15.30
N GLY A 35 -1.31 1.52 14.20
CA GLY A 35 -0.83 2.80 13.71
C GLY A 35 0.46 2.68 12.92
N ASN A 36 0.92 3.79 12.36
CA ASN A 36 2.15 3.82 11.58
C ASN A 36 2.96 5.09 11.88
N PRO A 37 4.31 5.03 11.86
CA PRO A 37 5.14 6.19 12.15
C PRO A 37 5.53 6.99 10.90
N PHE A 38 4.67 6.98 9.89
CA PHE A 38 4.92 7.72 8.65
C PHE A 38 4.04 8.95 8.57
N ARG A 39 2.71 8.73 8.66
CA ARG A 39 1.75 9.83 8.59
C ARG A 39 1.05 9.99 9.95
N PRO A 40 0.82 11.25 10.42
CA PRO A 40 0.17 11.47 11.71
C PRO A 40 -1.36 11.52 11.64
N ASP A 41 -1.88 12.32 10.71
CA ASP A 41 -3.34 12.44 10.56
C ASP A 41 -3.92 11.51 9.49
N ASP A 42 -3.07 10.84 8.72
CA ASP A 42 -3.55 9.94 7.67
C ASP A 42 -3.72 8.53 8.21
N ASP A 43 -4.96 8.05 8.26
CA ASP A 43 -5.25 6.71 8.77
C ASP A 43 -5.45 5.72 7.62
N GLY A 44 -4.45 5.63 6.75
CA GLY A 44 -4.50 4.71 5.62
C GLY A 44 -3.49 3.59 5.73
N ILE A 45 -3.23 2.91 4.61
CA ILE A 45 -2.27 1.80 4.59
C ILE A 45 -1.02 2.20 3.82
N PHE A 46 0.16 1.91 4.38
CA PHE A 46 1.43 2.25 3.75
C PHE A 46 2.37 1.04 3.73
N VAL A 47 3.25 0.99 2.73
CA VAL A 47 4.20 -0.12 2.61
C VAL A 47 5.51 0.22 3.33
N THR A 48 5.49 0.05 4.66
CA THR A 48 6.65 0.36 5.54
C THR A 48 8.03 0.03 4.92
N ARG A 49 8.23 -1.21 4.46
CA ARG A 49 9.52 -1.59 3.89
C ARG A 49 9.43 -2.83 3.00
N VAL A 50 10.56 -3.23 2.43
CA VAL A 50 10.64 -4.41 1.56
C VAL A 50 11.88 -5.23 1.88
N GLN A 51 11.80 -6.55 1.70
CA GLN A 51 12.94 -7.44 1.98
C GLN A 51 13.60 -7.92 0.68
N PRO A 52 12.94 -8.77 -0.15
CA PRO A 52 13.53 -9.25 -1.40
C PRO A 52 13.44 -8.20 -2.51
N GLU A 53 14.61 -7.76 -3.00
CA GLU A 53 14.65 -6.75 -4.05
C GLU A 53 14.29 -7.35 -5.41
N GLY A 54 13.03 -7.76 -5.55
CA GLY A 54 12.57 -8.35 -6.80
C GLY A 54 11.06 -8.24 -7.01
N PRO A 55 10.22 -8.96 -6.22
CA PRO A 55 8.76 -8.91 -6.39
C PRO A 55 8.18 -7.50 -6.19
N ALA A 56 8.08 -7.05 -4.94
CA ALA A 56 7.52 -5.73 -4.64
C ALA A 56 8.61 -4.72 -4.29
N SER A 57 9.67 -4.70 -5.08
CA SER A 57 10.78 -3.77 -4.87
C SER A 57 10.86 -2.79 -6.02
N LYS A 58 11.16 -3.31 -7.21
CA LYS A 58 11.26 -2.49 -8.41
C LYS A 58 9.91 -1.83 -8.74
N LEU A 59 8.81 -2.39 -8.23
CA LEU A 59 7.48 -1.85 -8.50
C LEU A 59 6.99 -0.95 -7.37
N LEU A 60 6.98 -1.48 -6.15
CA LEU A 60 6.53 -0.72 -4.99
C LEU A 60 7.70 -0.04 -4.27
N GLN A 61 7.43 1.14 -3.70
CA GLN A 61 8.46 1.89 -2.97
C GLN A 61 8.03 2.08 -1.51
N PRO A 62 8.99 2.03 -0.53
CA PRO A 62 8.65 2.17 0.89
C PRO A 62 8.05 3.54 1.25
N GLY A 63 6.94 3.50 1.99
CA GLY A 63 6.28 4.73 2.42
C GLY A 63 5.15 5.17 1.50
N ASP A 64 4.65 4.27 0.67
CA ASP A 64 3.58 4.61 -0.26
C ASP A 64 2.20 4.49 0.40
N LYS A 65 1.15 4.62 -0.40
CA LYS A 65 -0.23 4.52 0.11
C LYS A 65 -1.09 3.64 -0.80
N ILE A 66 -1.66 2.59 -0.23
CA ILE A 66 -2.51 1.66 -0.99
C ILE A 66 -3.97 2.11 -0.97
N ILE A 67 -4.51 2.43 -2.13
CA ILE A 67 -5.90 2.88 -2.25
C ILE A 67 -6.86 1.75 -2.59
N GLN A 68 -6.42 0.82 -3.44
CA GLN A 68 -7.27 -0.30 -3.85
C GLN A 68 -6.46 -1.54 -4.22
N ALA A 69 -7.06 -2.71 -4.01
CA ALA A 69 -6.41 -3.98 -4.32
C ALA A 69 -7.39 -4.94 -5.01
N ASN A 70 -7.07 -5.35 -6.24
CA ASN A 70 -7.91 -6.29 -7.02
C ASN A 70 -9.41 -5.98 -6.94
N GLY A 71 -9.75 -4.70 -6.75
CA GLY A 71 -11.14 -4.31 -6.66
C GLY A 71 -11.65 -4.13 -5.23
N TYR A 72 -10.77 -4.24 -4.23
CA TYR A 72 -11.17 -4.06 -2.84
C TYR A 72 -10.61 -2.75 -2.30
N SER A 73 -11.50 -1.88 -1.84
CA SER A 73 -11.09 -0.58 -1.31
C SER A 73 -10.32 -0.73 0.00
N PHE A 74 -9.09 -0.25 0.01
CA PHE A 74 -8.25 -0.33 1.20
C PHE A 74 -8.23 1.00 1.99
N ILE A 75 -9.17 1.91 1.71
CA ILE A 75 -9.23 3.18 2.41
C ILE A 75 -10.15 3.10 3.63
N ASN A 76 -9.60 3.43 4.81
CA ASN A 76 -10.37 3.37 6.05
C ASN A 76 -10.84 1.95 6.34
N ILE A 77 -9.91 1.09 6.74
CA ILE A 77 -10.23 -0.29 7.05
C ILE A 77 -9.30 -0.82 8.14
N GLU A 78 -9.71 -1.91 8.78
CA GLU A 78 -8.92 -2.50 9.84
C GLU A 78 -7.70 -3.23 9.28
N HIS A 79 -6.56 -3.09 9.97
CA HIS A 79 -5.29 -3.73 9.54
C HIS A 79 -5.47 -5.22 9.19
N GLY A 80 -6.11 -5.97 10.10
CA GLY A 80 -6.33 -7.39 9.87
C GLY A 80 -7.07 -7.68 8.58
N GLN A 81 -7.90 -6.73 8.14
CA GLN A 81 -8.67 -6.87 6.91
C GLN A 81 -7.76 -6.71 5.70
N ALA A 82 -6.85 -5.75 5.78
CA ALA A 82 -5.92 -5.49 4.69
C ALA A 82 -4.99 -6.68 4.47
N VAL A 83 -4.60 -7.34 5.56
CA VAL A 83 -3.72 -8.50 5.49
C VAL A 83 -4.48 -9.72 4.99
N SER A 84 -5.71 -9.89 5.47
CA SER A 84 -6.54 -11.02 5.09
C SER A 84 -6.80 -11.02 3.58
N LEU A 85 -7.15 -9.85 3.04
CA LEU A 85 -7.44 -9.72 1.62
C LEU A 85 -6.20 -9.96 0.77
N LEU A 86 -5.08 -9.40 1.18
CA LEU A 86 -3.83 -9.53 0.44
C LEU A 86 -3.30 -10.97 0.46
N LYS A 87 -3.49 -11.64 1.59
CA LYS A 87 -3.00 -13.02 1.74
C LYS A 87 -3.86 -14.03 0.99
N THR A 88 -5.17 -13.83 1.00
CA THR A 88 -6.09 -14.76 0.34
C THR A 88 -6.01 -14.71 -1.18
N PHE A 89 -5.58 -13.57 -1.74
CA PHE A 89 -5.48 -13.39 -3.20
C PHE A 89 -4.79 -14.57 -3.91
N GLN A 90 -4.81 -14.52 -5.24
CA GLN A 90 -4.20 -15.55 -6.07
C GLN A 90 -2.67 -15.34 -6.18
N ASN A 91 -2.06 -15.66 -7.33
CA ASN A 91 -0.61 -15.49 -7.50
C ASN A 91 -0.28 -14.03 -7.79
N THR A 92 -0.71 -13.55 -8.96
CA THR A 92 -0.47 -12.17 -9.36
C THR A 92 -1.41 -11.23 -8.63
N VAL A 93 -0.85 -10.21 -7.97
CA VAL A 93 -1.63 -9.24 -7.23
C VAL A 93 -1.43 -7.83 -7.78
N GLU A 94 -2.51 -7.19 -8.18
CA GLU A 94 -2.45 -5.83 -8.73
C GLU A 94 -2.85 -4.81 -7.66
N LEU A 95 -1.86 -4.09 -7.15
CA LEU A 95 -2.09 -3.08 -6.12
C LEU A 95 -2.12 -1.67 -6.72
N ILE A 96 -2.90 -0.79 -6.09
CA ILE A 96 -3.00 0.60 -6.52
C ILE A 96 -2.29 1.49 -5.50
N ILE A 97 -1.34 2.30 -5.98
CA ILE A 97 -0.58 3.18 -5.10
C ILE A 97 -0.58 4.62 -5.63
N VAL A 98 -0.20 5.56 -4.78
CA VAL A 98 -0.16 6.97 -5.17
C VAL A 98 0.92 7.73 -4.41
N ARG A 99 1.40 8.83 -5.01
CA ARG A 99 2.39 9.68 -4.39
C ARG A 99 1.72 11.00 -3.99
N GLU A 100 1.61 11.25 -2.68
CA GLU A 100 0.95 12.45 -2.17
C GLU A 100 1.57 13.73 -2.74
N VAL A 101 0.72 14.66 -3.14
CA VAL A 101 1.16 15.94 -3.69
C VAL A 101 0.19 17.06 -3.31
N SER A 102 0.66 18.02 -2.52
CA SER A 102 -0.17 19.14 -2.10
C SER A 102 0.13 20.38 -2.92
N SER A 103 -0.52 20.49 -4.09
CA SER A 103 -0.32 21.62 -4.98
C SER A 103 -1.44 21.71 -6.01
N THR B 1 7.41 -2.13 18.23
CA THR B 1 7.81 -3.52 18.55
C THR B 1 6.93 -4.54 17.83
N GLY B 2 7.26 -4.82 16.57
CA GLY B 2 6.49 -5.77 15.78
C GLY B 2 5.11 -5.27 15.44
N TRP B 3 5.03 -4.03 14.97
CA TRP B 3 3.74 -3.44 14.60
C TRP B 3 3.44 -3.69 13.12
N GLU B 4 4.47 -3.83 12.30
CA GLU B 4 4.29 -4.09 10.87
C GLU B 4 3.93 -5.55 10.63
N THR B 5 3.32 -5.83 9.48
CA THR B 5 2.92 -7.19 9.14
C THR B 5 3.34 -7.53 7.71
N TRP B 6 4.14 -8.59 7.58
CA TRP B 6 4.62 -9.02 6.26
C TRP B 6 3.61 -9.94 5.60
N VAL B 7 3.09 -9.51 4.44
CA VAL B 7 2.13 -10.30 3.70
C VAL B 7 2.81 -11.22 2.68
N GLY A 1 -0.50 20.55 -24.21
CA GLY A 1 -1.50 19.98 -23.27
C GLY A 1 -2.84 20.67 -23.35
N SER A 2 -3.91 19.89 -23.27
CA SER A 2 -5.26 20.44 -23.34
C SER A 2 -6.28 19.46 -22.75
N HIS A 3 -5.85 18.71 -21.74
CA HIS A 3 -6.73 17.75 -21.08
C HIS A 3 -7.41 18.37 -19.86
N MET A 4 -8.64 17.96 -19.62
CA MET A 4 -9.40 18.48 -18.49
C MET A 4 -9.28 17.57 -17.27
N GLY A 5 -9.38 18.15 -16.09
CA GLY A 5 -9.28 17.39 -14.86
C GLY A 5 -7.87 16.88 -14.60
N HIS A 6 -7.01 17.74 -14.09
CA HIS A 6 -5.63 17.36 -13.78
C HIS A 6 -4.97 18.41 -12.90
N GLU A 7 -5.76 19.03 -12.01
CA GLU A 7 -5.25 20.03 -11.10
C GLU A 7 -4.97 19.42 -9.72
N LEU A 8 -4.06 18.45 -9.70
CA LEU A 8 -3.70 17.78 -8.45
C LEU A 8 -2.23 17.34 -8.48
N ALA A 9 -1.54 17.56 -7.38
CA ALA A 9 -0.13 17.18 -7.27
C ALA A 9 0.01 15.79 -6.69
N LYS A 10 -0.27 14.77 -7.51
CA LYS A 10 -0.19 13.38 -7.08
C LYS A 10 0.32 12.50 -8.22
N GLN A 11 0.41 11.19 -7.96
CA GLN A 11 0.88 10.24 -8.96
C GLN A 11 0.23 8.88 -8.77
N GLU A 12 -0.80 8.60 -9.58
CA GLU A 12 -1.52 7.33 -9.50
C GLU A 12 -0.88 6.29 -10.41
N ILE A 13 -0.40 5.19 -9.82
CA ILE A 13 0.23 4.11 -10.58
C ILE A 13 -0.18 2.74 -10.05
N ARG A 14 -0.11 1.73 -10.93
CA ARG A 14 -0.48 0.36 -10.56
C ARG A 14 0.77 -0.53 -10.41
N VAL A 15 0.57 -1.71 -9.83
CA VAL A 15 1.66 -2.67 -9.64
C VAL A 15 1.15 -4.10 -9.74
N ARG A 16 2.04 -5.02 -10.12
CA ARG A 16 1.68 -6.43 -10.26
C ARG A 16 2.69 -7.30 -9.49
N VAL A 17 2.20 -8.05 -8.50
CA VAL A 17 3.06 -8.91 -7.70
C VAL A 17 2.55 -10.35 -7.68
N GLU A 18 3.46 -11.28 -7.95
CA GLU A 18 3.12 -12.70 -7.96
C GLU A 18 3.56 -13.36 -6.65
N LYS A 19 2.80 -14.34 -6.18
CA LYS A 19 3.12 -15.03 -4.94
C LYS A 19 4.09 -16.18 -5.20
N ASP A 20 5.37 -15.84 -5.41
CA ASP A 20 6.38 -16.86 -5.69
C ASP A 20 7.71 -16.54 -4.99
N PRO A 21 7.90 -16.93 -3.70
CA PRO A 21 6.92 -17.67 -2.87
C PRO A 21 5.86 -16.77 -2.24
N GLU A 22 6.24 -15.52 -1.93
CA GLU A 22 5.31 -14.57 -1.32
C GLU A 22 5.44 -13.17 -1.94
N LEU A 23 4.66 -12.23 -1.43
CA LEU A 23 4.69 -10.85 -1.93
C LEU A 23 6.07 -10.23 -1.72
N GLY A 24 6.48 -10.13 -0.46
CA GLY A 24 7.79 -9.56 -0.15
C GLY A 24 7.74 -8.14 0.38
N PHE A 25 6.71 -7.81 1.14
CA PHE A 25 6.57 -6.46 1.70
C PHE A 25 5.55 -6.43 2.83
N SER A 26 5.82 -5.59 3.83
CA SER A 26 4.94 -5.46 4.99
C SER A 26 4.03 -4.24 4.87
N ILE A 27 2.85 -4.31 5.46
CA ILE A 27 1.89 -3.20 5.42
C ILE A 27 1.61 -2.68 6.83
N SER A 28 1.35 -1.38 6.95
CA SER A 28 1.07 -0.78 8.24
C SER A 28 -0.07 0.22 8.16
N GLY A 29 -0.75 0.43 9.27
CA GLY A 29 -1.86 1.38 9.32
C GLY A 29 -3.21 0.73 9.55
N GLY A 30 -4.27 1.44 9.17
CA GLY A 30 -5.61 0.93 9.35
C GLY A 30 -6.37 1.70 10.43
N VAL A 31 -7.69 1.72 10.32
CA VAL A 31 -8.52 2.44 11.30
C VAL A 31 -8.64 1.63 12.59
N GLY A 32 -7.82 1.97 13.57
CA GLY A 32 -7.81 1.27 14.84
C GLY A 32 -6.75 0.18 14.92
N GLY A 33 -5.82 0.14 13.96
CA GLY A 33 -4.77 -0.87 13.97
C GLY A 33 -3.56 -0.43 14.77
N ARG A 34 -2.42 -1.06 14.48
CA ARG A 34 -1.17 -0.76 15.18
C ARG A 34 -0.77 0.71 15.04
N GLY A 35 -1.16 1.35 13.93
CA GLY A 35 -0.81 2.75 13.71
C GLY A 35 0.06 2.93 12.46
N ASN A 36 0.65 4.12 12.33
CA ASN A 36 1.51 4.43 11.18
C ASN A 36 2.66 5.35 11.60
N PRO A 37 3.93 4.99 11.31
CA PRO A 37 5.07 5.82 11.67
C PRO A 37 5.49 6.76 10.55
N PHE A 38 4.55 7.11 9.66
CA PHE A 38 4.82 8.02 8.55
C PHE A 38 3.85 9.20 8.57
N ARG A 39 2.56 8.89 8.68
CA ARG A 39 1.52 9.93 8.72
C ARG A 39 0.83 9.93 10.08
N PRO A 40 0.66 11.11 10.73
CA PRO A 40 0.02 11.19 12.04
C PRO A 40 -1.51 11.29 11.95
N ASP A 41 -2.00 12.13 11.05
CA ASP A 41 -3.45 12.32 10.88
C ASP A 41 -4.06 11.34 9.86
N ASP A 42 -3.24 10.52 9.19
CA ASP A 42 -3.75 9.57 8.21
C ASP A 42 -3.64 8.14 8.73
N ASP A 43 -4.74 7.41 8.75
CA ASP A 43 -4.76 6.03 9.24
C ASP A 43 -4.97 5.03 8.11
N GLY A 44 -4.49 5.37 6.91
CA GLY A 44 -4.63 4.48 5.77
C GLY A 44 -3.66 3.32 5.83
N ILE A 45 -3.19 2.86 4.66
CA ILE A 45 -2.22 1.76 4.61
C ILE A 45 -0.97 2.18 3.83
N PHE A 46 0.20 1.84 4.37
CA PHE A 46 1.46 2.21 3.73
C PHE A 46 2.41 1.01 3.68
N VAL A 47 3.29 0.99 2.69
CA VAL A 47 4.25 -0.09 2.51
C VAL A 47 5.61 0.29 3.12
N THR A 48 5.67 0.27 4.46
CA THR A 48 6.88 0.63 5.24
C THR A 48 8.22 0.31 4.56
N ARG A 49 8.42 -0.95 4.11
CA ARG A 49 9.68 -1.33 3.47
C ARG A 49 9.53 -2.61 2.64
N VAL A 50 10.65 -3.03 2.04
CA VAL A 50 10.68 -4.24 1.21
C VAL A 50 11.90 -5.09 1.56
N GLN A 51 11.79 -6.41 1.39
CA GLN A 51 12.90 -7.32 1.67
C GLN A 51 13.57 -7.83 0.39
N PRO A 52 12.89 -8.66 -0.43
CA PRO A 52 13.48 -9.18 -1.67
C PRO A 52 13.43 -8.16 -2.80
N GLU A 53 14.59 -7.78 -3.31
CA GLU A 53 14.67 -6.81 -4.39
C GLU A 53 14.26 -7.45 -5.73
N GLY A 54 12.98 -7.79 -5.85
CA GLY A 54 12.49 -8.41 -7.08
C GLY A 54 10.98 -8.32 -7.25
N PRO A 55 10.17 -9.01 -6.40
CA PRO A 55 8.70 -8.99 -6.52
C PRO A 55 8.10 -7.57 -6.44
N ALA A 56 8.01 -7.01 -5.24
CA ALA A 56 7.45 -5.68 -5.05
C ALA A 56 8.50 -4.70 -4.54
N SER A 57 9.63 -4.65 -5.23
CA SER A 57 10.73 -3.76 -4.86
C SER A 57 10.92 -2.69 -5.93
N LYS A 58 11.28 -3.13 -7.13
CA LYS A 58 11.48 -2.19 -8.23
C LYS A 58 10.16 -1.52 -8.65
N LEU A 59 9.01 -2.06 -8.20
CA LEU A 59 7.72 -1.48 -8.55
C LEU A 59 7.22 -0.53 -7.45
N LEU A 60 7.15 -1.06 -6.23
CA LEU A 60 6.69 -0.28 -5.08
C LEU A 60 7.86 0.41 -4.37
N GLN A 61 7.59 1.60 -3.82
CA GLN A 61 8.60 2.36 -3.07
C GLN A 61 8.15 2.54 -1.62
N PRO A 62 9.07 2.37 -0.62
CA PRO A 62 8.71 2.51 0.81
C PRO A 62 8.05 3.85 1.16
N GLY A 63 6.93 3.77 1.87
CA GLY A 63 6.22 4.96 2.30
C GLY A 63 5.05 5.34 1.39
N ASP A 64 4.61 4.41 0.54
CA ASP A 64 3.51 4.68 -0.38
C ASP A 64 2.15 4.54 0.31
N LYS A 65 1.08 4.53 -0.48
CA LYS A 65 -0.27 4.39 0.06
C LYS A 65 -1.11 3.48 -0.84
N ILE A 66 -1.67 2.43 -0.25
CA ILE A 66 -2.49 1.48 -1.00
C ILE A 66 -3.94 1.93 -1.03
N ILE A 67 -4.44 2.24 -2.23
CA ILE A 67 -5.80 2.70 -2.40
C ILE A 67 -6.76 1.57 -2.74
N GLN A 68 -6.31 0.62 -3.56
CA GLN A 68 -7.16 -0.51 -3.97
C GLN A 68 -6.34 -1.75 -4.28
N ALA A 69 -6.97 -2.91 -4.06
CA ALA A 69 -6.33 -4.20 -4.31
C ALA A 69 -7.34 -5.23 -4.81
N ASN A 70 -7.07 -5.82 -5.98
CA ASN A 70 -7.93 -6.85 -6.58
C ASN A 70 -9.44 -6.50 -6.52
N GLY A 71 -9.75 -5.21 -6.58
CA GLY A 71 -11.15 -4.78 -6.54
C GLY A 71 -11.62 -4.34 -5.16
N TYR A 72 -10.78 -4.50 -4.12
CA TYR A 72 -11.15 -4.11 -2.77
C TYR A 72 -10.50 -2.78 -2.40
N SER A 73 -11.32 -1.80 -2.01
CA SER A 73 -10.82 -0.49 -1.64
C SER A 73 -10.12 -0.55 -0.28
N PHE A 74 -8.88 -0.06 -0.24
CA PHE A 74 -8.09 -0.06 0.99
C PHE A 74 -8.10 1.31 1.70
N ILE A 75 -8.91 2.27 1.21
CA ILE A 75 -8.97 3.59 1.84
C ILE A 75 -9.93 3.59 3.03
N ASN A 76 -9.42 3.90 4.22
CA ASN A 76 -10.24 3.92 5.43
C ASN A 76 -10.78 2.53 5.75
N ILE A 77 -9.91 1.67 6.29
CA ILE A 77 -10.29 0.31 6.64
C ILE A 77 -9.46 -0.19 7.82
N GLU A 78 -9.91 -1.28 8.44
CA GLU A 78 -9.20 -1.85 9.58
C GLU A 78 -7.99 -2.69 9.13
N HIS A 79 -6.97 -2.70 9.96
CA HIS A 79 -5.73 -3.44 9.68
C HIS A 79 -5.99 -4.91 9.34
N GLY A 80 -6.70 -5.61 10.22
CA GLY A 80 -7.01 -7.01 10.01
C GLY A 80 -7.71 -7.28 8.69
N GLN A 81 -8.43 -6.29 8.20
CA GLN A 81 -9.14 -6.41 6.93
C GLN A 81 -8.17 -6.36 5.76
N ALA A 82 -7.17 -5.51 5.87
CA ALA A 82 -6.16 -5.36 4.82
C ALA A 82 -5.30 -6.61 4.68
N VAL A 83 -4.66 -7.01 5.78
CA VAL A 83 -3.79 -8.19 5.77
C VAL A 83 -4.54 -9.45 5.32
N SER A 84 -5.75 -9.64 5.83
CA SER A 84 -6.55 -10.80 5.47
C SER A 84 -6.84 -10.86 3.98
N LEU A 85 -7.11 -9.70 3.39
CA LEU A 85 -7.41 -9.63 1.95
C LEU A 85 -6.20 -9.98 1.10
N LEU A 86 -5.04 -9.46 1.46
CA LEU A 86 -3.82 -9.71 0.72
C LEU A 86 -3.38 -11.17 0.79
N LYS A 87 -3.48 -11.75 1.98
CA LYS A 87 -3.07 -13.15 2.18
C LYS A 87 -3.94 -14.11 1.39
N THR A 88 -5.25 -13.88 1.35
CA THR A 88 -6.17 -14.77 0.63
C THR A 88 -5.90 -14.79 -0.87
N PHE A 89 -5.27 -13.74 -1.40
CA PHE A 89 -4.98 -13.68 -2.84
C PHE A 89 -4.08 -14.84 -3.26
N GLN A 90 -4.48 -15.53 -4.33
CA GLN A 90 -3.74 -16.69 -4.81
C GLN A 90 -2.33 -16.31 -5.35
N ASN A 91 -2.11 -16.29 -6.67
CA ASN A 91 -0.78 -15.98 -7.22
C ASN A 91 -0.55 -14.48 -7.45
N THR A 92 -1.02 -13.95 -8.58
CA THR A 92 -0.82 -12.53 -8.90
C THR A 92 -1.68 -11.63 -8.01
N VAL A 93 -1.31 -10.35 -7.96
CA VAL A 93 -2.02 -9.38 -7.16
C VAL A 93 -1.89 -7.98 -7.76
N GLU A 94 -3.00 -7.44 -8.25
CA GLU A 94 -3.00 -6.10 -8.85
C GLU A 94 -3.25 -5.05 -7.78
N LEU A 95 -2.32 -4.11 -7.65
CA LEU A 95 -2.43 -3.06 -6.63
C LEU A 95 -2.42 -1.66 -7.23
N ILE A 96 -3.21 -0.78 -6.63
CA ILE A 96 -3.29 0.62 -7.06
C ILE A 96 -2.74 1.49 -5.93
N ILE A 97 -1.81 2.39 -6.26
CA ILE A 97 -1.20 3.24 -5.25
C ILE A 97 -1.11 4.70 -5.70
N VAL A 98 -0.71 5.57 -4.77
CA VAL A 98 -0.58 7.00 -5.05
C VAL A 98 0.58 7.60 -4.25
N ARG A 99 1.18 8.66 -4.78
CA ARG A 99 2.29 9.33 -4.11
C ARG A 99 1.97 10.81 -3.91
N GLU A 100 1.83 11.22 -2.65
CA GLU A 100 1.51 12.60 -2.32
C GLU A 100 2.65 13.53 -2.69
N VAL A 101 2.37 14.47 -3.60
CA VAL A 101 3.37 15.43 -4.05
C VAL A 101 3.03 16.83 -3.51
N SER A 102 3.93 17.37 -2.70
CA SER A 102 3.73 18.70 -2.11
C SER A 102 4.32 19.78 -3.01
N SER A 103 3.47 20.70 -3.44
CA SER A 103 3.91 21.80 -4.30
C SER A 103 3.03 23.03 -4.10
N THR B 1 5.43 -6.05 21.00
CA THR B 1 6.18 -5.37 19.91
C THR B 1 5.80 -5.94 18.55
N GLY B 2 6.05 -5.17 17.50
CA GLY B 2 5.73 -5.61 16.15
C GLY B 2 4.52 -4.89 15.59
N TRP B 3 4.75 -3.73 14.99
CA TRP B 3 3.66 -2.93 14.42
C TRP B 3 3.48 -3.24 12.93
N GLU B 4 4.58 -3.59 12.26
CA GLU B 4 4.52 -3.90 10.83
C GLU B 4 4.25 -5.39 10.59
N THR B 5 3.30 -5.68 9.71
CA THR B 5 2.95 -7.06 9.39
C THR B 5 3.42 -7.42 7.98
N TRP B 6 4.02 -8.59 7.84
CA TRP B 6 4.51 -9.04 6.54
C TRP B 6 3.51 -9.98 5.87
N VAL B 7 3.23 -9.71 4.60
CA VAL B 7 2.28 -10.53 3.83
C VAL B 7 3.01 -11.36 2.78
N GLY A 1 -8.90 31.38 0.01
CA GLY A 1 -8.77 31.15 -1.45
C GLY A 1 -9.71 30.07 -1.96
N SER A 2 -9.94 30.04 -3.27
CA SER A 2 -10.81 29.05 -3.88
C SER A 2 -10.15 28.43 -5.12
N HIS A 3 -8.91 28.00 -4.95
CA HIS A 3 -8.16 27.39 -6.04
C HIS A 3 -8.31 25.88 -6.03
N MET A 4 -8.25 25.26 -7.20
CA MET A 4 -8.38 23.81 -7.33
C MET A 4 -7.93 23.33 -8.69
N GLY A 5 -6.96 22.41 -8.71
CA GLY A 5 -6.45 21.87 -9.96
C GLY A 5 -5.08 22.41 -10.32
N HIS A 6 -4.80 23.65 -9.93
CA HIS A 6 -3.52 24.27 -10.23
C HIS A 6 -2.38 23.63 -9.42
N GLU A 7 -2.72 23.15 -8.22
CA GLU A 7 -1.73 22.51 -7.34
C GLU A 7 -2.06 21.02 -7.15
N LEU A 8 -1.85 20.24 -8.20
CA LEU A 8 -2.13 18.81 -8.14
C LEU A 8 -1.22 18.05 -9.12
N ALA A 9 -0.76 16.87 -8.70
CA ALA A 9 0.12 16.05 -9.55
C ALA A 9 0.27 14.64 -8.99
N LYS A 10 -0.81 14.09 -8.45
CA LYS A 10 -0.80 12.74 -7.90
C LYS A 10 -0.80 11.70 -9.00
N GLN A 11 0.27 10.91 -9.08
CA GLN A 11 0.40 9.88 -10.12
C GLN A 11 -0.04 8.50 -9.61
N GLU A 12 -1.19 8.04 -10.10
CA GLU A 12 -1.73 6.74 -9.69
C GLU A 12 -1.21 5.61 -10.57
N ILE A 13 -0.31 4.79 -10.01
CA ILE A 13 0.29 3.66 -10.75
C ILE A 13 -0.13 2.32 -10.15
N ARG A 14 -0.10 1.28 -10.99
CA ARG A 14 -0.49 -0.07 -10.58
C ARG A 14 0.73 -0.89 -10.13
N VAL A 15 0.45 -2.01 -9.46
CA VAL A 15 1.52 -2.89 -8.95
C VAL A 15 1.15 -4.37 -9.11
N ARG A 16 1.94 -5.10 -9.90
CA ARG A 16 1.71 -6.53 -10.11
C ARG A 16 2.72 -7.35 -9.32
N VAL A 17 2.26 -8.02 -8.26
CA VAL A 17 3.14 -8.82 -7.42
C VAL A 17 2.69 -10.28 -7.38
N GLU A 18 3.64 -11.20 -7.59
CA GLU A 18 3.35 -12.62 -7.55
C GLU A 18 3.58 -13.17 -6.15
N LYS A 19 3.05 -14.36 -5.89
CA LYS A 19 3.20 -14.99 -4.58
C LYS A 19 4.20 -16.15 -4.64
N ASP A 20 5.49 -15.82 -4.72
CA ASP A 20 6.54 -16.83 -4.80
C ASP A 20 7.77 -16.42 -3.97
N PRO A 21 7.81 -16.68 -2.64
CA PRO A 21 6.74 -17.36 -1.88
C PRO A 21 5.63 -16.41 -1.42
N GLU A 22 5.95 -15.12 -1.31
CA GLU A 22 4.98 -14.11 -0.88
C GLU A 22 5.12 -12.83 -1.70
N LEU A 23 4.45 -11.76 -1.27
CA LEU A 23 4.52 -10.48 -1.96
C LEU A 23 5.92 -9.90 -1.85
N GLY A 24 6.43 -9.85 -0.62
CA GLY A 24 7.77 -9.33 -0.39
C GLY A 24 7.77 -7.96 0.27
N PHE A 25 6.70 -7.62 0.99
CA PHE A 25 6.61 -6.34 1.67
C PHE A 25 5.56 -6.36 2.77
N SER A 26 5.75 -5.50 3.78
CA SER A 26 4.83 -5.41 4.91
C SER A 26 3.93 -4.18 4.79
N ILE A 27 2.76 -4.24 5.45
CA ILE A 27 1.81 -3.13 5.42
C ILE A 27 1.50 -2.64 6.83
N SER A 28 1.20 -1.35 6.95
CA SER A 28 0.88 -0.75 8.24
C SER A 28 -0.06 0.44 8.09
N GLY A 29 -0.59 0.93 9.21
CA GLY A 29 -1.47 2.09 9.18
C GLY A 29 -2.95 1.75 9.13
N GLY A 30 -3.31 0.53 9.56
CA GLY A 30 -4.71 0.13 9.55
C GLY A 30 -5.57 1.02 10.43
N VAL A 31 -6.85 1.13 10.09
CA VAL A 31 -7.77 1.97 10.86
C VAL A 31 -8.21 1.25 12.13
N GLY A 32 -7.68 1.71 13.27
CA GLY A 32 -8.00 1.09 14.54
C GLY A 32 -6.98 0.03 14.98
N GLY A 33 -6.00 -0.29 14.12
CA GLY A 33 -5.01 -1.29 14.46
C GLY A 33 -3.84 -0.73 15.24
N ARG A 34 -2.64 -1.20 14.93
CA ARG A 34 -1.42 -0.78 15.63
C ARG A 34 -0.96 0.61 15.21
N GLY A 35 -1.44 1.12 14.07
CA GLY A 35 -1.04 2.46 13.62
C GLY A 35 0.06 2.41 12.57
N ASN A 36 0.90 3.43 12.54
CA ASN A 36 1.99 3.50 11.57
C ASN A 36 3.00 4.59 11.95
N PRO A 37 4.33 4.29 11.93
CA PRO A 37 5.35 5.28 12.28
C PRO A 37 5.87 6.09 11.09
N PHE A 38 5.04 6.23 10.06
CA PHE A 38 5.42 7.00 8.86
C PHE A 38 4.61 8.29 8.77
N ARG A 39 3.29 8.16 8.79
CA ARG A 39 2.39 9.31 8.71
C ARG A 39 1.72 9.56 10.08
N PRO A 40 1.47 10.84 10.46
CA PRO A 40 0.87 11.15 11.75
C PRO A 40 -0.67 11.19 11.71
N ASP A 41 -1.22 11.97 10.78
CA ASP A 41 -2.67 12.11 10.67
C ASP A 41 -3.30 11.22 9.58
N ASP A 42 -2.47 10.48 8.82
CA ASP A 42 -2.99 9.61 7.77
C ASP A 42 -3.18 8.18 8.29
N ASP A 43 -4.42 7.70 8.28
CA ASP A 43 -4.74 6.37 8.77
C ASP A 43 -4.92 5.36 7.62
N GLY A 44 -4.12 5.52 6.57
CA GLY A 44 -4.20 4.61 5.43
C GLY A 44 -3.23 3.44 5.54
N ILE A 45 -3.06 2.71 4.44
CA ILE A 45 -2.13 1.57 4.43
C ILE A 45 -0.86 1.97 3.71
N PHE A 46 0.30 1.73 4.33
CA PHE A 46 1.59 2.10 3.71
C PHE A 46 2.56 0.92 3.73
N VAL A 47 3.43 0.86 2.72
CA VAL A 47 4.43 -0.21 2.61
C VAL A 47 5.73 0.15 3.35
N THR A 48 5.72 0.01 4.68
CA THR A 48 6.87 0.34 5.55
C THR A 48 8.25 -0.01 4.94
N ARG A 49 8.45 -1.25 4.50
CA ARG A 49 9.74 -1.65 3.92
C ARG A 49 9.63 -2.92 3.06
N VAL A 50 10.67 -3.18 2.27
CA VAL A 50 10.71 -4.34 1.38
C VAL A 50 11.94 -5.21 1.68
N GLN A 51 11.82 -6.52 1.48
CA GLN A 51 12.93 -7.43 1.72
C GLN A 51 13.63 -7.82 0.41
N PRO A 52 12.98 -8.60 -0.49
CA PRO A 52 13.60 -8.98 -1.77
C PRO A 52 13.51 -7.88 -2.82
N GLU A 53 14.66 -7.38 -3.26
CA GLU A 53 14.70 -6.33 -4.27
C GLU A 53 14.40 -6.89 -5.65
N GLY A 54 13.14 -7.28 -5.87
CA GLY A 54 12.74 -7.83 -7.15
C GLY A 54 11.23 -7.83 -7.37
N PRO A 55 10.43 -8.60 -6.59
CA PRO A 55 8.97 -8.67 -6.77
C PRO A 55 8.30 -7.29 -6.61
N ALA A 56 8.12 -6.83 -5.37
CA ALA A 56 7.49 -5.54 -5.11
C ALA A 56 8.53 -4.53 -4.62
N SER A 57 9.65 -4.47 -5.32
CA SER A 57 10.72 -3.56 -4.99
C SER A 57 10.71 -2.35 -5.92
N LYS A 58 10.89 -2.62 -7.21
CA LYS A 58 10.88 -1.56 -8.22
C LYS A 58 9.46 -1.01 -8.45
N LEU A 59 8.43 -1.61 -7.86
CA LEU A 59 7.06 -1.14 -8.05
C LEU A 59 6.62 -0.21 -6.93
N LEU A 60 6.63 -0.70 -5.69
CA LEU A 60 6.23 0.10 -4.54
C LEU A 60 7.43 0.75 -3.85
N GLN A 61 7.25 1.97 -3.35
CA GLN A 61 8.31 2.69 -2.64
C GLN A 61 7.97 2.84 -1.16
N PRO A 62 8.96 2.74 -0.24
CA PRO A 62 8.72 2.85 1.21
C PRO A 62 7.91 4.08 1.60
N GLY A 63 6.86 3.87 2.40
CA GLY A 63 6.03 4.97 2.86
C GLY A 63 4.98 5.40 1.86
N ASP A 64 4.57 4.49 0.97
CA ASP A 64 3.57 4.81 -0.04
C ASP A 64 2.16 4.58 0.51
N LYS A 65 1.16 4.67 -0.36
CA LYS A 65 -0.23 4.47 0.05
C LYS A 65 -1.03 3.68 -0.99
N ILE A 66 -1.70 2.62 -0.53
CA ILE A 66 -2.52 1.79 -1.40
C ILE A 66 -3.97 2.28 -1.37
N ILE A 67 -4.48 2.69 -2.54
CA ILE A 67 -5.84 3.20 -2.64
C ILE A 67 -6.84 2.11 -3.01
N GLN A 68 -6.41 1.13 -3.81
CA GLN A 68 -7.28 0.04 -4.23
C GLN A 68 -6.50 -1.26 -4.40
N ALA A 69 -7.17 -2.38 -4.15
CA ALA A 69 -6.55 -3.70 -4.26
C ALA A 69 -7.49 -4.71 -4.91
N ASN A 70 -7.12 -5.18 -6.10
CA ASN A 70 -7.92 -6.18 -6.85
C ASN A 70 -9.40 -5.80 -6.96
N GLY A 71 -9.69 -4.50 -6.95
CA GLY A 71 -11.07 -4.04 -7.06
C GLY A 71 -11.66 -3.62 -5.72
N TYR A 72 -11.10 -4.13 -4.63
CA TYR A 72 -11.61 -3.80 -3.29
C TYR A 72 -10.91 -2.56 -2.76
N SER A 73 -11.71 -1.59 -2.32
CA SER A 73 -11.16 -0.34 -1.78
C SER A 73 -10.41 -0.59 -0.49
N PHE A 74 -9.19 -0.06 -0.40
CA PHE A 74 -8.36 -0.23 0.78
C PHE A 74 -8.30 1.05 1.64
N ILE A 75 -9.30 1.93 1.48
CA ILE A 75 -9.33 3.19 2.24
C ILE A 75 -10.33 3.08 3.41
N ASN A 76 -9.94 3.66 4.55
CA ASN A 76 -10.76 3.64 5.78
C ASN A 76 -10.94 2.21 6.35
N ILE A 77 -10.18 1.23 5.84
CA ILE A 77 -10.32 -0.15 6.30
C ILE A 77 -9.41 -0.46 7.49
N GLU A 78 -9.81 -1.46 8.26
CA GLU A 78 -9.06 -1.88 9.44
C GLU A 78 -7.89 -2.78 9.04
N HIS A 79 -6.84 -2.79 9.86
CA HIS A 79 -5.63 -3.59 9.60
C HIS A 79 -5.97 -5.05 9.25
N GLY A 80 -6.71 -5.72 10.13
CA GLY A 80 -7.07 -7.12 9.90
C GLY A 80 -7.76 -7.36 8.57
N GLN A 81 -8.45 -6.34 8.08
CA GLN A 81 -9.15 -6.45 6.80
C GLN A 81 -8.15 -6.44 5.65
N ALA A 82 -7.15 -5.58 5.75
CA ALA A 82 -6.13 -5.46 4.71
C ALA A 82 -5.29 -6.73 4.59
N VAL A 83 -4.65 -7.11 5.69
CA VAL A 83 -3.79 -8.30 5.71
C VAL A 83 -4.56 -9.56 5.27
N SER A 84 -5.77 -9.71 5.77
CA SER A 84 -6.61 -10.86 5.43
C SER A 84 -6.89 -10.94 3.94
N LEU A 85 -7.21 -9.78 3.34
CA LEU A 85 -7.52 -9.73 1.91
C LEU A 85 -6.30 -10.08 1.06
N LEU A 86 -5.16 -9.48 1.38
CA LEU A 86 -3.94 -9.72 0.63
C LEU A 86 -3.48 -11.17 0.75
N LYS A 87 -3.56 -11.72 1.95
CA LYS A 87 -3.12 -13.10 2.20
C LYS A 87 -3.95 -14.13 1.44
N THR A 88 -5.26 -13.93 1.39
CA THR A 88 -6.15 -14.88 0.72
C THR A 88 -6.05 -14.84 -0.81
N PHE A 89 -5.62 -13.71 -1.38
CA PHE A 89 -5.52 -13.58 -2.84
C PHE A 89 -4.68 -14.70 -3.48
N GLN A 90 -4.95 -14.93 -4.78
CA GLN A 90 -4.26 -15.96 -5.55
C GLN A 90 -2.73 -15.72 -5.64
N ASN A 91 -2.08 -16.05 -6.77
CA ASN A 91 -0.63 -15.87 -6.90
C ASN A 91 -0.27 -14.42 -7.27
N THR A 92 -0.78 -13.96 -8.40
CA THR A 92 -0.50 -12.61 -8.86
C THR A 92 -1.53 -11.63 -8.26
N VAL A 93 -1.04 -10.49 -7.77
CA VAL A 93 -1.91 -9.49 -7.15
C VAL A 93 -1.70 -8.11 -7.77
N GLU A 94 -2.78 -7.52 -8.25
CA GLU A 94 -2.73 -6.18 -8.85
C GLU A 94 -3.22 -5.13 -7.85
N LEU A 95 -2.31 -4.23 -7.44
CA LEU A 95 -2.65 -3.19 -6.47
C LEU A 95 -2.60 -1.80 -7.09
N ILE A 96 -3.26 -0.85 -6.43
CA ILE A 96 -3.28 0.54 -6.89
C ILE A 96 -2.66 1.45 -5.83
N ILE A 97 -1.72 2.30 -6.26
CA ILE A 97 -1.05 3.22 -5.34
C ILE A 97 -0.96 4.63 -5.90
N VAL A 98 -0.63 5.61 -5.05
CA VAL A 98 -0.54 7.00 -5.47
C VAL A 98 0.59 7.74 -4.75
N ARG A 99 1.09 8.80 -5.39
CA ARG A 99 2.14 9.63 -4.82
C ARG A 99 1.59 11.01 -4.50
N GLU A 100 1.47 11.32 -3.21
CA GLU A 100 0.91 12.60 -2.77
C GLU A 100 1.85 13.76 -3.06
N VAL A 101 1.27 14.90 -3.44
CA VAL A 101 2.05 16.11 -3.72
C VAL A 101 1.23 17.36 -3.42
N SER A 102 1.60 18.07 -2.35
CA SER A 102 0.89 19.28 -1.96
C SER A 102 1.79 20.20 -1.13
N SER A 103 1.76 21.49 -1.44
CA SER A 103 2.57 22.46 -0.71
C SER A 103 1.82 23.01 0.49
N THR B 1 7.24 -8.12 13.24
CA THR B 1 6.98 -8.64 14.61
C THR B 1 6.72 -7.51 15.59
N GLY B 2 5.46 -7.08 15.67
CA GLY B 2 5.09 -6.00 16.57
C GLY B 2 3.94 -5.17 16.05
N TRP B 3 4.24 -4.29 15.08
CA TRP B 3 3.22 -3.42 14.50
C TRP B 3 3.01 -3.74 13.01
N GLU B 4 4.09 -3.75 12.25
CA GLU B 4 4.02 -4.04 10.82
C GLU B 4 3.81 -5.54 10.57
N THR B 5 3.02 -5.86 9.55
CA THR B 5 2.74 -7.25 9.19
C THR B 5 3.22 -7.56 7.78
N TRP B 6 3.96 -8.65 7.64
CA TRP B 6 4.49 -9.04 6.33
C TRP B 6 3.51 -9.96 5.61
N VAL B 7 2.83 -9.42 4.61
CA VAL B 7 1.86 -10.20 3.83
C VAL B 7 2.57 -11.15 2.88
N GLY A 1 -14.59 29.42 -19.13
CA GLY A 1 -15.52 28.26 -19.20
C GLY A 1 -14.80 26.95 -19.43
N SER A 2 -13.68 26.76 -18.72
CA SER A 2 -12.90 25.54 -18.84
C SER A 2 -13.26 24.54 -17.75
N HIS A 3 -12.82 23.31 -17.91
CA HIS A 3 -13.09 22.25 -16.94
C HIS A 3 -12.15 22.37 -15.75
N MET A 4 -12.72 22.33 -14.55
CA MET A 4 -11.93 22.43 -13.32
C MET A 4 -11.41 21.05 -12.89
N GLY A 5 -10.10 20.87 -12.99
CA GLY A 5 -9.49 19.60 -12.61
C GLY A 5 -8.64 19.72 -11.37
N HIS A 6 -7.32 19.65 -11.53
CA HIS A 6 -6.40 19.74 -10.41
C HIS A 6 -5.08 20.36 -10.85
N GLU A 7 -4.49 21.18 -9.99
CA GLU A 7 -3.21 21.83 -10.29
C GLU A 7 -2.10 21.27 -9.42
N LEU A 8 -2.16 19.97 -9.16
CA LEU A 8 -1.15 19.29 -8.33
C LEU A 8 -0.62 18.05 -9.03
N ALA A 9 0.35 17.39 -8.41
CA ALA A 9 0.95 16.19 -8.99
C ALA A 9 0.52 14.93 -8.24
N LYS A 10 -0.79 14.78 -8.03
CA LYS A 10 -1.33 13.61 -7.35
C LYS A 10 -1.86 12.60 -8.37
N GLN A 11 -1.12 11.50 -8.55
CA GLN A 11 -1.48 10.47 -9.52
C GLN A 11 -1.72 9.12 -8.83
N GLU A 12 -2.06 8.11 -9.64
CA GLU A 12 -2.30 6.77 -9.10
C GLU A 12 -1.86 5.70 -10.11
N ILE A 13 -0.79 4.99 -9.76
CA ILE A 13 -0.25 3.95 -10.63
C ILE A 13 -0.56 2.55 -10.09
N ARG A 14 -0.47 1.56 -10.98
CA ARG A 14 -0.76 0.18 -10.62
C ARG A 14 0.53 -0.65 -10.58
N VAL A 15 0.55 -1.69 -9.74
CA VAL A 15 1.70 -2.57 -9.62
C VAL A 15 1.26 -4.04 -9.54
N ARG A 16 1.98 -4.90 -10.26
CA ARG A 16 1.67 -6.33 -10.28
C ARG A 16 2.68 -7.12 -9.45
N VAL A 17 2.24 -7.67 -8.32
CA VAL A 17 3.10 -8.44 -7.44
C VAL A 17 2.80 -9.93 -7.56
N GLU A 18 3.78 -10.70 -8.03
CA GLU A 18 3.62 -12.13 -8.19
C GLU A 18 4.13 -12.88 -6.96
N LYS A 19 3.24 -13.58 -6.28
CA LYS A 19 3.60 -14.34 -5.08
C LYS A 19 4.42 -15.56 -5.44
N ASP A 20 5.58 -15.70 -4.80
CA ASP A 20 6.46 -16.84 -5.06
C ASP A 20 7.63 -16.85 -4.05
N PRO A 21 7.44 -17.40 -2.82
CA PRO A 21 6.20 -18.01 -2.32
C PRO A 21 5.20 -16.99 -1.71
N GLU A 22 5.64 -15.74 -1.52
CA GLU A 22 4.77 -14.72 -0.95
C GLU A 22 4.91 -13.39 -1.69
N LEU A 23 4.19 -12.37 -1.21
CA LEU A 23 4.23 -11.05 -1.83
C LEU A 23 5.64 -10.44 -1.75
N GLY A 24 6.17 -10.32 -0.53
CA GLY A 24 7.50 -9.77 -0.35
C GLY A 24 7.51 -8.33 0.13
N PHE A 25 6.48 -7.92 0.86
CA PHE A 25 6.41 -6.55 1.37
C PHE A 25 5.49 -6.48 2.58
N SER A 26 5.85 -5.61 3.53
CA SER A 26 5.06 -5.44 4.75
C SER A 26 4.13 -4.24 4.67
N ILE A 27 2.99 -4.33 5.35
CA ILE A 27 2.01 -3.25 5.38
C ILE A 27 1.77 -2.80 6.82
N SER A 28 1.48 -1.51 6.99
CA SER A 28 1.24 -0.97 8.32
C SER A 28 0.15 0.10 8.29
N GLY A 29 -0.39 0.42 9.46
CA GLY A 29 -1.43 1.43 9.56
C GLY A 29 -2.81 0.82 9.74
N GLY A 30 -3.83 1.49 9.17
CA GLY A 30 -5.19 1.00 9.30
C GLY A 30 -5.96 1.72 10.38
N VAL A 31 -7.28 1.72 10.26
CA VAL A 31 -8.14 2.39 11.24
C VAL A 31 -8.30 1.53 12.49
N GLY A 32 -7.55 1.90 13.54
CA GLY A 32 -7.61 1.16 14.79
C GLY A 32 -6.56 0.06 14.90
N GLY A 33 -5.69 -0.10 13.89
CA GLY A 33 -4.67 -1.14 13.93
C GLY A 33 -3.44 -0.73 14.74
N ARG A 34 -2.31 -1.34 14.42
CA ARG A 34 -1.06 -1.06 15.11
C ARG A 34 -0.62 0.40 14.90
N GLY A 35 -1.00 0.98 13.75
CA GLY A 35 -0.62 2.35 13.46
C GLY A 35 0.65 2.44 12.63
N ASN A 36 0.93 3.64 12.13
CA ASN A 36 2.13 3.86 11.31
C ASN A 36 2.80 5.18 11.70
N PRO A 37 4.16 5.22 11.77
CA PRO A 37 4.89 6.44 12.14
C PRO A 37 5.31 7.27 10.94
N PHE A 38 4.55 7.18 9.85
CA PHE A 38 4.86 7.94 8.64
C PHE A 38 3.96 9.17 8.53
N ARG A 39 2.65 8.95 8.59
CA ARG A 39 1.68 10.05 8.50
C ARG A 39 0.93 10.21 9.83
N PRO A 40 0.64 11.46 10.27
CA PRO A 40 -0.06 11.69 11.53
C PRO A 40 -1.59 11.68 11.40
N ASP A 41 -2.11 12.44 10.44
CA ASP A 41 -3.56 12.52 10.24
C ASP A 41 -4.09 11.43 9.30
N ASP A 42 -3.20 10.70 8.61
CA ASP A 42 -3.64 9.64 7.70
C ASP A 42 -3.46 8.26 8.34
N ASP A 43 -4.58 7.58 8.55
CA ASP A 43 -4.56 6.24 9.15
C ASP A 43 -4.80 5.16 8.08
N GLY A 44 -4.11 5.32 6.94
CA GLY A 44 -4.25 4.37 5.86
C GLY A 44 -3.22 3.25 5.92
N ILE A 45 -3.00 2.60 4.78
CA ILE A 45 -2.02 1.52 4.69
C ILE A 45 -0.79 1.97 3.92
N PHE A 46 0.40 1.70 4.47
CA PHE A 46 1.66 2.11 3.83
C PHE A 46 2.65 0.95 3.78
N VAL A 47 3.49 0.93 2.74
CA VAL A 47 4.49 -0.12 2.58
C VAL A 47 5.81 0.27 3.26
N THR A 48 5.81 0.20 4.60
CA THR A 48 6.98 0.57 5.44
C THR A 48 8.34 0.14 4.84
N ARG A 49 8.50 -1.14 4.48
CA ARG A 49 9.78 -1.61 3.92
C ARG A 49 9.59 -2.88 3.10
N VAL A 50 10.61 -3.18 2.28
CA VAL A 50 10.59 -4.37 1.43
C VAL A 50 11.79 -5.26 1.73
N GLN A 51 11.64 -6.57 1.56
CA GLN A 51 12.71 -7.51 1.83
C GLN A 51 13.37 -8.04 0.54
N PRO A 52 12.65 -8.84 -0.30
CA PRO A 52 13.24 -9.37 -1.54
C PRO A 52 13.29 -8.33 -2.65
N GLU A 53 14.49 -8.11 -3.18
CA GLU A 53 14.69 -7.13 -4.26
C GLU A 53 14.23 -7.71 -5.62
N GLY A 54 12.93 -8.00 -5.73
CA GLY A 54 12.41 -8.56 -6.97
C GLY A 54 10.91 -8.36 -7.15
N PRO A 55 10.05 -9.00 -6.31
CA PRO A 55 8.59 -8.88 -6.44
C PRO A 55 8.08 -7.43 -6.35
N ALA A 56 8.03 -6.89 -5.13
CA ALA A 56 7.54 -5.52 -4.92
C ALA A 56 8.62 -4.63 -4.30
N SER A 57 9.80 -4.64 -4.93
CA SER A 57 10.93 -3.82 -4.48
C SER A 57 11.29 -2.79 -5.54
N LYS A 58 11.65 -3.27 -6.71
CA LYS A 58 12.00 -2.39 -7.82
C LYS A 58 10.78 -1.63 -8.36
N LEU A 59 9.57 -1.99 -7.94
CA LEU A 59 8.36 -1.32 -8.40
C LEU A 59 7.83 -0.35 -7.36
N LEU A 60 7.65 -0.84 -6.13
CA LEU A 60 7.15 -0.01 -5.05
C LEU A 60 8.30 0.64 -4.27
N GLN A 61 7.98 1.74 -3.57
CA GLN A 61 8.97 2.45 -2.77
C GLN A 61 8.44 2.71 -1.37
N PRO A 62 9.31 2.63 -0.31
CA PRO A 62 8.87 2.86 1.08
C PRO A 62 8.06 4.15 1.27
N GLY A 63 6.89 4.02 1.88
CA GLY A 63 6.04 5.17 2.12
C GLY A 63 4.86 5.27 1.17
N ASP A 64 4.69 4.31 0.25
CA ASP A 64 3.59 4.35 -0.70
C ASP A 64 2.28 3.96 -0.04
N LYS A 65 1.21 4.65 -0.42
CA LYS A 65 -0.11 4.38 0.13
C LYS A 65 -0.92 3.47 -0.81
N ILE A 66 -1.49 2.39 -0.26
CA ILE A 66 -2.28 1.46 -1.05
C ILE A 66 -3.74 1.89 -1.08
N ILE A 67 -4.23 2.26 -2.27
CA ILE A 67 -5.61 2.72 -2.42
C ILE A 67 -6.59 1.58 -2.71
N GLN A 68 -6.22 0.67 -3.62
CA GLN A 68 -7.10 -0.43 -3.99
C GLN A 68 -6.34 -1.70 -4.37
N ALA A 69 -6.96 -2.84 -4.10
CA ALA A 69 -6.37 -4.13 -4.41
C ALA A 69 -7.40 -5.08 -5.02
N ASN A 70 -7.10 -5.56 -6.24
CA ASN A 70 -7.97 -6.50 -6.97
C ASN A 70 -9.46 -6.11 -6.93
N GLY A 71 -9.73 -4.81 -6.83
CA GLY A 71 -11.10 -4.34 -6.79
C GLY A 71 -11.59 -3.99 -5.38
N TYR A 72 -10.86 -4.40 -4.35
CA TYR A 72 -11.24 -4.10 -2.98
C TYR A 72 -10.67 -2.76 -2.53
N SER A 73 -11.52 -1.90 -2.02
CA SER A 73 -11.09 -0.58 -1.56
C SER A 73 -10.38 -0.67 -0.21
N PHE A 74 -9.17 -0.11 -0.14
CA PHE A 74 -8.39 -0.14 1.08
C PHE A 74 -8.44 1.20 1.83
N ILE A 75 -9.38 2.08 1.47
CA ILE A 75 -9.50 3.38 2.14
C ILE A 75 -10.47 3.29 3.32
N ASN A 76 -10.00 3.69 4.50
CA ASN A 76 -10.82 3.65 5.71
C ASN A 76 -11.24 2.22 6.04
N ILE A 77 -10.28 1.42 6.50
CA ILE A 77 -10.54 0.03 6.86
C ILE A 77 -9.62 -0.41 7.99
N GLU A 78 -9.95 -1.55 8.60
CA GLU A 78 -9.14 -2.08 9.69
C GLU A 78 -7.92 -2.83 9.15
N HIS A 79 -6.81 -2.75 9.89
CA HIS A 79 -5.55 -3.39 9.49
C HIS A 79 -5.75 -4.89 9.19
N GLY A 80 -6.36 -5.61 10.13
CA GLY A 80 -6.60 -7.03 9.95
C GLY A 80 -7.38 -7.35 8.69
N GLN A 81 -8.20 -6.40 8.25
CA GLN A 81 -9.01 -6.58 7.04
C GLN A 81 -8.12 -6.51 5.80
N ALA A 82 -7.17 -5.58 5.83
CA ALA A 82 -6.25 -5.40 4.71
C ALA A 82 -5.34 -6.61 4.53
N VAL A 83 -4.95 -7.20 5.65
CA VAL A 83 -4.07 -8.38 5.62
C VAL A 83 -4.83 -9.61 5.15
N SER A 84 -6.05 -9.79 5.68
CA SER A 84 -6.89 -10.93 5.32
C SER A 84 -7.13 -10.99 3.81
N LEU A 85 -7.30 -9.81 3.20
CA LEU A 85 -7.51 -9.73 1.76
C LEU A 85 -6.22 -10.05 1.02
N LEU A 86 -5.10 -9.57 1.55
CA LEU A 86 -3.79 -9.83 0.94
C LEU A 86 -3.25 -11.23 1.23
N LYS A 87 -3.97 -12.02 2.04
CA LYS A 87 -3.55 -13.38 2.33
C LYS A 87 -4.30 -14.38 1.45
N THR A 88 -5.59 -14.12 1.28
CA THR A 88 -6.46 -15.00 0.50
C THR A 88 -6.24 -14.90 -1.01
N PHE A 89 -5.70 -13.78 -1.48
CA PHE A 89 -5.47 -13.57 -2.94
C PHE A 89 -4.76 -14.75 -3.60
N GLN A 90 -4.68 -14.70 -4.93
CA GLN A 90 -4.04 -15.75 -5.72
C GLN A 90 -2.51 -15.50 -5.86
N ASN A 91 -1.91 -15.81 -7.02
CA ASN A 91 -0.48 -15.60 -7.21
C ASN A 91 -0.17 -14.13 -7.47
N THR A 92 -0.59 -13.62 -8.62
CA THR A 92 -0.36 -12.23 -8.98
C THR A 92 -1.41 -11.32 -8.32
N VAL A 93 -0.94 -10.22 -7.74
CA VAL A 93 -1.83 -9.27 -7.07
C VAL A 93 -1.73 -7.88 -7.70
N GLU A 94 -2.87 -7.35 -8.12
CA GLU A 94 -2.92 -6.03 -8.72
C GLU A 94 -3.14 -4.97 -7.65
N LEU A 95 -2.15 -4.10 -7.46
CA LEU A 95 -2.22 -3.05 -6.44
C LEU A 95 -2.16 -1.66 -7.06
N ILE A 96 -2.84 -0.71 -6.41
CA ILE A 96 -2.84 0.68 -6.84
C ILE A 96 -2.26 1.57 -5.73
N ILE A 97 -1.35 2.46 -6.10
CA ILE A 97 -0.72 3.34 -5.12
C ILE A 97 -0.74 4.80 -5.58
N VAL A 98 -0.40 5.70 -4.66
CA VAL A 98 -0.40 7.14 -4.96
C VAL A 98 0.90 7.79 -4.46
N ARG A 99 1.39 8.75 -5.23
CA ARG A 99 2.61 9.49 -4.87
C ARG A 99 2.24 10.95 -4.58
N GLU A 100 2.17 11.30 -3.31
CA GLU A 100 1.81 12.65 -2.91
C GLU A 100 3.00 13.60 -2.97
N VAL A 101 2.78 14.78 -3.57
CA VAL A 101 3.84 15.77 -3.69
C VAL A 101 3.75 16.79 -2.54
N SER A 102 4.67 17.75 -2.53
CA SER A 102 4.69 18.78 -1.49
C SER A 102 3.40 19.58 -1.49
N SER A 103 2.61 19.44 -0.43
CA SER A 103 1.35 20.15 -0.31
C SER A 103 0.94 20.27 1.16
N THR B 1 9.33 -0.71 16.14
CA THR B 1 9.61 -1.63 15.02
C THR B 1 8.61 -2.77 14.95
N GLY B 2 8.07 -3.15 16.11
CA GLY B 2 7.10 -4.24 16.16
C GLY B 2 5.69 -3.77 15.85
N TRP B 3 5.49 -3.23 14.64
CA TRP B 3 4.17 -2.76 14.22
C TRP B 3 3.93 -2.98 12.73
N GLU B 4 4.73 -3.83 12.07
CA GLU B 4 4.57 -4.09 10.64
C GLU B 4 4.17 -5.56 10.40
N THR B 5 3.18 -5.75 9.53
CA THR B 5 2.71 -7.10 9.20
C THR B 5 3.20 -7.52 7.83
N TRP B 6 3.90 -8.65 7.77
CA TRP B 6 4.42 -9.16 6.51
C TRP B 6 3.41 -10.07 5.83
N VAL B 7 2.88 -9.61 4.70
CA VAL B 7 1.90 -10.38 3.95
C VAL B 7 2.59 -11.32 2.94
#